data_7GAA
# 
_entry.id   7GAA 
# 
_audit_conform.dict_name       mmcif_pdbx.dic 
_audit_conform.dict_version    5.396 
_audit_conform.dict_location   http://mmcif.pdb.org/dictionaries/ascii/mmcif_pdbx.dic 
# 
loop_
_database_2.database_id 
_database_2.database_code 
_database_2.pdbx_database_accession 
_database_2.pdbx_DOI 
PDB   7GAA         pdb_00007gaa 10.2210/pdb7gaa/pdb 
WWPDB D_1001405931 ?            ?                   
# 
_pdbx_audit_revision_history.ordinal             1 
_pdbx_audit_revision_history.data_content_type   'Structure model' 
_pdbx_audit_revision_history.major_revision      1 
_pdbx_audit_revision_history.minor_revision      0 
_pdbx_audit_revision_history.revision_date       2024-09-04 
# 
_pdbx_audit_revision_details.ordinal             1 
_pdbx_audit_revision_details.revision_ordinal    1 
_pdbx_audit_revision_details.data_content_type   'Structure model' 
_pdbx_audit_revision_details.provider            repository 
_pdbx_audit_revision_details.type                'Initial release' 
_pdbx_audit_revision_details.description         ? 
_pdbx_audit_revision_details.details             ? 
# 
_pdbx_database_status.entry_id                        7GAA 
_pdbx_database_status.status_code                     REL 
_pdbx_database_status.status_code_sf                  REL 
_pdbx_database_status.status_code_mr                  ? 
_pdbx_database_status.status_code_cs                  ? 
_pdbx_database_status.recvd_initial_deposition_date   2023-08-10 
_pdbx_database_status.status_code_nmr_data            ? 
_pdbx_database_status.deposit_site                    RCSB 
_pdbx_database_status.process_site                    RCSB 
_pdbx_database_status.SG_entry                        ? 
_pdbx_database_status.pdb_format_compatible           Y 
_pdbx_database_status.methods_development_category    ? 
# 
_pdbx_contact_author.id                 1 
_pdbx_contact_author.email              knapp@pharmchem.uni-frankfurt.de 
_pdbx_contact_author.name_first         Stefan 
_pdbx_contact_author.name_last          Knapp 
_pdbx_contact_author.role               'principal investigator/group leader' 
_pdbx_contact_author.identifier_ORCID   0000-0001-5995-6494 
_pdbx_contact_author.name_mi            ? 
# 
loop_
_audit_author.name 
_audit_author.pdbx_ordinal 
_audit_author.identifier_ORCID 
'Kumar, A.'                            1 ? 
'Marples, P.G.'                        2 ? 
'Tomlinson, C.W.E.'                    3 ? 
'Fearon, D.'                           4 ? 
'von-Delft, F.'                        5 ? 
'Knapp, S.'                            6 ? 
'Structural Genomics Consortium (SGC)' 7 ? 
# 
_citation.id                        primary 
_citation.title                     'PanDDA analysis group deposition' 
_citation.journal_abbrev            'To Be Published' 
_citation.journal_volume            ? 
_citation.page_first                ? 
_citation.page_last                 ? 
_citation.year                      ? 
_citation.journal_id_ASTM           ? 
_citation.country                   ? 
_citation.journal_id_ISSN           ? 
_citation.journal_id_CSD            0353 
_citation.book_publisher            ? 
_citation.pdbx_database_id_PubMed   ? 
_citation.pdbx_database_id_DOI      ? 
# 
loop_
_citation_author.citation_id 
_citation_author.name 
_citation_author.identifier_ORCID 
_citation_author.ordinal 
primary 'Kumar, A.'                            ? 1 
primary 'Knapp, S.'                            ? 2 
primary 'Structural Genomics Consortium (SGC)' ? 3 
# 
loop_
_entity.id 
_entity.type 
_entity.src_method 
_entity.pdbx_description 
_entity.formula_weight 
_entity.pdbx_number_of_molecules 
_entity.pdbx_ec 
_entity.pdbx_mutation 
_entity.pdbx_fragment 
_entity.details 
1 polymer     man 'Microtubule-associated proteins 1A/1B light chain 3B' 14237.361 1  ? TruncationafterGly120 ? ? 
2 non-polymer syn '(4S)-imidazo[1,2-a]pyrimidine-5,7-diol'               151.123   1  ? ?                     ? ? 
3 non-polymer syn 1,2-ETHANEDIOL                                         62.068    9  ? ?                     ? ? 
4 non-polymer syn 'CHLORIDE ION'                                         35.453    1  ? ?                     ? ? 
5 water       nat water                                                  18.015    89 ? ?                     ? ? 
# 
_entity_name_com.entity_id   1 
_entity_name_com.name        
;Autophagy-related protein LC3 B,Autophagy-related ubiquitin-like modifier LC3 B,MAP1 light chain 3-like protein 2,MAP1A/MAP1B light chain 3 B,MAP1A/MAP1B LC3 B,Microtubule-associated protein 1 light chain 3 beta
;
# 
_entity_poly.entity_id                      1 
_entity_poly.type                           'polypeptide(L)' 
_entity_poly.nstd_linkage                   no 
_entity_poly.nstd_monomer                   no 
_entity_poly.pdbx_seq_one_letter_code       
;SMPSEKTFKQRRTFEQRVEDVRLIREQHPTKIPVIIERYKGEKQLPVLDKTKFLVPDHVNMSELIKIIRRRLQLNANQAF
FLLVNGHSMVSVSTPISEVYESEKDEDGFLYMVYASQETFG
;
_entity_poly.pdbx_seq_one_letter_code_can   
;SMPSEKTFKQRRTFEQRVEDVRLIREQHPTKIPVIIERYKGEKQLPVLDKTKFLVPDHVNMSELIKIIRRRLQLNANQAF
FLLVNGHSMVSVSTPISEVYESEKDEDGFLYMVYASQETFG
;
_entity_poly.pdbx_strand_id                 A 
_entity_poly.pdbx_target_identifier         ? 
# 
loop_
_pdbx_entity_nonpoly.entity_id 
_pdbx_entity_nonpoly.name 
_pdbx_entity_nonpoly.comp_id 
2 '(4S)-imidazo[1,2-a]pyrimidine-5,7-diol' K7L 
3 1,2-ETHANEDIOL                           EDO 
4 'CHLORIDE ION'                           CL  
5 water                                    HOH 
# 
loop_
_entity_poly_seq.entity_id 
_entity_poly_seq.num 
_entity_poly_seq.mon_id 
_entity_poly_seq.hetero 
1 1   SER n 
1 2   MET n 
1 3   PRO n 
1 4   SER n 
1 5   GLU n 
1 6   LYS n 
1 7   THR n 
1 8   PHE n 
1 9   LYS n 
1 10  GLN n 
1 11  ARG n 
1 12  ARG n 
1 13  THR n 
1 14  PHE n 
1 15  GLU n 
1 16  GLN n 
1 17  ARG n 
1 18  VAL n 
1 19  GLU n 
1 20  ASP n 
1 21  VAL n 
1 22  ARG n 
1 23  LEU n 
1 24  ILE n 
1 25  ARG n 
1 26  GLU n 
1 27  GLN n 
1 28  HIS n 
1 29  PRO n 
1 30  THR n 
1 31  LYS n 
1 32  ILE n 
1 33  PRO n 
1 34  VAL n 
1 35  ILE n 
1 36  ILE n 
1 37  GLU n 
1 38  ARG n 
1 39  TYR n 
1 40  LYS n 
1 41  GLY n 
1 42  GLU n 
1 43  LYS n 
1 44  GLN n 
1 45  LEU n 
1 46  PRO n 
1 47  VAL n 
1 48  LEU n 
1 49  ASP n 
1 50  LYS n 
1 51  THR n 
1 52  LYS n 
1 53  PHE n 
1 54  LEU n 
1 55  VAL n 
1 56  PRO n 
1 57  ASP n 
1 58  HIS n 
1 59  VAL n 
1 60  ASN n 
1 61  MET n 
1 62  SER n 
1 63  GLU n 
1 64  LEU n 
1 65  ILE n 
1 66  LYS n 
1 67  ILE n 
1 68  ILE n 
1 69  ARG n 
1 70  ARG n 
1 71  ARG n 
1 72  LEU n 
1 73  GLN n 
1 74  LEU n 
1 75  ASN n 
1 76  ALA n 
1 77  ASN n 
1 78  GLN n 
1 79  ALA n 
1 80  PHE n 
1 81  PHE n 
1 82  LEU n 
1 83  LEU n 
1 84  VAL n 
1 85  ASN n 
1 86  GLY n 
1 87  HIS n 
1 88  SER n 
1 89  MET n 
1 90  VAL n 
1 91  SER n 
1 92  VAL n 
1 93  SER n 
1 94  THR n 
1 95  PRO n 
1 96  ILE n 
1 97  SER n 
1 98  GLU n 
1 99  VAL n 
1 100 TYR n 
1 101 GLU n 
1 102 SER n 
1 103 GLU n 
1 104 LYS n 
1 105 ASP n 
1 106 GLU n 
1 107 ASP n 
1 108 GLY n 
1 109 PHE n 
1 110 LEU n 
1 111 TYR n 
1 112 MET n 
1 113 VAL n 
1 114 TYR n 
1 115 ALA n 
1 116 SER n 
1 117 GLN n 
1 118 GLU n 
1 119 THR n 
1 120 PHE n 
1 121 GLY n 
# 
_entity_src_gen.entity_id                          1 
_entity_src_gen.pdbx_src_id                        1 
_entity_src_gen.pdbx_alt_source_flag               sample 
_entity_src_gen.pdbx_seq_type                      'Biological sequence' 
_entity_src_gen.pdbx_beg_seq_num                   1 
_entity_src_gen.pdbx_end_seq_num                   121 
_entity_src_gen.gene_src_common_name               human 
_entity_src_gen.gene_src_genus                     ? 
_entity_src_gen.pdbx_gene_src_gene                 'MAP1LC3B, MAP1ALC3' 
_entity_src_gen.gene_src_species                   ? 
_entity_src_gen.gene_src_strain                    ? 
_entity_src_gen.gene_src_tissue                    ? 
_entity_src_gen.gene_src_tissue_fraction           ? 
_entity_src_gen.gene_src_details                   ? 
_entity_src_gen.pdbx_gene_src_fragment             ? 
_entity_src_gen.pdbx_gene_src_scientific_name      'Homo sapiens' 
_entity_src_gen.pdbx_gene_src_ncbi_taxonomy_id     9606 
_entity_src_gen.pdbx_gene_src_variant              ? 
_entity_src_gen.pdbx_gene_src_cell_line            ? 
_entity_src_gen.pdbx_gene_src_atcc                 ? 
_entity_src_gen.pdbx_gene_src_organ                ? 
_entity_src_gen.pdbx_gene_src_organelle            ? 
_entity_src_gen.pdbx_gene_src_cell                 ? 
_entity_src_gen.pdbx_gene_src_cellular_location    ? 
_entity_src_gen.host_org_common_name               ? 
_entity_src_gen.pdbx_host_org_scientific_name      'Escherichia coli' 
_entity_src_gen.pdbx_host_org_ncbi_taxonomy_id     562 
_entity_src_gen.host_org_genus                     ? 
_entity_src_gen.pdbx_host_org_gene                 ? 
_entity_src_gen.pdbx_host_org_organ                ? 
_entity_src_gen.host_org_species                   ? 
_entity_src_gen.pdbx_host_org_tissue               ? 
_entity_src_gen.pdbx_host_org_tissue_fraction      ? 
_entity_src_gen.pdbx_host_org_strain               ? 
_entity_src_gen.pdbx_host_org_variant              ? 
_entity_src_gen.pdbx_host_org_cell_line            ? 
_entity_src_gen.pdbx_host_org_atcc                 ? 
_entity_src_gen.pdbx_host_org_culture_collection   ? 
_entity_src_gen.pdbx_host_org_cell                 ? 
_entity_src_gen.pdbx_host_org_organelle            ? 
_entity_src_gen.pdbx_host_org_cellular_location    ? 
_entity_src_gen.pdbx_host_org_vector_type          ? 
_entity_src_gen.pdbx_host_org_vector               ? 
_entity_src_gen.host_org_details                   ? 
_entity_src_gen.expression_system_id               ? 
_entity_src_gen.plasmid_name                       ? 
_entity_src_gen.plasmid_details                    ? 
_entity_src_gen.pdbx_description                   ? 
# 
loop_
_chem_comp.id 
_chem_comp.type 
_chem_comp.mon_nstd_flag 
_chem_comp.name 
_chem_comp.pdbx_synonyms 
_chem_comp.formula 
_chem_comp.formula_weight 
ALA 'L-peptide linking' y ALANINE                                  ?                 'C3 H7 N O2'     89.093  
ARG 'L-peptide linking' y ARGININE                                 ?                 'C6 H15 N4 O2 1' 175.209 
ASN 'L-peptide linking' y ASPARAGINE                               ?                 'C4 H8 N2 O3'    132.118 
ASP 'L-peptide linking' y 'ASPARTIC ACID'                          ?                 'C4 H7 N O4'     133.103 
CL  non-polymer         . 'CHLORIDE ION'                           ?                 'Cl -1'          35.453  
EDO non-polymer         . 1,2-ETHANEDIOL                           'ETHYLENE GLYCOL' 'C2 H6 O2'       62.068  
GLN 'L-peptide linking' y GLUTAMINE                                ?                 'C5 H10 N2 O3'   146.144 
GLU 'L-peptide linking' y 'GLUTAMIC ACID'                          ?                 'C5 H9 N O4'     147.129 
GLY 'peptide linking'   y GLYCINE                                  ?                 'C2 H5 N O2'     75.067  
HIS 'L-peptide linking' y HISTIDINE                                ?                 'C6 H10 N3 O2 1' 156.162 
HOH non-polymer         . WATER                                    ?                 'H2 O'           18.015  
ILE 'L-peptide linking' y ISOLEUCINE                               ?                 'C6 H13 N O2'    131.173 
K7L non-polymer         . '(4S)-imidazo[1,2-a]pyrimidine-5,7-diol' ?                 'C6 H5 N3 O2'    151.123 
LEU 'L-peptide linking' y LEUCINE                                  ?                 'C6 H13 N O2'    131.173 
LYS 'L-peptide linking' y LYSINE                                   ?                 'C6 H15 N2 O2 1' 147.195 
MET 'L-peptide linking' y METHIONINE                               ?                 'C5 H11 N O2 S'  149.211 
PHE 'L-peptide linking' y PHENYLALANINE                            ?                 'C9 H11 N O2'    165.189 
PRO 'L-peptide linking' y PROLINE                                  ?                 'C5 H9 N O2'     115.130 
SER 'L-peptide linking' y SERINE                                   ?                 'C3 H7 N O3'     105.093 
THR 'L-peptide linking' y THREONINE                                ?                 'C4 H9 N O3'     119.119 
TYR 'L-peptide linking' y TYROSINE                                 ?                 'C9 H11 N O3'    181.189 
VAL 'L-peptide linking' y VALINE                                   ?                 'C5 H11 N O2'    117.146 
# 
loop_
_pdbx_poly_seq_scheme.asym_id 
_pdbx_poly_seq_scheme.entity_id 
_pdbx_poly_seq_scheme.seq_id 
_pdbx_poly_seq_scheme.mon_id 
_pdbx_poly_seq_scheme.ndb_seq_num 
_pdbx_poly_seq_scheme.pdb_seq_num 
_pdbx_poly_seq_scheme.auth_seq_num 
_pdbx_poly_seq_scheme.pdb_mon_id 
_pdbx_poly_seq_scheme.auth_mon_id 
_pdbx_poly_seq_scheme.pdb_strand_id 
_pdbx_poly_seq_scheme.pdb_ins_code 
_pdbx_poly_seq_scheme.hetero 
A 1 1   SER 1   0   ?   ?   ?   A . n 
A 1 2   MET 2   1   ?   ?   ?   A . n 
A 1 3   PRO 3   2   ?   ?   ?   A . n 
A 1 4   SER 4   3   ?   ?   ?   A . n 
A 1 5   GLU 5   4   ?   ?   ?   A . n 
A 1 6   LYS 6   5   5   LYS LYS A . n 
A 1 7   THR 7   6   6   THR THR A . n 
A 1 8   PHE 8   7   7   PHE PHE A . n 
A 1 9   LYS 9   8   8   LYS LYS A . n 
A 1 10  GLN 10  9   9   GLN GLN A . n 
A 1 11  ARG 11  10  10  ARG ARG A . n 
A 1 12  ARG 12  11  11  ARG ARG A . n 
A 1 13  THR 13  12  12  THR THR A . n 
A 1 14  PHE 14  13  13  PHE PHE A . n 
A 1 15  GLU 15  14  14  GLU GLU A . n 
A 1 16  GLN 16  15  15  GLN GLN A . n 
A 1 17  ARG 17  16  16  ARG ARG A . n 
A 1 18  VAL 18  17  17  VAL VAL A . n 
A 1 19  GLU 19  18  18  GLU GLU A . n 
A 1 20  ASP 20  19  19  ASP ASP A . n 
A 1 21  VAL 21  20  20  VAL VAL A . n 
A 1 22  ARG 22  21  21  ARG ARG A . n 
A 1 23  LEU 23  22  22  LEU LEU A . n 
A 1 24  ILE 24  23  23  ILE ILE A . n 
A 1 25  ARG 25  24  24  ARG ARG A . n 
A 1 26  GLU 26  25  25  GLU GLU A . n 
A 1 27  GLN 27  26  26  GLN GLN A . n 
A 1 28  HIS 28  27  27  HIS HIS A . n 
A 1 29  PRO 29  28  28  PRO PRO A . n 
A 1 30  THR 30  29  29  THR THR A . n 
A 1 31  LYS 31  30  30  LYS LYS A . n 
A 1 32  ILE 32  31  31  ILE ILE A . n 
A 1 33  PRO 33  32  32  PRO PRO A . n 
A 1 34  VAL 34  33  33  VAL VAL A . n 
A 1 35  ILE 35  34  34  ILE ILE A . n 
A 1 36  ILE 36  35  35  ILE ILE A . n 
A 1 37  GLU 37  36  36  GLU GLU A . n 
A 1 38  ARG 38  37  37  ARG ARG A . n 
A 1 39  TYR 39  38  38  TYR TYR A . n 
A 1 40  LYS 40  39  39  LYS LYS A . n 
A 1 41  GLY 41  40  40  GLY GLY A . n 
A 1 42  GLU 42  41  41  GLU GLU A . n 
A 1 43  LYS 43  42  42  LYS LYS A . n 
A 1 44  GLN 44  43  43  GLN GLN A . n 
A 1 45  LEU 45  44  44  LEU LEU A . n 
A 1 46  PRO 46  45  45  PRO PRO A . n 
A 1 47  VAL 47  46  46  VAL VAL A . n 
A 1 48  LEU 48  47  47  LEU LEU A . n 
A 1 49  ASP 49  48  48  ASP ASP A . n 
A 1 50  LYS 50  49  49  LYS LYS A . n 
A 1 51  THR 51  50  50  THR THR A . n 
A 1 52  LYS 52  51  51  LYS LYS A . n 
A 1 53  PHE 53  52  52  PHE PHE A . n 
A 1 54  LEU 54  53  53  LEU LEU A . n 
A 1 55  VAL 55  54  54  VAL VAL A . n 
A 1 56  PRO 56  55  55  PRO PRO A . n 
A 1 57  ASP 57  56  56  ASP ASP A . n 
A 1 58  HIS 58  57  57  HIS HIS A . n 
A 1 59  VAL 59  58  58  VAL VAL A . n 
A 1 60  ASN 60  59  59  ASN ASN A . n 
A 1 61  MET 61  60  60  MET MET A . n 
A 1 62  SER 62  61  61  SER SER A . n 
A 1 63  GLU 63  62  62  GLU GLU A . n 
A 1 64  LEU 64  63  63  LEU LEU A . n 
A 1 65  ILE 65  64  64  ILE ILE A . n 
A 1 66  LYS 66  65  65  LYS LYS A . n 
A 1 67  ILE 67  66  66  ILE ILE A . n 
A 1 68  ILE 68  67  67  ILE ILE A . n 
A 1 69  ARG 69  68  68  ARG ARG A . n 
A 1 70  ARG 70  69  69  ARG ARG A . n 
A 1 71  ARG 71  70  70  ARG ARG A . n 
A 1 72  LEU 72  71  71  LEU LEU A . n 
A 1 73  GLN 73  72  72  GLN GLN A . n 
A 1 74  LEU 74  73  73  LEU LEU A . n 
A 1 75  ASN 75  74  74  ASN ASN A . n 
A 1 76  ALA 76  75  75  ALA ALA A . n 
A 1 77  ASN 77  76  76  ASN ASN A . n 
A 1 78  GLN 78  77  77  GLN GLN A . n 
A 1 79  ALA 79  78  78  ALA ALA A . n 
A 1 80  PHE 80  79  79  PHE PHE A . n 
A 1 81  PHE 81  80  80  PHE PHE A . n 
A 1 82  LEU 82  81  81  LEU LEU A . n 
A 1 83  LEU 83  82  82  LEU LEU A . n 
A 1 84  VAL 84  83  83  VAL VAL A . n 
A 1 85  ASN 85  84  84  ASN ASN A . n 
A 1 86  GLY 86  85  85  GLY GLY A . n 
A 1 87  HIS 87  86  86  HIS HIS A . n 
A 1 88  SER 88  87  87  SER SER A . n 
A 1 89  MET 89  88  88  MET MET A . n 
A 1 90  VAL 90  89  89  VAL VAL A . n 
A 1 91  SER 91  90  90  SER SER A . n 
A 1 92  VAL 92  91  91  VAL VAL A . n 
A 1 93  SER 93  92  92  SER SER A . n 
A 1 94  THR 94  93  93  THR THR A . n 
A 1 95  PRO 95  94  94  PRO PRO A . n 
A 1 96  ILE 96  95  95  ILE ILE A . n 
A 1 97  SER 97  96  96  SER SER A . n 
A 1 98  GLU 98  97  97  GLU GLU A . n 
A 1 99  VAL 99  98  98  VAL VAL A . n 
A 1 100 TYR 100 99  99  TYR TYR A . n 
A 1 101 GLU 101 100 100 GLU GLU A . n 
A 1 102 SER 102 101 101 SER SER A . n 
A 1 103 GLU 103 102 102 GLU GLU A . n 
A 1 104 LYS 104 103 103 LYS LYS A . n 
A 1 105 ASP 105 104 104 ASP ASP A . n 
A 1 106 GLU 106 105 105 GLU GLU A . n 
A 1 107 ASP 107 106 106 ASP ASP A . n 
A 1 108 GLY 108 107 107 GLY GLY A . n 
A 1 109 PHE 109 108 108 PHE PHE A . n 
A 1 110 LEU 110 109 109 LEU LEU A . n 
A 1 111 TYR 111 110 110 TYR TYR A . n 
A 1 112 MET 112 111 111 MET MET A . n 
A 1 113 VAL 113 112 112 VAL VAL A . n 
A 1 114 TYR 114 113 113 TYR TYR A . n 
A 1 115 ALA 115 114 114 ALA ALA A . n 
A 1 116 SER 116 115 115 SER SER A . n 
A 1 117 GLN 117 116 116 GLN GLN A . n 
A 1 118 GLU 118 117 117 GLU GLU A . n 
A 1 119 THR 119 118 118 THR THR A . n 
A 1 120 PHE 120 119 119 PHE PHE A . n 
A 1 121 GLY 121 120 ?   ?   ?   A . n 
# 
_pdbx_entity_instance_feature.ordinal        1 
_pdbx_entity_instance_feature.comp_id        K7L 
_pdbx_entity_instance_feature.asym_id        ? 
_pdbx_entity_instance_feature.seq_num        ? 
_pdbx_entity_instance_feature.auth_comp_id   K7L 
_pdbx_entity_instance_feature.auth_asym_id   ? 
_pdbx_entity_instance_feature.auth_seq_num   ? 
_pdbx_entity_instance_feature.feature_type   'SUBJECT OF INVESTIGATION' 
_pdbx_entity_instance_feature.details        ? 
# 
loop_
_pdbx_nonpoly_scheme.asym_id 
_pdbx_nonpoly_scheme.entity_id 
_pdbx_nonpoly_scheme.mon_id 
_pdbx_nonpoly_scheme.ndb_seq_num 
_pdbx_nonpoly_scheme.pdb_seq_num 
_pdbx_nonpoly_scheme.auth_seq_num 
_pdbx_nonpoly_scheme.pdb_mon_id 
_pdbx_nonpoly_scheme.auth_mon_id 
_pdbx_nonpoly_scheme.pdb_strand_id 
_pdbx_nonpoly_scheme.pdb_ins_code 
B 2 K7L 1  201 201 K7L LIG A . 
C 3 EDO 1  202 105 EDO EDO A . 
D 3 EDO 1  203 106 EDO EDO A . 
E 3 EDO 1  204 107 EDO EDO A . 
F 3 EDO 1  205 108 EDO EDO A . 
G 3 EDO 1  206 109 EDO EDO A . 
H 3 EDO 1  207 110 EDO EDO A . 
I 3 EDO 1  208 111 EDO EDO A . 
J 3 EDO 1  209 112 EDO EDO A . 
K 3 EDO 1  210 113 EDO EDO A . 
L 4 CL  1  211 114 CL  CL  A . 
M 5 HOH 1  301 62  HOH HOH A . 
M 5 HOH 2  302 56  HOH HOH A . 
M 5 HOH 3  303 55  HOH HOH A . 
M 5 HOH 4  304 22  HOH HOH A . 
M 5 HOH 5  305 48  HOH HOH A . 
M 5 HOH 6  306 47  HOH HOH A . 
M 5 HOH 7  307 8   HOH HOH A . 
M 5 HOH 8  308 43  HOH HOH A . 
M 5 HOH 9  309 40  HOH HOH A . 
M 5 HOH 10 310 89  HOH HOH A . 
M 5 HOH 11 311 21  HOH HOH A . 
M 5 HOH 12 312 42  HOH HOH A . 
M 5 HOH 13 313 17  HOH HOH A . 
M 5 HOH 14 314 15  HOH HOH A . 
M 5 HOH 15 315 27  HOH HOH A . 
M 5 HOH 16 316 82  HOH HOH A . 
M 5 HOH 17 317 9   HOH HOH A . 
M 5 HOH 18 318 32  HOH HOH A . 
M 5 HOH 19 319 4   HOH HOH A . 
M 5 HOH 20 320 44  HOH HOH A . 
M 5 HOH 21 321 59  HOH HOH A . 
M 5 HOH 22 322 16  HOH HOH A . 
M 5 HOH 23 323 33  HOH HOH A . 
M 5 HOH 24 324 81  HOH HOH A . 
M 5 HOH 25 325 38  HOH HOH A . 
M 5 HOH 26 326 35  HOH HOH A . 
M 5 HOH 27 327 73  HOH HOH A . 
M 5 HOH 28 328 45  HOH HOH A . 
M 5 HOH 29 329 51  HOH HOH A . 
M 5 HOH 30 330 86  HOH HOH A . 
M 5 HOH 31 331 71  HOH HOH A . 
M 5 HOH 32 332 19  HOH HOH A . 
M 5 HOH 33 333 2   HOH HOH A . 
M 5 HOH 34 334 24  HOH HOH A . 
M 5 HOH 35 335 41  HOH HOH A . 
M 5 HOH 36 336 1   HOH HOH A . 
M 5 HOH 37 337 92  HOH HOH A . 
M 5 HOH 38 338 25  HOH HOH A . 
M 5 HOH 39 339 18  HOH HOH A . 
M 5 HOH 40 340 75  HOH HOH A . 
M 5 HOH 41 341 83  HOH HOH A . 
M 5 HOH 42 342 49  HOH HOH A . 
M 5 HOH 43 343 34  HOH HOH A . 
M 5 HOH 44 344 54  HOH HOH A . 
M 5 HOH 45 345 12  HOH HOH A . 
M 5 HOH 46 346 77  HOH HOH A . 
M 5 HOH 47 347 3   HOH HOH A . 
M 5 HOH 48 348 7   HOH HOH A . 
M 5 HOH 49 349 13  HOH HOH A . 
M 5 HOH 50 350 20  HOH HOH A . 
M 5 HOH 51 351 69  HOH HOH A . 
M 5 HOH 52 352 23  HOH HOH A . 
M 5 HOH 53 353 63  HOH HOH A . 
M 5 HOH 54 354 66  HOH HOH A . 
M 5 HOH 55 355 74  HOH HOH A . 
M 5 HOH 56 356 31  HOH HOH A . 
M 5 HOH 57 357 53  HOH HOH A . 
M 5 HOH 58 358 14  HOH HOH A . 
M 5 HOH 59 359 72  HOH HOH A . 
M 5 HOH 60 360 5   HOH HOH A . 
M 5 HOH 61 361 6   HOH HOH A . 
M 5 HOH 62 362 57  HOH HOH A . 
M 5 HOH 63 363 91  HOH HOH A . 
M 5 HOH 64 364 84  HOH HOH A . 
M 5 HOH 65 365 11  HOH HOH A . 
M 5 HOH 66 366 58  HOH HOH A . 
M 5 HOH 67 367 52  HOH HOH A . 
M 5 HOH 68 368 64  HOH HOH A . 
M 5 HOH 69 369 46  HOH HOH A . 
M 5 HOH 70 370 85  HOH HOH A . 
M 5 HOH 71 371 68  HOH HOH A . 
M 5 HOH 72 372 60  HOH HOH A . 
M 5 HOH 73 373 37  HOH HOH A . 
M 5 HOH 74 374 28  HOH HOH A . 
M 5 HOH 75 375 79  HOH HOH A . 
M 5 HOH 76 376 76  HOH HOH A . 
M 5 HOH 77 377 93  HOH HOH A . 
M 5 HOH 78 378 94  HOH HOH A . 
M 5 HOH 79 379 90  HOH HOH A . 
M 5 HOH 80 380 67  HOH HOH A . 
M 5 HOH 81 381 78  HOH HOH A . 
M 5 HOH 82 382 29  HOH HOH A . 
M 5 HOH 83 383 80  HOH HOH A . 
M 5 HOH 84 384 26  HOH HOH A . 
M 5 HOH 85 385 50  HOH HOH A . 
M 5 HOH 86 386 39  HOH HOH A . 
M 5 HOH 87 387 65  HOH HOH A . 
M 5 HOH 88 388 70  HOH HOH A . 
M 5 HOH 89 389 61  HOH HOH A . 
# 
loop_
_pdbx_unobs_or_zero_occ_atoms.id 
_pdbx_unobs_or_zero_occ_atoms.PDB_model_num 
_pdbx_unobs_or_zero_occ_atoms.polymer_flag 
_pdbx_unobs_or_zero_occ_atoms.occupancy_flag 
_pdbx_unobs_or_zero_occ_atoms.auth_asym_id 
_pdbx_unobs_or_zero_occ_atoms.auth_comp_id 
_pdbx_unobs_or_zero_occ_atoms.auth_seq_id 
_pdbx_unobs_or_zero_occ_atoms.PDB_ins_code 
_pdbx_unobs_or_zero_occ_atoms.auth_atom_id 
_pdbx_unobs_or_zero_occ_atoms.label_alt_id 
_pdbx_unobs_or_zero_occ_atoms.label_asym_id 
_pdbx_unobs_or_zero_occ_atoms.label_comp_id 
_pdbx_unobs_or_zero_occ_atoms.label_seq_id 
_pdbx_unobs_or_zero_occ_atoms.label_atom_id 
1 1 Y 1 A GLN 116 ? CG  ? A GLN 117 CG  
2 1 Y 1 A GLN 116 ? CD  ? A GLN 117 CD  
3 1 Y 1 A GLN 116 ? OE1 ? A GLN 117 OE1 
4 1 Y 1 A GLN 116 ? NE2 ? A GLN 117 NE2 
5 1 Y 1 A THR 118 ? OG1 ? A THR 119 OG1 
6 1 Y 1 A THR 118 ? CG2 ? A THR 119 CG2 
# 
loop_
_software.pdbx_ordinal 
_software.name 
_software.version 
_software.date 
_software.type 
_software.contact_author 
_software.contact_author_email 
_software.classification 
_software.location 
_software.language 
_software.citation_id 
1 REFMAC      5.8.0267 ?               program 'Garib N. Murshudov' garib@ysbl.york.ac.uk    refinement        
http://www.ccp4.ac.uk/dist/html/refmac5.html        Fortran_77 ? 
2 Aimless     0.7.7    23/04/21        program 'Phil Evans'         ?                        'data scaling'    
http://www.mrc-lmb.cam.ac.uk/harry/pre/aimless.html ?          ? 
3 PDB_EXTRACT 3.23     'SEP. 23, 2016' package PDB                  deposit@deposit.rcsb.org 'data extraction' 
http://sw-tools.pdb.org/apps/PDB_EXTRACT/           C++        ? 
4 XDS         .        ?               program ?                    ?                        'data reduction'  ? ?          ? 
5 REFMAC      .        ?               program ?                    ?                        phasing           ? ?          ? 
# 
_cell.entry_id           7GAA 
_cell.length_a           60.587 
_cell.length_b           60.587 
_cell.length_c           35.927 
_cell.angle_alpha        90.000 
_cell.angle_beta         90.000 
_cell.angle_gamma        90.000 
_cell.Z_PDB              4 
_cell.pdbx_unique_axis   ? 
# 
_symmetry.entry_id                         7GAA 
_symmetry.space_group_name_H-M             'P 43' 
_symmetry.pdbx_full_space_group_name_H-M   ? 
_symmetry.cell_setting                     ? 
_symmetry.Int_Tables_number                78 
# 
_exptl.crystals_number   1 
_exptl.entry_id          7GAA 
_exptl.method            'X-RAY DIFFRACTION' 
# 
_exptl_crystal.id                    1 
_exptl_crystal.pdbx_mosaicity        0.000 
_exptl_crystal.pdbx_mosaicity_esd    ? 
_exptl_crystal.density_Matthews      2.23 
_exptl_crystal.density_diffrn        ? 
_exptl_crystal.density_meas          ? 
_exptl_crystal.density_meas_temp     ? 
_exptl_crystal.density_percent_sol   44.80 
_exptl_crystal.size_max              ? 
_exptl_crystal.size_mid              ? 
_exptl_crystal.size_min              ? 
_exptl_crystal.size_rad              ? 
_exptl_crystal.description           ? 
# 
_exptl_crystal_grow.crystal_id      1 
_exptl_crystal_grow.method          'VAPOR DIFFUSION, SITTING DROP' 
_exptl_crystal_grow.pH              4.7 
_exptl_crystal_grow.temp            293 
_exptl_crystal_grow.pdbx_details    '36% PEG 8000, 0.1M acetate pH 4.7' 
_exptl_crystal_grow.temp_details    ? 
_exptl_crystal_grow.pdbx_pH_range   ? 
# 
_diffrn.id                     1 
_diffrn.ambient_temp           100 
_diffrn.crystal_id             1 
_diffrn.ambient_temp_details   ? 
# 
_diffrn_detector.detector               PIXEL 
_diffrn_detector.type                   'DECTRIS PILATUS 6M' 
_diffrn_detector.pdbx_collection_date   2023-02-08 
_diffrn_detector.diffrn_id              1 
_diffrn_detector.details                ? 
# 
_diffrn_radiation.diffrn_id                        1 
_diffrn_radiation.wavelength_id                    1 
_diffrn_radiation.pdbx_diffrn_protocol             'SINGLE WAVELENGTH' 
_diffrn_radiation.pdbx_monochromatic_or_laue_m_l   ? 
_diffrn_radiation.monochromator                    ? 
_diffrn_radiation.pdbx_scattering_type             x-ray 
# 
_diffrn_radiation_wavelength.id           1 
_diffrn_radiation_wavelength.wavelength   0.92124 
_diffrn_radiation_wavelength.wt           1.0 
# 
_diffrn_source.diffrn_id                   1 
_diffrn_source.source                      SYNCHROTRON 
_diffrn_source.type                        'DIAMOND BEAMLINE I04-1' 
_diffrn_source.pdbx_wavelength_list        0.92124 
_diffrn_source.pdbx_synchrotron_site       Diamond 
_diffrn_source.pdbx_synchrotron_beamline   I04-1 
_diffrn_source.pdbx_wavelength             ? 
# 
_reflns.entry_id                     7GAA 
_reflns.pdbx_diffrn_id               1 
_reflns.pdbx_ordinal                 1 
_reflns.observed_criterion_sigma_I   ? 
_reflns.observed_criterion_sigma_F   ? 
_reflns.d_resolution_low             30.910 
_reflns.d_resolution_high            2.030 
_reflns.number_obs                   8621 
_reflns.number_all                   ? 
_reflns.percent_possible_obs         100.000 
_reflns.pdbx_Rmerge_I_obs            0.186 
_reflns.pdbx_Rsym_value              ? 
_reflns.pdbx_netI_over_sigmaI        12.300 
_reflns.B_iso_Wilson_estimate        ? 
_reflns.pdbx_redundancy              13.600 
_reflns.pdbx_Rrim_I_all              0.194 
_reflns.pdbx_Rpim_I_all              0.053 
_reflns.pdbx_CC_half                 0.999 
_reflns.pdbx_netI_over_av_sigmaI     ? 
_reflns.pdbx_number_measured_all     116879 
_reflns.pdbx_scaling_rejects         0 
_reflns.pdbx_chi_squared             ? 
_reflns.Rmerge_F_all                 ? 
_reflns.Rmerge_F_obs                 ? 
_reflns.observed_criterion_F_max     ? 
_reflns.observed_criterion_F_min     ? 
_reflns.observed_criterion_I_max     ? 
_reflns.observed_criterion_I_min     ? 
_reflns.pdbx_d_res_high_opt          ? 
_reflns.pdbx_d_res_low_opt           ? 
_reflns.details                      ? 
_reflns.pdbx_CC_star                 ? 
# 
loop_
_reflns_shell.pdbx_diffrn_id 
_reflns_shell.pdbx_ordinal 
_reflns_shell.d_res_high 
_reflns_shell.d_res_low 
_reflns_shell.number_measured_obs 
_reflns_shell.number_measured_all 
_reflns_shell.number_unique_obs 
_reflns_shell.pdbx_rejects 
_reflns_shell.Rmerge_I_obs 
_reflns_shell.meanI_over_sigI_obs 
_reflns_shell.pdbx_Rsym_value 
_reflns_shell.pdbx_chi_squared 
_reflns_shell.pdbx_redundancy 
_reflns_shell.percent_possible_obs 
_reflns_shell.pdbx_netI_over_sigmaI_obs 
_reflns_shell.number_possible 
_reflns_shell.number_unique_all 
_reflns_shell.Rmerge_F_all 
_reflns_shell.Rmerge_F_obs 
_reflns_shell.Rmerge_I_all 
_reflns_shell.meanI_over_sigI_all 
_reflns_shell.percent_possible_all 
_reflns_shell.pdbx_Rrim_I_all 
_reflns_shell.pdbx_Rpim_I_all 
_reflns_shell.pdbx_CC_half 
_reflns_shell.pdbx_CC_star 
1 1 2.030 2.080  ? 8961 641 ? ? ? ? ? 14.000 ? 0.400  ? ? ? ? ? ? 100.000 11.319 3.000 0.363 ? 
1 2 9.080 30.910 ? 1137 108 ? ? ? ? ? 10.500 ? 57.700 ? ? ? ? ? ? 98.600  0.075  0.022 0.999 ? 
# 
_refine.entry_id                                 7GAA 
_refine.pdbx_refine_id                           'X-RAY DIFFRACTION' 
_refine.ls_d_res_high                            2.0300 
_refine.ls_d_res_low                             30.9200 
_refine.pdbx_ls_sigma_F                          0.000 
_refine.pdbx_data_cutoff_high_absF               ? 
_refine.pdbx_data_cutoff_low_absF                ? 
_refine.ls_percent_reflns_obs                    99.9000 
_refine.ls_number_reflns_obs                     8268 
_refine.ls_number_reflns_all                     ? 
_refine.pdbx_ls_cross_valid_method               THROUGHOUT 
_refine.ls_matrix_type                           ? 
_refine.pdbx_R_Free_selection_details            RANDOM 
_refine.details                                  
'HYDROGENS HAVE BEEN ADDED IN THE RIDING POSITIONS U VALUES      : REFINED INDIVIDUALLY' 
_refine.ls_R_factor_all                          ? 
_refine.ls_R_factor_obs                          0.1924 
_refine.ls_R_factor_R_work                       0.1901 
_refine.ls_wR_factor_R_work                      ? 
_refine.ls_R_factor_R_free                       0.2485 
_refine.ls_wR_factor_R_free                      ? 
_refine.ls_percent_reflns_R_free                 3.8000 
_refine.ls_number_reflns_R_free                  330 
_refine.ls_number_reflns_R_work                  ? 
_refine.ls_R_factor_R_free_error                 ? 
_refine.B_iso_mean                               65.1880 
_refine.solvent_model_param_bsol                 ? 
_refine.solvent_model_param_ksol                 ? 
_refine.pdbx_isotropic_thermal_model             ? 
_refine.aniso_B[1][1]                            0.8900 
_refine.aniso_B[2][2]                            0.8900 
_refine.aniso_B[3][3]                            -1.7700 
_refine.aniso_B[1][2]                            -0.0000 
_refine.aniso_B[1][3]                            -0.0000 
_refine.aniso_B[2][3]                            -0.0000 
_refine.correlation_coeff_Fo_to_Fc               0.9710 
_refine.correlation_coeff_Fo_to_Fc_free          0.9390 
_refine.overall_SU_R_Cruickshank_DPI             ? 
_refine.pdbx_overall_SU_R_free_Cruickshank_DPI   ? 
_refine.pdbx_overall_SU_R_Blow_DPI               ? 
_refine.pdbx_overall_SU_R_free_Blow_DPI          ? 
_refine.overall_SU_R_free                        ? 
_refine.pdbx_overall_ESU_R                       0.2490 
_refine.pdbx_overall_ESU_R_Free                  0.2010 
_refine.overall_SU_ML                            0.2660 
_refine.overall_SU_B                             11.5470 
_refine.solvent_model_details                    MASK 
_refine.pdbx_solvent_vdw_probe_radii             1.2000 
_refine.pdbx_solvent_ion_probe_radii             0.8000 
_refine.pdbx_solvent_shrinkage_radii             0.8000 
_refine.ls_number_parameters                     ? 
_refine.ls_number_restraints                     ? 
_refine.pdbx_starting_model                      8Q53 
_refine.pdbx_method_to_determine_struct          'FOURIER SYNTHESIS' 
_refine.pdbx_stereochemistry_target_values       'MAXIMUM LIKELIHOOD' 
_refine.pdbx_stereochem_target_val_spec_case     ? 
_refine.overall_FOM_work_R_set                   ? 
_refine.B_iso_max                                183.480 
_refine.B_iso_min                                36.150 
_refine.pdbx_overall_phase_error                 ? 
_refine.occupancy_max                            ? 
_refine.occupancy_min                            ? 
_refine.pdbx_diffrn_id                           1 
_refine.pdbx_TLS_residual_ADP_flag               ? 
_refine.pdbx_ls_sigma_I                          ? 
_refine.pdbx_data_cutoff_high_rms_absF           ? 
_refine.ls_R_factor_R_free_error_details         ? 
# 
_refine_hist.cycle_id                         final 
_refine_hist.pdbx_refine_id                   'X-RAY DIFFRACTION' 
_refine_hist.d_res_high                       2.0300 
_refine_hist.d_res_low                        30.9200 
_refine_hist.pdbx_number_atoms_ligand         48 
_refine_hist.number_atoms_solvent             89 
_refine_hist.number_atoms_total               1091 
_refine_hist.pdbx_number_residues_total       114 
_refine_hist.pdbx_B_iso_mean_ligand           93.43 
_refine_hist.pdbx_B_iso_mean_solvent          74.10 
_refine_hist.pdbx_number_atoms_protein        954 
_refine_hist.pdbx_number_atoms_nucleic_acid   0 
# 
loop_
_refine_ls_restr.pdbx_refine_id 
_refine_ls_restr.type 
_refine_ls_restr.number 
_refine_ls_restr.dev_ideal 
_refine_ls_restr.dev_ideal_target 
_refine_ls_restr.weight 
_refine_ls_restr.pdbx_restraint_function 
'X-RAY DIFFRACTION' r_bond_refined_d       1340 0.007  0.014  ? ? 
'X-RAY DIFFRACTION' r_bond_other_d         1190 0.002  0.014  ? ? 
'X-RAY DIFFRACTION' r_angle_refined_deg    1648 1.547  1.671  ? ? 
'X-RAY DIFFRACTION' r_angle_other_deg      2731 1.178  1.584  ? ? 
'X-RAY DIFFRACTION' r_dihedral_angle_1_deg 156  7.034  5.000  ? ? 
'X-RAY DIFFRACTION' r_dihedral_angle_2_deg 70   28.458 19.429 ? ? 
'X-RAY DIFFRACTION' r_dihedral_angle_3_deg 224  16.232 15.000 ? ? 
'X-RAY DIFFRACTION' r_dihedral_angle_4_deg 15   19.531 15.000 ? ? 
'X-RAY DIFFRACTION' r_chiral_restr         152  0.065  0.200  ? ? 
'X-RAY DIFFRACTION' r_gen_planes_refined   1417 0.006  0.020  ? ? 
'X-RAY DIFFRACTION' r_gen_planes_other     309  0.002  0.020  ? ? 
'X-RAY DIFFRACTION' r_mcbond_it            625  4.653  6.262  ? ? 
'X-RAY DIFFRACTION' r_mcbond_other         619  4.671  6.237  ? ? 
'X-RAY DIFFRACTION' r_mcangle_it           740  6.986  9.352  ? ? 
# 
_refine_ls_shell.d_res_high                       2.0300 
_refine_ls_shell.d_res_low                        2.0830 
_refine_ls_shell.pdbx_total_number_of_bins_used   20 
_refine_ls_shell.percent_reflns_obs               98.9000 
_refine_ls_shell.number_reflns_R_work             602 
_refine_ls_shell.R_factor_all                     ? 
_refine_ls_shell.R_factor_R_work                  0.3760 
_refine_ls_shell.R_factor_R_free                  0.4080 
_refine_ls_shell.percent_reflns_R_free            ? 
_refine_ls_shell.number_reflns_R_free             28 
_refine_ls_shell.R_factor_R_free_error            ? 
_refine_ls_shell.number_reflns_all                630 
_refine_ls_shell.number_reflns_obs                ? 
_refine_ls_shell.pdbx_refine_id                   'X-RAY DIFFRACTION' 
_refine_ls_shell.R_factor_obs                     ? 
# 
_struct.entry_id                  7GAA 
_struct.title                     'PanDDA analysis group deposition -- Crystal Structure of MAP1LC3B in complex with Z1198233191' 
_struct.pdbx_model_details        ? 
_struct.pdbx_CASP_flag            ? 
_struct.pdbx_model_type_details   ? 
# 
_struct_keywords.entry_id        7GAA 
_struct_keywords.text            'SGC - Diamond I04-1 fragment screening, PanDDA, XChemExplorer, STRUCTURAL PROTEIN' 
_struct_keywords.pdbx_keywords   'STRUCTURAL PROTEIN' 
# 
loop_
_struct_asym.id 
_struct_asym.pdbx_blank_PDB_chainid_flag 
_struct_asym.pdbx_modified 
_struct_asym.entity_id 
_struct_asym.details 
A N N 1 ? 
B N N 2 ? 
C N N 3 ? 
D N N 3 ? 
E N N 3 ? 
F N N 3 ? 
G N N 3 ? 
H N N 3 ? 
I N N 3 ? 
J N N 3 ? 
K N N 3 ? 
L N N 4 ? 
M N N 5 ? 
# 
_struct_ref.id                         1 
_struct_ref.db_name                    UNP 
_struct_ref.db_code                    MLP3B_HUMAN 
_struct_ref.pdbx_db_accession          Q9GZQ8 
_struct_ref.pdbx_db_isoform            ? 
_struct_ref.entity_id                  1 
_struct_ref.pdbx_seq_one_letter_code   
;MPSEKTFKQRRTFEQRVEDVRLIREQHPTKIPVIIERYKGEKQLPVLDKTKFLVPDHVNMSELIKIIRRRLQLNANQAFF
LLVNGHSMVSVSTPISEVYESEKDEDGFLYMVYASQETFG
;
_struct_ref.pdbx_align_begin           1 
# 
_struct_ref_seq.align_id                      1 
_struct_ref_seq.ref_id                        1 
_struct_ref_seq.pdbx_PDB_id_code              7GAA 
_struct_ref_seq.pdbx_strand_id                A 
_struct_ref_seq.seq_align_beg                 2 
_struct_ref_seq.pdbx_seq_align_beg_ins_code   ? 
_struct_ref_seq.seq_align_end                 121 
_struct_ref_seq.pdbx_seq_align_end_ins_code   ? 
_struct_ref_seq.pdbx_db_accession             Q9GZQ8 
_struct_ref_seq.db_align_beg                  1 
_struct_ref_seq.pdbx_db_align_beg_ins_code    ? 
_struct_ref_seq.db_align_end                  120 
_struct_ref_seq.pdbx_db_align_end_ins_code    ? 
_struct_ref_seq.pdbx_auth_seq_align_beg       1 
_struct_ref_seq.pdbx_auth_seq_align_end       120 
# 
_struct_ref_seq_dif.align_id                     1 
_struct_ref_seq_dif.pdbx_pdb_id_code             7GAA 
_struct_ref_seq_dif.mon_id                       SER 
_struct_ref_seq_dif.pdbx_pdb_strand_id           A 
_struct_ref_seq_dif.seq_num                      1 
_struct_ref_seq_dif.pdbx_pdb_ins_code            ? 
_struct_ref_seq_dif.pdbx_seq_db_name             UNP 
_struct_ref_seq_dif.pdbx_seq_db_accession_code   Q9GZQ8 
_struct_ref_seq_dif.db_mon_id                    ? 
_struct_ref_seq_dif.pdbx_seq_db_seq_num          ? 
_struct_ref_seq_dif.details                      'expression tag' 
_struct_ref_seq_dif.pdbx_auth_seq_num            0 
_struct_ref_seq_dif.pdbx_ordinal                 1 
# 
_pdbx_struct_assembly.id                   1 
_pdbx_struct_assembly.details              author_and_software_defined_assembly 
_pdbx_struct_assembly.method_details       PISA 
_pdbx_struct_assembly.oligomeric_details   monomeric 
_pdbx_struct_assembly.oligomeric_count     1 
# 
_pdbx_struct_assembly_gen.assembly_id       1 
_pdbx_struct_assembly_gen.oper_expression   1 
_pdbx_struct_assembly_gen.asym_id_list      A,B,C,D,E,F,G,H,I,J,K,L,M 
# 
_pdbx_struct_oper_list.id                   1 
_pdbx_struct_oper_list.type                 'identity operation' 
_pdbx_struct_oper_list.name                 1_555 
_pdbx_struct_oper_list.symmetry_operation   x,y,z 
_pdbx_struct_oper_list.matrix[1][1]         1.0000000000 
_pdbx_struct_oper_list.matrix[1][2]         0.0000000000 
_pdbx_struct_oper_list.matrix[1][3]         0.0000000000 
_pdbx_struct_oper_list.vector[1]            0.0000000000 
_pdbx_struct_oper_list.matrix[2][1]         0.0000000000 
_pdbx_struct_oper_list.matrix[2][2]         1.0000000000 
_pdbx_struct_oper_list.matrix[2][3]         0.0000000000 
_pdbx_struct_oper_list.vector[2]            0.0000000000 
_pdbx_struct_oper_list.matrix[3][1]         0.0000000000 
_pdbx_struct_oper_list.matrix[3][2]         0.0000000000 
_pdbx_struct_oper_list.matrix[3][3]         1.0000000000 
_pdbx_struct_oper_list.vector[3]            0.0000000000 
# 
loop_
_struct_conf.conf_type_id 
_struct_conf.id 
_struct_conf.pdbx_PDB_helix_id 
_struct_conf.beg_label_comp_id 
_struct_conf.beg_label_asym_id 
_struct_conf.beg_label_seq_id 
_struct_conf.pdbx_beg_PDB_ins_code 
_struct_conf.end_label_comp_id 
_struct_conf.end_label_asym_id 
_struct_conf.end_label_seq_id 
_struct_conf.pdbx_end_PDB_ins_code 
_struct_conf.beg_auth_comp_id 
_struct_conf.beg_auth_asym_id 
_struct_conf.beg_auth_seq_id 
_struct_conf.end_auth_comp_id 
_struct_conf.end_auth_asym_id 
_struct_conf.end_auth_seq_id 
_struct_conf.pdbx_PDB_helix_class 
_struct_conf.details 
_struct_conf.pdbx_PDB_helix_length 
HELX_P HELX_P1 AA1 THR A 7  ? ARG A 12  ? THR A 6  ARG A 11  1 ? 6  
HELX_P HELX_P2 AA2 THR A 13 ? HIS A 28  ? THR A 12 HIS A 27  1 ? 16 
HELX_P HELX_P3 AA3 ASN A 60 ? LEU A 72  ? ASN A 59 LEU A 71  1 ? 13 
HELX_P HELX_P4 AA4 PRO A 95 ? LYS A 104 ? PRO A 94 LYS A 103 1 ? 10 
# 
_struct_conf_type.id          HELX_P 
_struct_conf_type.criteria    ? 
_struct_conf_type.reference   ? 
# 
_struct_sheet.id               AA1 
_struct_sheet.type             ? 
_struct_sheet.number_strands   4 
_struct_sheet.details          ? 
# 
loop_
_struct_sheet_order.sheet_id 
_struct_sheet_order.range_id_1 
_struct_sheet_order.range_id_2 
_struct_sheet_order.offset 
_struct_sheet_order.sense 
AA1 1 2 ? anti-parallel 
AA1 2 3 ? parallel      
AA1 3 4 ? anti-parallel 
# 
loop_
_struct_sheet_range.sheet_id 
_struct_sheet_range.id 
_struct_sheet_range.beg_label_comp_id 
_struct_sheet_range.beg_label_asym_id 
_struct_sheet_range.beg_label_seq_id 
_struct_sheet_range.pdbx_beg_PDB_ins_code 
_struct_sheet_range.end_label_comp_id 
_struct_sheet_range.end_label_asym_id 
_struct_sheet_range.end_label_seq_id 
_struct_sheet_range.pdbx_end_PDB_ins_code 
_struct_sheet_range.beg_auth_comp_id 
_struct_sheet_range.beg_auth_asym_id 
_struct_sheet_range.beg_auth_seq_id 
_struct_sheet_range.end_auth_comp_id 
_struct_sheet_range.end_auth_asym_id 
_struct_sheet_range.end_auth_seq_id 
AA1 1 LYS A 52  ? PRO A 56  ? LYS A 51  PRO A 55  
AA1 2 LYS A 31  ? ARG A 38  ? LYS A 30  ARG A 37  
AA1 3 LEU A 110 ? ALA A 115 ? LEU A 109 ALA A 114 
AA1 4 PHE A 81  ? VAL A 84  ? PHE A 80  VAL A 83  
# 
loop_
_pdbx_struct_sheet_hbond.sheet_id 
_pdbx_struct_sheet_hbond.range_id_1 
_pdbx_struct_sheet_hbond.range_id_2 
_pdbx_struct_sheet_hbond.range_1_label_atom_id 
_pdbx_struct_sheet_hbond.range_1_label_comp_id 
_pdbx_struct_sheet_hbond.range_1_label_asym_id 
_pdbx_struct_sheet_hbond.range_1_label_seq_id 
_pdbx_struct_sheet_hbond.range_1_PDB_ins_code 
_pdbx_struct_sheet_hbond.range_1_auth_atom_id 
_pdbx_struct_sheet_hbond.range_1_auth_comp_id 
_pdbx_struct_sheet_hbond.range_1_auth_asym_id 
_pdbx_struct_sheet_hbond.range_1_auth_seq_id 
_pdbx_struct_sheet_hbond.range_2_label_atom_id 
_pdbx_struct_sheet_hbond.range_2_label_comp_id 
_pdbx_struct_sheet_hbond.range_2_label_asym_id 
_pdbx_struct_sheet_hbond.range_2_label_seq_id 
_pdbx_struct_sheet_hbond.range_2_PDB_ins_code 
_pdbx_struct_sheet_hbond.range_2_auth_atom_id 
_pdbx_struct_sheet_hbond.range_2_auth_comp_id 
_pdbx_struct_sheet_hbond.range_2_auth_asym_id 
_pdbx_struct_sheet_hbond.range_2_auth_seq_id 
AA1 1 2 O VAL A 55  ? O VAL A 54  N ILE A 32  ? N ILE A 31  
AA1 2 3 N GLU A 37  ? N GLU A 36  O MET A 112 ? O MET A 111 
AA1 3 4 O VAL A 113 ? O VAL A 112 N LEU A 83  ? N LEU A 82  
# 
_pdbx_entry_details.entry_id                   7GAA 
_pdbx_entry_details.compound_details           ? 
_pdbx_entry_details.source_details             ? 
_pdbx_entry_details.nonpolymer_details         ? 
_pdbx_entry_details.sequence_details           ? 
_pdbx_entry_details.has_ligand_of_interest     Y 
_pdbx_entry_details.has_protein_modification   ? 
# 
loop_
_pdbx_validate_close_contact.id 
_pdbx_validate_close_contact.PDB_model_num 
_pdbx_validate_close_contact.auth_atom_id_1 
_pdbx_validate_close_contact.auth_asym_id_1 
_pdbx_validate_close_contact.auth_comp_id_1 
_pdbx_validate_close_contact.auth_seq_id_1 
_pdbx_validate_close_contact.PDB_ins_code_1 
_pdbx_validate_close_contact.label_alt_id_1 
_pdbx_validate_close_contact.auth_atom_id_2 
_pdbx_validate_close_contact.auth_asym_id_2 
_pdbx_validate_close_contact.auth_comp_id_2 
_pdbx_validate_close_contact.auth_seq_id_2 
_pdbx_validate_close_contact.PDB_ins_code_2 
_pdbx_validate_close_contact.label_alt_id_2 
_pdbx_validate_close_contact.dist 
1 1 O   A HOH 331 ? ? O  A HOH 351 ? ? 1.64 
2 1 O   A HOH 375 ? ? O  A HOH 383 ? ? 1.91 
3 1 OE2 A GLU 97  ? ? O  A HOH 301 ? ? 1.99 
4 1 O   A HOH 338 ? ? O  A HOH 344 ? ? 2.02 
5 1 O   A LEU 81  ? ? N2 A K7L 201 ? ? 2.10 
6 1 OG1 A THR 6   ? ? O  A HOH 302 ? ? 2.11 
7 1 O   A HOH 374 ? ? O  A HOH 384 ? ? 2.14 
# 
_phasing.method   MR 
# 
loop_
_pdbx_unobs_or_zero_occ_residues.id 
_pdbx_unobs_or_zero_occ_residues.PDB_model_num 
_pdbx_unobs_or_zero_occ_residues.polymer_flag 
_pdbx_unobs_or_zero_occ_residues.occupancy_flag 
_pdbx_unobs_or_zero_occ_residues.auth_asym_id 
_pdbx_unobs_or_zero_occ_residues.auth_comp_id 
_pdbx_unobs_or_zero_occ_residues.auth_seq_id 
_pdbx_unobs_or_zero_occ_residues.PDB_ins_code 
_pdbx_unobs_or_zero_occ_residues.label_asym_id 
_pdbx_unobs_or_zero_occ_residues.label_comp_id 
_pdbx_unobs_or_zero_occ_residues.label_seq_id 
1 1 Y 1 A SER 0   ? A SER 1   
2 1 Y 1 A MET 1   ? A MET 2   
3 1 Y 1 A PRO 2   ? A PRO 3   
4 1 Y 1 A SER 3   ? A SER 4   
5 1 Y 1 A GLU 4   ? A GLU 5   
6 1 Y 1 A GLY 120 ? A GLY 121 
# 
loop_
_chem_comp_atom.comp_id 
_chem_comp_atom.atom_id 
_chem_comp_atom.type_symbol 
_chem_comp_atom.pdbx_aromatic_flag 
_chem_comp_atom.pdbx_stereo_config 
_chem_comp_atom.pdbx_ordinal 
ALA N    N  N N 1   
ALA CA   C  N S 2   
ALA C    C  N N 3   
ALA O    O  N N 4   
ALA CB   C  N N 5   
ALA OXT  O  N N 6   
ALA H    H  N N 7   
ALA H2   H  N N 8   
ALA HA   H  N N 9   
ALA HB1  H  N N 10  
ALA HB2  H  N N 11  
ALA HB3  H  N N 12  
ALA HXT  H  N N 13  
ARG N    N  N N 14  
ARG CA   C  N S 15  
ARG C    C  N N 16  
ARG O    O  N N 17  
ARG CB   C  N N 18  
ARG CG   C  N N 19  
ARG CD   C  N N 20  
ARG NE   N  N N 21  
ARG CZ   C  N N 22  
ARG NH1  N  N N 23  
ARG NH2  N  N N 24  
ARG OXT  O  N N 25  
ARG H    H  N N 26  
ARG H2   H  N N 27  
ARG HA   H  N N 28  
ARG HB2  H  N N 29  
ARG HB3  H  N N 30  
ARG HG2  H  N N 31  
ARG HG3  H  N N 32  
ARG HD2  H  N N 33  
ARG HD3  H  N N 34  
ARG HE   H  N N 35  
ARG HH11 H  N N 36  
ARG HH12 H  N N 37  
ARG HH21 H  N N 38  
ARG HH22 H  N N 39  
ARG HXT  H  N N 40  
ASN N    N  N N 41  
ASN CA   C  N S 42  
ASN C    C  N N 43  
ASN O    O  N N 44  
ASN CB   C  N N 45  
ASN CG   C  N N 46  
ASN OD1  O  N N 47  
ASN ND2  N  N N 48  
ASN OXT  O  N N 49  
ASN H    H  N N 50  
ASN H2   H  N N 51  
ASN HA   H  N N 52  
ASN HB2  H  N N 53  
ASN HB3  H  N N 54  
ASN HD21 H  N N 55  
ASN HD22 H  N N 56  
ASN HXT  H  N N 57  
ASP N    N  N N 58  
ASP CA   C  N S 59  
ASP C    C  N N 60  
ASP O    O  N N 61  
ASP CB   C  N N 62  
ASP CG   C  N N 63  
ASP OD1  O  N N 64  
ASP OD2  O  N N 65  
ASP OXT  O  N N 66  
ASP H    H  N N 67  
ASP H2   H  N N 68  
ASP HA   H  N N 69  
ASP HB2  H  N N 70  
ASP HB3  H  N N 71  
ASP HD2  H  N N 72  
ASP HXT  H  N N 73  
CL  CL   CL N N 74  
EDO C1   C  N N 75  
EDO O1   O  N N 76  
EDO C2   C  N N 77  
EDO O2   O  N N 78  
EDO H11  H  N N 79  
EDO H12  H  N N 80  
EDO HO1  H  N N 81  
EDO H21  H  N N 82  
EDO H22  H  N N 83  
EDO HO2  H  N N 84  
GLN N    N  N N 85  
GLN CA   C  N S 86  
GLN C    C  N N 87  
GLN O    O  N N 88  
GLN CB   C  N N 89  
GLN CG   C  N N 90  
GLN CD   C  N N 91  
GLN OE1  O  N N 92  
GLN NE2  N  N N 93  
GLN OXT  O  N N 94  
GLN H    H  N N 95  
GLN H2   H  N N 96  
GLN HA   H  N N 97  
GLN HB2  H  N N 98  
GLN HB3  H  N N 99  
GLN HG2  H  N N 100 
GLN HG3  H  N N 101 
GLN HE21 H  N N 102 
GLN HE22 H  N N 103 
GLN HXT  H  N N 104 
GLU N    N  N N 105 
GLU CA   C  N S 106 
GLU C    C  N N 107 
GLU O    O  N N 108 
GLU CB   C  N N 109 
GLU CG   C  N N 110 
GLU CD   C  N N 111 
GLU OE1  O  N N 112 
GLU OE2  O  N N 113 
GLU OXT  O  N N 114 
GLU H    H  N N 115 
GLU H2   H  N N 116 
GLU HA   H  N N 117 
GLU HB2  H  N N 118 
GLU HB3  H  N N 119 
GLU HG2  H  N N 120 
GLU HG3  H  N N 121 
GLU HE2  H  N N 122 
GLU HXT  H  N N 123 
GLY N    N  N N 124 
GLY CA   C  N N 125 
GLY C    C  N N 126 
GLY O    O  N N 127 
GLY OXT  O  N N 128 
GLY H    H  N N 129 
GLY H2   H  N N 130 
GLY HA2  H  N N 131 
GLY HA3  H  N N 132 
GLY HXT  H  N N 133 
HIS N    N  N N 134 
HIS CA   C  N S 135 
HIS C    C  N N 136 
HIS O    O  N N 137 
HIS CB   C  N N 138 
HIS CG   C  Y N 139 
HIS ND1  N  Y N 140 
HIS CD2  C  Y N 141 
HIS CE1  C  Y N 142 
HIS NE2  N  Y N 143 
HIS OXT  O  N N 144 
HIS H    H  N N 145 
HIS H2   H  N N 146 
HIS HA   H  N N 147 
HIS HB2  H  N N 148 
HIS HB3  H  N N 149 
HIS HD1  H  N N 150 
HIS HD2  H  N N 151 
HIS HE1  H  N N 152 
HIS HE2  H  N N 153 
HIS HXT  H  N N 154 
HOH O    O  N N 155 
HOH H1   H  N N 156 
HOH H2   H  N N 157 
ILE N    N  N N 158 
ILE CA   C  N S 159 
ILE C    C  N N 160 
ILE O    O  N N 161 
ILE CB   C  N S 162 
ILE CG1  C  N N 163 
ILE CG2  C  N N 164 
ILE CD1  C  N N 165 
ILE OXT  O  N N 166 
ILE H    H  N N 167 
ILE H2   H  N N 168 
ILE HA   H  N N 169 
ILE HB   H  N N 170 
ILE HG12 H  N N 171 
ILE HG13 H  N N 172 
ILE HG21 H  N N 173 
ILE HG22 H  N N 174 
ILE HG23 H  N N 175 
ILE HD11 H  N N 176 
ILE HD12 H  N N 177 
ILE HD13 H  N N 178 
ILE HXT  H  N N 179 
K7L N1   N  Y N 180 
K7L N3   N  Y N 181 
K7L C4   C  Y N 182 
K7L C5   C  Y N 183 
K7L C6   C  Y N 184 
K7L C1   C  Y N 185 
K7L C2   C  Y N 186 
K7L C3   C  Y N 187 
K7L N2   N  Y N 188 
K7L O1   O  N N 189 
K7L O2   O  N N 190 
K7L H4   H  N N 191 
K7L H5   H  N N 192 
K7L H2   H  N N 193 
K7L H1   H  N N 194 
K7L H3   H  N N 195 
LEU N    N  N N 196 
LEU CA   C  N S 197 
LEU C    C  N N 198 
LEU O    O  N N 199 
LEU CB   C  N N 200 
LEU CG   C  N N 201 
LEU CD1  C  N N 202 
LEU CD2  C  N N 203 
LEU OXT  O  N N 204 
LEU H    H  N N 205 
LEU H2   H  N N 206 
LEU HA   H  N N 207 
LEU HB2  H  N N 208 
LEU HB3  H  N N 209 
LEU HG   H  N N 210 
LEU HD11 H  N N 211 
LEU HD12 H  N N 212 
LEU HD13 H  N N 213 
LEU HD21 H  N N 214 
LEU HD22 H  N N 215 
LEU HD23 H  N N 216 
LEU HXT  H  N N 217 
LYS N    N  N N 218 
LYS CA   C  N S 219 
LYS C    C  N N 220 
LYS O    O  N N 221 
LYS CB   C  N N 222 
LYS CG   C  N N 223 
LYS CD   C  N N 224 
LYS CE   C  N N 225 
LYS NZ   N  N N 226 
LYS OXT  O  N N 227 
LYS H    H  N N 228 
LYS H2   H  N N 229 
LYS HA   H  N N 230 
LYS HB2  H  N N 231 
LYS HB3  H  N N 232 
LYS HG2  H  N N 233 
LYS HG3  H  N N 234 
LYS HD2  H  N N 235 
LYS HD3  H  N N 236 
LYS HE2  H  N N 237 
LYS HE3  H  N N 238 
LYS HZ1  H  N N 239 
LYS HZ2  H  N N 240 
LYS HZ3  H  N N 241 
LYS HXT  H  N N 242 
MET N    N  N N 243 
MET CA   C  N S 244 
MET C    C  N N 245 
MET O    O  N N 246 
MET CB   C  N N 247 
MET CG   C  N N 248 
MET SD   S  N N 249 
MET CE   C  N N 250 
MET OXT  O  N N 251 
MET H    H  N N 252 
MET H2   H  N N 253 
MET HA   H  N N 254 
MET HB2  H  N N 255 
MET HB3  H  N N 256 
MET HG2  H  N N 257 
MET HG3  H  N N 258 
MET HE1  H  N N 259 
MET HE2  H  N N 260 
MET HE3  H  N N 261 
MET HXT  H  N N 262 
PHE N    N  N N 263 
PHE CA   C  N S 264 
PHE C    C  N N 265 
PHE O    O  N N 266 
PHE CB   C  N N 267 
PHE CG   C  Y N 268 
PHE CD1  C  Y N 269 
PHE CD2  C  Y N 270 
PHE CE1  C  Y N 271 
PHE CE2  C  Y N 272 
PHE CZ   C  Y N 273 
PHE OXT  O  N N 274 
PHE H    H  N N 275 
PHE H2   H  N N 276 
PHE HA   H  N N 277 
PHE HB2  H  N N 278 
PHE HB3  H  N N 279 
PHE HD1  H  N N 280 
PHE HD2  H  N N 281 
PHE HE1  H  N N 282 
PHE HE2  H  N N 283 
PHE HZ   H  N N 284 
PHE HXT  H  N N 285 
PRO N    N  N N 286 
PRO CA   C  N S 287 
PRO C    C  N N 288 
PRO O    O  N N 289 
PRO CB   C  N N 290 
PRO CG   C  N N 291 
PRO CD   C  N N 292 
PRO OXT  O  N N 293 
PRO H    H  N N 294 
PRO HA   H  N N 295 
PRO HB2  H  N N 296 
PRO HB3  H  N N 297 
PRO HG2  H  N N 298 
PRO HG3  H  N N 299 
PRO HD2  H  N N 300 
PRO HD3  H  N N 301 
PRO HXT  H  N N 302 
SER N    N  N N 303 
SER CA   C  N S 304 
SER C    C  N N 305 
SER O    O  N N 306 
SER CB   C  N N 307 
SER OG   O  N N 308 
SER OXT  O  N N 309 
SER H    H  N N 310 
SER H2   H  N N 311 
SER HA   H  N N 312 
SER HB2  H  N N 313 
SER HB3  H  N N 314 
SER HG   H  N N 315 
SER HXT  H  N N 316 
THR N    N  N N 317 
THR CA   C  N S 318 
THR C    C  N N 319 
THR O    O  N N 320 
THR CB   C  N R 321 
THR OG1  O  N N 322 
THR CG2  C  N N 323 
THR OXT  O  N N 324 
THR H    H  N N 325 
THR H2   H  N N 326 
THR HA   H  N N 327 
THR HB   H  N N 328 
THR HG1  H  N N 329 
THR HG21 H  N N 330 
THR HG22 H  N N 331 
THR HG23 H  N N 332 
THR HXT  H  N N 333 
TYR N    N  N N 334 
TYR CA   C  N S 335 
TYR C    C  N N 336 
TYR O    O  N N 337 
TYR CB   C  N N 338 
TYR CG   C  Y N 339 
TYR CD1  C  Y N 340 
TYR CD2  C  Y N 341 
TYR CE1  C  Y N 342 
TYR CE2  C  Y N 343 
TYR CZ   C  Y N 344 
TYR OH   O  N N 345 
TYR OXT  O  N N 346 
TYR H    H  N N 347 
TYR H2   H  N N 348 
TYR HA   H  N N 349 
TYR HB2  H  N N 350 
TYR HB3  H  N N 351 
TYR HD1  H  N N 352 
TYR HD2  H  N N 353 
TYR HE1  H  N N 354 
TYR HE2  H  N N 355 
TYR HH   H  N N 356 
TYR HXT  H  N N 357 
VAL N    N  N N 358 
VAL CA   C  N S 359 
VAL C    C  N N 360 
VAL O    O  N N 361 
VAL CB   C  N N 362 
VAL CG1  C  N N 363 
VAL CG2  C  N N 364 
VAL OXT  O  N N 365 
VAL H    H  N N 366 
VAL H2   H  N N 367 
VAL HA   H  N N 368 
VAL HB   H  N N 369 
VAL HG11 H  N N 370 
VAL HG12 H  N N 371 
VAL HG13 H  N N 372 
VAL HG21 H  N N 373 
VAL HG22 H  N N 374 
VAL HG23 H  N N 375 
VAL HXT  H  N N 376 
# 
loop_
_chem_comp_bond.comp_id 
_chem_comp_bond.atom_id_1 
_chem_comp_bond.atom_id_2 
_chem_comp_bond.value_order 
_chem_comp_bond.pdbx_aromatic_flag 
_chem_comp_bond.pdbx_stereo_config 
_chem_comp_bond.pdbx_ordinal 
ALA N   CA   sing N N 1   
ALA N   H    sing N N 2   
ALA N   H2   sing N N 3   
ALA CA  C    sing N N 4   
ALA CA  CB   sing N N 5   
ALA CA  HA   sing N N 6   
ALA C   O    doub N N 7   
ALA C   OXT  sing N N 8   
ALA CB  HB1  sing N N 9   
ALA CB  HB2  sing N N 10  
ALA CB  HB3  sing N N 11  
ALA OXT HXT  sing N N 12  
ARG N   CA   sing N N 13  
ARG N   H    sing N N 14  
ARG N   H2   sing N N 15  
ARG CA  C    sing N N 16  
ARG CA  CB   sing N N 17  
ARG CA  HA   sing N N 18  
ARG C   O    doub N N 19  
ARG C   OXT  sing N N 20  
ARG CB  CG   sing N N 21  
ARG CB  HB2  sing N N 22  
ARG CB  HB3  sing N N 23  
ARG CG  CD   sing N N 24  
ARG CG  HG2  sing N N 25  
ARG CG  HG3  sing N N 26  
ARG CD  NE   sing N N 27  
ARG CD  HD2  sing N N 28  
ARG CD  HD3  sing N N 29  
ARG NE  CZ   sing N N 30  
ARG NE  HE   sing N N 31  
ARG CZ  NH1  sing N N 32  
ARG CZ  NH2  doub N N 33  
ARG NH1 HH11 sing N N 34  
ARG NH1 HH12 sing N N 35  
ARG NH2 HH21 sing N N 36  
ARG NH2 HH22 sing N N 37  
ARG OXT HXT  sing N N 38  
ASN N   CA   sing N N 39  
ASN N   H    sing N N 40  
ASN N   H2   sing N N 41  
ASN CA  C    sing N N 42  
ASN CA  CB   sing N N 43  
ASN CA  HA   sing N N 44  
ASN C   O    doub N N 45  
ASN C   OXT  sing N N 46  
ASN CB  CG   sing N N 47  
ASN CB  HB2  sing N N 48  
ASN CB  HB3  sing N N 49  
ASN CG  OD1  doub N N 50  
ASN CG  ND2  sing N N 51  
ASN ND2 HD21 sing N N 52  
ASN ND2 HD22 sing N N 53  
ASN OXT HXT  sing N N 54  
ASP N   CA   sing N N 55  
ASP N   H    sing N N 56  
ASP N   H2   sing N N 57  
ASP CA  C    sing N N 58  
ASP CA  CB   sing N N 59  
ASP CA  HA   sing N N 60  
ASP C   O    doub N N 61  
ASP C   OXT  sing N N 62  
ASP CB  CG   sing N N 63  
ASP CB  HB2  sing N N 64  
ASP CB  HB3  sing N N 65  
ASP CG  OD1  doub N N 66  
ASP CG  OD2  sing N N 67  
ASP OD2 HD2  sing N N 68  
ASP OXT HXT  sing N N 69  
EDO C1  O1   sing N N 70  
EDO C1  C2   sing N N 71  
EDO C1  H11  sing N N 72  
EDO C1  H12  sing N N 73  
EDO O1  HO1  sing N N 74  
EDO C2  O2   sing N N 75  
EDO C2  H21  sing N N 76  
EDO C2  H22  sing N N 77  
EDO O2  HO2  sing N N 78  
GLN N   CA   sing N N 79  
GLN N   H    sing N N 80  
GLN N   H2   sing N N 81  
GLN CA  C    sing N N 82  
GLN CA  CB   sing N N 83  
GLN CA  HA   sing N N 84  
GLN C   O    doub N N 85  
GLN C   OXT  sing N N 86  
GLN CB  CG   sing N N 87  
GLN CB  HB2  sing N N 88  
GLN CB  HB3  sing N N 89  
GLN CG  CD   sing N N 90  
GLN CG  HG2  sing N N 91  
GLN CG  HG3  sing N N 92  
GLN CD  OE1  doub N N 93  
GLN CD  NE2  sing N N 94  
GLN NE2 HE21 sing N N 95  
GLN NE2 HE22 sing N N 96  
GLN OXT HXT  sing N N 97  
GLU N   CA   sing N N 98  
GLU N   H    sing N N 99  
GLU N   H2   sing N N 100 
GLU CA  C    sing N N 101 
GLU CA  CB   sing N N 102 
GLU CA  HA   sing N N 103 
GLU C   O    doub N N 104 
GLU C   OXT  sing N N 105 
GLU CB  CG   sing N N 106 
GLU CB  HB2  sing N N 107 
GLU CB  HB3  sing N N 108 
GLU CG  CD   sing N N 109 
GLU CG  HG2  sing N N 110 
GLU CG  HG3  sing N N 111 
GLU CD  OE1  doub N N 112 
GLU CD  OE2  sing N N 113 
GLU OE2 HE2  sing N N 114 
GLU OXT HXT  sing N N 115 
GLY N   CA   sing N N 116 
GLY N   H    sing N N 117 
GLY N   H2   sing N N 118 
GLY CA  C    sing N N 119 
GLY CA  HA2  sing N N 120 
GLY CA  HA3  sing N N 121 
GLY C   O    doub N N 122 
GLY C   OXT  sing N N 123 
GLY OXT HXT  sing N N 124 
HIS N   CA   sing N N 125 
HIS N   H    sing N N 126 
HIS N   H2   sing N N 127 
HIS CA  C    sing N N 128 
HIS CA  CB   sing N N 129 
HIS CA  HA   sing N N 130 
HIS C   O    doub N N 131 
HIS C   OXT  sing N N 132 
HIS CB  CG   sing N N 133 
HIS CB  HB2  sing N N 134 
HIS CB  HB3  sing N N 135 
HIS CG  ND1  sing Y N 136 
HIS CG  CD2  doub Y N 137 
HIS ND1 CE1  doub Y N 138 
HIS ND1 HD1  sing N N 139 
HIS CD2 NE2  sing Y N 140 
HIS CD2 HD2  sing N N 141 
HIS CE1 NE2  sing Y N 142 
HIS CE1 HE1  sing N N 143 
HIS NE2 HE2  sing N N 144 
HIS OXT HXT  sing N N 145 
HOH O   H1   sing N N 146 
HOH O   H2   sing N N 147 
ILE N   CA   sing N N 148 
ILE N   H    sing N N 149 
ILE N   H2   sing N N 150 
ILE CA  C    sing N N 151 
ILE CA  CB   sing N N 152 
ILE CA  HA   sing N N 153 
ILE C   O    doub N N 154 
ILE C   OXT  sing N N 155 
ILE CB  CG1  sing N N 156 
ILE CB  CG2  sing N N 157 
ILE CB  HB   sing N N 158 
ILE CG1 CD1  sing N N 159 
ILE CG1 HG12 sing N N 160 
ILE CG1 HG13 sing N N 161 
ILE CG2 HG21 sing N N 162 
ILE CG2 HG22 sing N N 163 
ILE CG2 HG23 sing N N 164 
ILE CD1 HD11 sing N N 165 
ILE CD1 HD12 sing N N 166 
ILE CD1 HD13 sing N N 167 
ILE OXT HXT  sing N N 168 
K7L O1  C1   sing N N 169 
K7L C1  C2   sing Y N 170 
K7L C2  C3   doub Y N 171 
K7L C3  O2   sing N N 172 
K7L C3  N1   sing Y N 173 
K7L N1  C4   sing Y N 174 
K7L C4  C5   doub Y N 175 
K7L C5  N2   sing Y N 176 
K7L N2  C6   doub Y N 177 
K7L C6  N3   sing Y N 178 
K7L C1  N3   doub Y N 179 
K7L N1  C6   sing Y N 180 
K7L C4  H4   sing N N 181 
K7L C5  H5   sing N N 182 
K7L C2  H2   sing N N 183 
K7L O1  H1   sing N N 184 
K7L O2  H3   sing N N 185 
LEU N   CA   sing N N 186 
LEU N   H    sing N N 187 
LEU N   H2   sing N N 188 
LEU CA  C    sing N N 189 
LEU CA  CB   sing N N 190 
LEU CA  HA   sing N N 191 
LEU C   O    doub N N 192 
LEU C   OXT  sing N N 193 
LEU CB  CG   sing N N 194 
LEU CB  HB2  sing N N 195 
LEU CB  HB3  sing N N 196 
LEU CG  CD1  sing N N 197 
LEU CG  CD2  sing N N 198 
LEU CG  HG   sing N N 199 
LEU CD1 HD11 sing N N 200 
LEU CD1 HD12 sing N N 201 
LEU CD1 HD13 sing N N 202 
LEU CD2 HD21 sing N N 203 
LEU CD2 HD22 sing N N 204 
LEU CD2 HD23 sing N N 205 
LEU OXT HXT  sing N N 206 
LYS N   CA   sing N N 207 
LYS N   H    sing N N 208 
LYS N   H2   sing N N 209 
LYS CA  C    sing N N 210 
LYS CA  CB   sing N N 211 
LYS CA  HA   sing N N 212 
LYS C   O    doub N N 213 
LYS C   OXT  sing N N 214 
LYS CB  CG   sing N N 215 
LYS CB  HB2  sing N N 216 
LYS CB  HB3  sing N N 217 
LYS CG  CD   sing N N 218 
LYS CG  HG2  sing N N 219 
LYS CG  HG3  sing N N 220 
LYS CD  CE   sing N N 221 
LYS CD  HD2  sing N N 222 
LYS CD  HD3  sing N N 223 
LYS CE  NZ   sing N N 224 
LYS CE  HE2  sing N N 225 
LYS CE  HE3  sing N N 226 
LYS NZ  HZ1  sing N N 227 
LYS NZ  HZ2  sing N N 228 
LYS NZ  HZ3  sing N N 229 
LYS OXT HXT  sing N N 230 
MET N   CA   sing N N 231 
MET N   H    sing N N 232 
MET N   H2   sing N N 233 
MET CA  C    sing N N 234 
MET CA  CB   sing N N 235 
MET CA  HA   sing N N 236 
MET C   O    doub N N 237 
MET C   OXT  sing N N 238 
MET CB  CG   sing N N 239 
MET CB  HB2  sing N N 240 
MET CB  HB3  sing N N 241 
MET CG  SD   sing N N 242 
MET CG  HG2  sing N N 243 
MET CG  HG3  sing N N 244 
MET SD  CE   sing N N 245 
MET CE  HE1  sing N N 246 
MET CE  HE2  sing N N 247 
MET CE  HE3  sing N N 248 
MET OXT HXT  sing N N 249 
PHE N   CA   sing N N 250 
PHE N   H    sing N N 251 
PHE N   H2   sing N N 252 
PHE CA  C    sing N N 253 
PHE CA  CB   sing N N 254 
PHE CA  HA   sing N N 255 
PHE C   O    doub N N 256 
PHE C   OXT  sing N N 257 
PHE CB  CG   sing N N 258 
PHE CB  HB2  sing N N 259 
PHE CB  HB3  sing N N 260 
PHE CG  CD1  doub Y N 261 
PHE CG  CD2  sing Y N 262 
PHE CD1 CE1  sing Y N 263 
PHE CD1 HD1  sing N N 264 
PHE CD2 CE2  doub Y N 265 
PHE CD2 HD2  sing N N 266 
PHE CE1 CZ   doub Y N 267 
PHE CE1 HE1  sing N N 268 
PHE CE2 CZ   sing Y N 269 
PHE CE2 HE2  sing N N 270 
PHE CZ  HZ   sing N N 271 
PHE OXT HXT  sing N N 272 
PRO N   CA   sing N N 273 
PRO N   CD   sing N N 274 
PRO N   H    sing N N 275 
PRO CA  C    sing N N 276 
PRO CA  CB   sing N N 277 
PRO CA  HA   sing N N 278 
PRO C   O    doub N N 279 
PRO C   OXT  sing N N 280 
PRO CB  CG   sing N N 281 
PRO CB  HB2  sing N N 282 
PRO CB  HB3  sing N N 283 
PRO CG  CD   sing N N 284 
PRO CG  HG2  sing N N 285 
PRO CG  HG3  sing N N 286 
PRO CD  HD2  sing N N 287 
PRO CD  HD3  sing N N 288 
PRO OXT HXT  sing N N 289 
SER N   CA   sing N N 290 
SER N   H    sing N N 291 
SER N   H2   sing N N 292 
SER CA  C    sing N N 293 
SER CA  CB   sing N N 294 
SER CA  HA   sing N N 295 
SER C   O    doub N N 296 
SER C   OXT  sing N N 297 
SER CB  OG   sing N N 298 
SER CB  HB2  sing N N 299 
SER CB  HB3  sing N N 300 
SER OG  HG   sing N N 301 
SER OXT HXT  sing N N 302 
THR N   CA   sing N N 303 
THR N   H    sing N N 304 
THR N   H2   sing N N 305 
THR CA  C    sing N N 306 
THR CA  CB   sing N N 307 
THR CA  HA   sing N N 308 
THR C   O    doub N N 309 
THR C   OXT  sing N N 310 
THR CB  OG1  sing N N 311 
THR CB  CG2  sing N N 312 
THR CB  HB   sing N N 313 
THR OG1 HG1  sing N N 314 
THR CG2 HG21 sing N N 315 
THR CG2 HG22 sing N N 316 
THR CG2 HG23 sing N N 317 
THR OXT HXT  sing N N 318 
TYR N   CA   sing N N 319 
TYR N   H    sing N N 320 
TYR N   H2   sing N N 321 
TYR CA  C    sing N N 322 
TYR CA  CB   sing N N 323 
TYR CA  HA   sing N N 324 
TYR C   O    doub N N 325 
TYR C   OXT  sing N N 326 
TYR CB  CG   sing N N 327 
TYR CB  HB2  sing N N 328 
TYR CB  HB3  sing N N 329 
TYR CG  CD1  doub Y N 330 
TYR CG  CD2  sing Y N 331 
TYR CD1 CE1  sing Y N 332 
TYR CD1 HD1  sing N N 333 
TYR CD2 CE2  doub Y N 334 
TYR CD2 HD2  sing N N 335 
TYR CE1 CZ   doub Y N 336 
TYR CE1 HE1  sing N N 337 
TYR CE2 CZ   sing Y N 338 
TYR CE2 HE2  sing N N 339 
TYR CZ  OH   sing N N 340 
TYR OH  HH   sing N N 341 
TYR OXT HXT  sing N N 342 
VAL N   CA   sing N N 343 
VAL N   H    sing N N 344 
VAL N   H2   sing N N 345 
VAL CA  C    sing N N 346 
VAL CA  CB   sing N N 347 
VAL CA  HA   sing N N 348 
VAL C   O    doub N N 349 
VAL C   OXT  sing N N 350 
VAL CB  CG1  sing N N 351 
VAL CB  CG2  sing N N 352 
VAL CB  HB   sing N N 353 
VAL CG1 HG11 sing N N 354 
VAL CG1 HG12 sing N N 355 
VAL CG1 HG13 sing N N 356 
VAL CG2 HG21 sing N N 357 
VAL CG2 HG22 sing N N 358 
VAL CG2 HG23 sing N N 359 
VAL OXT HXT  sing N N 360 
# 
_pdbx_audit_support.ordinal                1 
_pdbx_audit_support.funding_organization   'European Union (EU)' 
_pdbx_audit_support.grant_number           875510 
_pdbx_audit_support.country                'European Union' 
# 
_pdbx_deposit_group.group_id            G_1002273 
_pdbx_deposit_group.group_description   
;MAP1LC3B screened against the DSi-poised Fragment Library by X-ray Crystallography at the XChem facility of Diamond Light Source beamline I04-1
;
_pdbx_deposit_group.group_title         'PanDDA analysis group deposition' 
_pdbx_deposit_group.group_type          'changed state' 
# 
_atom_sites.entry_id                    7GAA 
_atom_sites.fract_transf_matrix[1][1]   0.00386375 
_atom_sites.fract_transf_matrix[1][2]   0.01597745 
_atom_sites.fract_transf_matrix[1][3]   -0.00148579 
_atom_sites.fract_transf_matrix[2][1]   0.00449629 
_atom_sites.fract_transf_matrix[2][2]   0.00038904 
_atom_sites.fract_transf_matrix[2][3]   0.01587599 
_atom_sites.fract_transf_matrix[3][1]   0.02597654 
_atom_sites.fract_transf_matrix[3][2]   -0.00695008 
_atom_sites.fract_transf_matrix[3][3]   -0.00718659 
_atom_sites.fract_transf_vector[1]      0.186314 
_atom_sites.fract_transf_vector[2]      -0.380843 
_atom_sites.fract_transf_vector[3]      0.023106 
# 
loop_
_atom_type.symbol 
C  
CL 
N  
O  
S  
# 
loop_
_atom_site.group_PDB 
_atom_site.id 
_atom_site.type_symbol 
_atom_site.label_atom_id 
_atom_site.label_alt_id 
_atom_site.label_comp_id 
_atom_site.label_asym_id 
_atom_site.label_entity_id 
_atom_site.label_seq_id 
_atom_site.pdbx_PDB_ins_code 
_atom_site.Cartn_x 
_atom_site.Cartn_y 
_atom_site.Cartn_z 
_atom_site.occupancy 
_atom_site.B_iso_or_equiv 
_atom_site.pdbx_formal_charge 
_atom_site.auth_seq_id 
_atom_site.auth_comp_id 
_atom_site.auth_asym_id 
_atom_site.auth_atom_id 
_atom_site.pdbx_PDB_model_num 
ATOM   1    N  N   . LYS A 1 6   ? -10.449 -6.874  11.590  1.00 117.50 ? 5   LYS A N   1 
ATOM   2    C  CA  . LYS A 1 6   ? -9.081  -6.269  11.727  1.00 127.18 ? 5   LYS A CA  1 
ATOM   3    C  C   . LYS A 1 6   ? -8.561  -5.754  10.375  1.00 121.78 ? 5   LYS A C   1 
ATOM   4    O  O   . LYS A 1 6   ? -8.274  -4.544  10.296  1.00 127.09 ? 5   LYS A O   1 
ATOM   5    C  CB  . LYS A 1 6   ? -8.098  -7.276  12.330  1.00 128.31 ? 5   LYS A CB  1 
ATOM   6    C  CG  . LYS A 1 6   ? -8.000  -7.235  13.846  1.00 125.42 ? 5   LYS A CG  1 
ATOM   7    C  CD  . LYS A 1 6   ? -7.608  -5.875  14.386  1.00 123.68 ? 5   LYS A CD  1 
ATOM   8    C  CE  . LYS A 1 6   ? -6.733  -5.965  15.615  1.00 127.41 ? 5   LYS A CE  1 
ATOM   9    N  NZ  . LYS A 1 6   ? -7.295  -6.901  16.620  1.00 132.00 ? 5   LYS A NZ  1 
ATOM   10   N  N   . THR A 1 7   ? -8.414  -6.629  9.367   1.00 111.81 ? 6   THR A N   1 
ATOM   11   C  CA  . THR A 1 7   ? -7.930  -6.275  7.996   1.00 94.35  ? 6   THR A CA  1 
ATOM   12   C  C   . THR A 1 7   ? -9.030  -5.503  7.268   1.00 85.22  ? 6   THR A C   1 
ATOM   13   O  O   . THR A 1 7   ? -10.210 -5.753  7.562   1.00 86.58  ? 6   THR A O   1 
ATOM   14   C  CB  . THR A 1 7   ? -7.488  -7.478  7.138   1.00 92.62  ? 6   THR A CB  1 
ATOM   15   O  OG1 . THR A 1 7   ? -8.625  -8.173  6.625   1.00 75.39  ? 6   THR A OG1 1 
ATOM   16   C  CG2 . THR A 1 7   ? -6.589  -8.461  7.860   1.00 95.19  ? 6   THR A CG2 1 
ATOM   17   N  N   . PHE A 1 8   ? -8.634  -4.620  6.348   1.00 76.54  ? 7   PHE A N   1 
ATOM   18   C  CA  . PHE A 1 8   ? -9.501  -3.724  5.536   1.00 74.07  ? 7   PHE A CA  1 
ATOM   19   C  C   . PHE A 1 8   ? -10.633 -4.488  4.837   1.00 78.30  ? 7   PHE A C   1 
ATOM   20   O  O   . PHE A 1 8   ? -11.805 -4.020  4.880   1.00 88.30  ? 7   PHE A O   1 
ATOM   21   C  CB  . PHE A 1 8   ? -8.680  -3.017  4.454   1.00 63.83  ? 7   PHE A CB  1 
ATOM   22   C  CG  . PHE A 1 8   ? -9.439  -1.961  3.698   1.00 56.58  ? 7   PHE A CG  1 
ATOM   23   C  CD1 . PHE A 1 8   ? -9.815  -0.781  4.321   1.00 61.11  ? 7   PHE A CD1 1 
ATOM   24   C  CD2 . PHE A 1 8   ? -9.782  -2.144  2.370   1.00 52.64  ? 7   PHE A CD2 1 
ATOM   25   C  CE1 . PHE A 1 8   ? -10.489 0.211   3.625   1.00 61.05  ? 7   PHE A CE1 1 
ATOM   26   C  CE2 . PHE A 1 8   ? -10.467 -1.156  1.680   1.00 59.90  ? 7   PHE A CE2 1 
ATOM   27   C  CZ  . PHE A 1 8   ? -10.822 0.020   2.304   1.00 60.54  ? 7   PHE A CZ  1 
ATOM   28   N  N   . LYS A 1 9   ? -10.298 -5.582  4.145   1.00 81.21  ? 8   LYS A N   1 
ATOM   29   C  CA  . LYS A 1 9   ? -11.263 -6.335  3.295   1.00 81.53  ? 8   LYS A CA  1 
ATOM   30   C  C   . LYS A 1 9   ? -12.396 -6.855  4.198   1.00 88.55  ? 8   LYS A C   1 
ATOM   31   O  O   . LYS A 1 9   ? -13.574 -6.839  3.761   1.00 81.99  ? 8   LYS A O   1 
ATOM   32   C  CB  . LYS A 1 9   ? -10.548 -7.458  2.531   1.00 79.64  ? 8   LYS A CB  1 
ATOM   33   C  CG  . LYS A 1 9   ? -9.910  -7.051  1.207   1.00 80.75  ? 8   LYS A CG  1 
ATOM   34   C  CD  . LYS A 1 9   ? -9.551  -8.213  0.313   1.00 75.48  ? 8   LYS A CD  1 
ATOM   35   C  CE  . LYS A 1 9   ? -9.089  -7.768  -1.058  1.00 79.38  ? 8   LYS A CE  1 
ATOM   36   N  NZ  . LYS A 1 9   ? -8.186  -8.763  -1.685  1.00 87.68  ? 8   LYS A NZ  1 
ATOM   37   N  N   . GLN A 1 10  ? -12.021 -7.281  5.413   1.00 80.71  ? 9   GLN A N   1 
ATOM   38   C  CA  . GLN A 1 10  ? -12.896 -7.711  6.538   1.00 82.30  ? 9   GLN A CA  1 
ATOM   39   C  C   . GLN A 1 10  ? -13.927 -6.631  6.926   1.00 77.95  ? 9   GLN A C   1 
ATOM   40   O  O   . GLN A 1 10  ? -15.112 -6.978  7.095   1.00 74.43  ? 9   GLN A O   1 
ATOM   41   C  CB  . GLN A 1 10  ? -12.032 -8.101  7.747   1.00 80.16  ? 9   GLN A CB  1 
ATOM   42   C  CG  . GLN A 1 10  ? -11.289 -9.423  7.563   1.00 82.55  ? 9   GLN A CG  1 
ATOM   43   C  CD  . GLN A 1 10  ? -10.416 -9.814  8.735   1.00 90.22  ? 9   GLN A CD  1 
ATOM   44   O  OE1 . GLN A 1 10  ? -10.158 -9.032  9.654   1.00 85.86  ? 9   GLN A OE1 1 
ATOM   45   N  NE2 . GLN A 1 10  ? -9.946  -11.054 8.713   1.00 91.73  ? 9   GLN A NE2 1 
ATOM   46   N  N   A ARG A 1 11  ? -13.482 -5.371  7.052   0.34 76.84  ? 10  ARG A N   1 
ATOM   47   N  N   B ARG A 1 11  ? -13.486 -5.372  7.040   0.17 75.87  ? 10  ARG A N   1 
ATOM   48   C  CA  A ARG A 1 11  ? -14.267 -4.226  7.599   0.34 71.98  ? 10  ARG A CA  1 
ATOM   49   C  CA  B ARG A 1 11  ? -14.274 -4.241  7.605   0.17 72.44  ? 10  ARG A CA  1 
ATOM   50   C  C   A ARG A 1 11  ? -15.288 -3.717  6.571   0.34 73.92  ? 10  ARG A C   1 
ATOM   51   C  C   B ARG A 1 11  ? -15.280 -3.702  6.575   0.17 73.28  ? 10  ARG A C   1 
ATOM   52   O  O   A ARG A 1 11  ? -16.372 -3.268  6.999   0.34 73.05  ? 10  ARG A O   1 
ATOM   53   O  O   B ARG A 1 11  ? -16.351 -3.229  7.010   0.17 72.65  ? 10  ARG A O   1 
ATOM   54   C  CB  A ARG A 1 11  ? -13.345 -3.074  8.013   0.34 75.06  ? 10  ARG A CB  1 
ATOM   55   C  CB  B ARG A 1 11  ? -13.335 -3.130  8.085   0.17 73.15  ? 10  ARG A CB  1 
ATOM   56   C  CG  A ARG A 1 11  ? -12.397 -3.395  9.163   0.34 77.92  ? 10  ARG A CG  1 
ATOM   57   C  CG  B ARG A 1 11  ? -12.483 -3.509  9.289   0.17 73.79  ? 10  ARG A CG  1 
ATOM   58   C  CD  A ARG A 1 11  ? -11.683 -2.161  9.701   0.34 82.12  ? 10  ARG A CD  1 
ATOM   59   C  CD  B ARG A 1 11  ? -11.525 -2.404  9.708   0.17 75.12  ? 10  ARG A CD  1 
ATOM   60   N  NE  A ARG A 1 11  ? -10.331 -1.960  9.184   0.34 84.41  ? 10  ARG A NE  1 
ATOM   61   N  NE  B ARG A 1 11  ? -10.139 -2.658  9.332   0.17 76.27  ? 10  ARG A NE  1 
ATOM   62   C  CZ  A ARG A 1 11  ? -9.951  -0.939  8.419   0.34 84.13  ? 10  ARG A CZ  1 
ATOM   63   C  CZ  B ARG A 1 11  ? -9.176  -1.741  9.334   0.17 74.26  ? 10  ARG A CZ  1 
ATOM   64   N  NH1 A ARG A 1 11  ? -10.822 -0.007  8.065   0.34 84.04  ? 10  ARG A NH1 1 
ATOM   65   N  NH1 B ARG A 1 11  ? -9.449  -0.495  9.684   0.17 76.64  ? 10  ARG A NH1 1 
ATOM   66   N  NH2 A ARG A 1 11  ? -8.696  -0.855  8.014   0.34 85.28  ? 10  ARG A NH2 1 
ATOM   67   N  NH2 B ARG A 1 11  ? -7.946  -2.068  8.980   0.17 73.49  ? 10  ARG A NH2 1 
ATOM   68   N  N   . ARG A 1 12  ? -14.962 -3.753  5.275   1.00 69.92  ? 11  ARG A N   1 
ATOM   69   C  CA  . ARG A 1 12  ? -15.854 -3.182  4.212   1.00 77.45  ? 11  ARG A CA  1 
ATOM   70   C  C   . ARG A 1 12  ? -16.315 -4.300  3.263   1.00 75.12  ? 11  ARG A C   1 
ATOM   71   O  O   . ARG A 1 12  ? -15.507 -5.197  2.976   1.00 70.16  ? 11  ARG A O   1 
ATOM   72   C  CB  . ARG A 1 12  ? -15.158 -2.024  3.471   1.00 85.83  ? 11  ARG A CB  1 
ATOM   73   C  CG  . ARG A 1 12  ? -14.591 -0.902  4.341   1.00 84.84  ? 11  ARG A CG  1 
ATOM   74   C  CD  . ARG A 1 12  ? -15.607 0.039   4.975   1.00 95.09  ? 11  ARG A CD  1 
ATOM   75   N  NE  . ARG A 1 12  ? -16.359 0.863   4.027   1.00 107.62 ? 11  ARG A NE  1 
ATOM   76   C  CZ  . ARG A 1 12  ? -17.384 1.668   4.345   1.00 109.11 ? 11  ARG A CZ  1 
ATOM   77   N  NH1 . ARG A 1 12  ? -17.803 1.774   5.598   1.00 112.98 ? 11  ARG A NH1 1 
ATOM   78   N  NH2 . ARG A 1 12  ? -17.992 2.367   3.404   1.00 109.99 ? 11  ARG A NH2 1 
ATOM   79   N  N   . THR A 1 13  ? -17.577 -4.252  2.811   1.00 73.56  ? 12  THR A N   1 
ATOM   80   C  CA  . THR A 1 13  ? -18.152 -5.180  1.795   1.00 65.86  ? 12  THR A CA  1 
ATOM   81   C  C   . THR A 1 13  ? -17.486 -4.900  0.430   1.00 69.63  ? 12  THR A C   1 
ATOM   82   O  O   . THR A 1 13  ? -17.161 -3.745  0.116   1.00 72.17  ? 12  THR A O   1 
ATOM   83   C  CB  . THR A 1 13  ? -19.686 -5.084  1.691   1.00 66.53  ? 12  THR A CB  1 
ATOM   84   O  OG1 . THR A 1 13  ? -20.065 -3.876  1.025   1.00 76.47  ? 12  THR A OG1 1 
ATOM   85   C  CG2 . THR A 1 13  ? -20.425 -5.149  3.013   1.00 65.91  ? 12  THR A CG2 1 
ATOM   86   N  N   . PHE A 1 14  ? -17.307 -5.911  -0.402  1.00 63.59  ? 13  PHE A N   1 
ATOM   87   C  CA  . PHE A 1 14  ? -16.792 -5.719  -1.774  1.00 69.82  ? 13  PHE A CA  1 
ATOM   88   C  C   . PHE A 1 14  ? -17.534 -4.536  -2.418  1.00 75.19  ? 13  PHE A C   1 
ATOM   89   O  O   . PHE A 1 14  ? -16.889 -3.744  -3.132  1.00 74.91  ? 13  PHE A O   1 
ATOM   90   C  CB  . PHE A 1 14  ? -16.913 -7.022  -2.561  1.00 64.24  ? 13  PHE A CB  1 
ATOM   91   C  CG  . PHE A 1 14  ? -16.335 -6.937  -3.943  1.00 60.62  ? 13  PHE A CG  1 
ATOM   92   C  CD1 . PHE A 1 14  ? -15.005 -7.246  -4.171  1.00 56.98  ? 13  PHE A CD1 1 
ATOM   93   C  CD2 . PHE A 1 14  ? -17.125 -6.542  -5.013  1.00 63.20  ? 13  PHE A CD2 1 
ATOM   94   C  CE1 . PHE A 1 14  ? -14.466 -7.147  -5.445  1.00 60.84  ? 13  PHE A CE1 1 
ATOM   95   C  CE2 . PHE A 1 14  ? -16.587 -6.452  -6.293  1.00 62.74  ? 13  PHE A CE2 1 
ATOM   96   C  CZ  . PHE A 1 14  ? -15.256 -6.744  -6.503  1.00 60.63  ? 13  PHE A CZ  1 
ATOM   97   N  N   . GLU A 1 15  ? -18.841 -4.414  -2.162  1.00 73.05  ? 14  GLU A N   1 
ATOM   98   C  CA  . GLU A 1 15  ? -19.739 -3.335  -2.673  1.00 81.23  ? 14  GLU A CA  1 
ATOM   99   C  C   . GLU A 1 15  ? -19.205 -1.938  -2.281  1.00 71.70  ? 14  GLU A C   1 
ATOM   100  O  O   . GLU A 1 15  ? -19.229 -0.995  -3.131  1.00 56.69  ? 14  GLU A O   1 
ATOM   101  C  CB  . GLU A 1 15  ? -21.150 -3.567  -2.111  1.00 92.11  ? 14  GLU A CB  1 
ATOM   102  C  CG  . GLU A 1 15  ? -22.265 -2.852  -2.865  1.00 98.42  ? 14  GLU A CG  1 
ATOM   103  C  CD  . GLU A 1 15  ? -23.671 -3.375  -2.584  1.00 103.25 ? 14  GLU A CD  1 
ATOM   104  O  OE1 . GLU A 1 15  ? -23.822 -4.592  -2.304  1.00 93.24  ? 14  GLU A OE1 1 
ATOM   105  O  OE2 . GLU A 1 15  ? -24.617 -2.565  -2.655  1.00 108.26 ? 14  GLU A OE2 1 
ATOM   106  N  N   . GLN A 1 16  ? -18.751 -1.811  -1.032  1.00 59.14  ? 15  GLN A N   1 
ATOM   107  C  CA  . GLN A 1 16  ? -18.362 -0.542  -0.369  1.00 65.45  ? 15  GLN A CA  1 
ATOM   108  C  C   . GLN A 1 16  ? -16.960 -0.111  -0.827  1.00 70.25  ? 15  GLN A C   1 
ATOM   109  O  O   . GLN A 1 16  ? -16.750 1.092   -1.140  1.00 66.85  ? 15  GLN A O   1 
ATOM   110  C  CB  . GLN A 1 16  ? -18.398 -0.763  1.142   1.00 67.67  ? 15  GLN A CB  1 
ATOM   111  C  CG  . GLN A 1 16  ? -19.811 -0.724  1.697   1.00 68.33  ? 15  GLN A CG  1 
ATOM   112  C  CD  . GLN A 1 16  ? -19.846 -1.049  3.164   1.00 66.82  ? 15  GLN A CD  1 
ATOM   113  O  OE1 . GLN A 1 16  ? -18.930 -1.680  3.710   1.00 51.19  ? 15  GLN A OE1 1 
ATOM   114  N  NE2 . GLN A 1 16  ? -20.936 -0.636  3.797   1.00 70.07  ? 15  GLN A NE2 1 
ATOM   115  N  N   A ARG A 1 17  ? -16.025 -1.067  -0.856  0.15 66.82  ? 16  ARG A N   1 
ATOM   116  N  N   B ARG A 1 17  ? -16.018 -1.058  -0.850  0.35 66.41  ? 16  ARG A N   1 
ATOM   117  C  CA  A ARG A 1 17  ? -14.642 -0.884  -1.370  0.15 66.47  ? 16  ARG A CA  1 
ATOM   118  C  CA  B ARG A 1 17  ? -14.642 -0.849  -1.372  0.35 66.91  ? 16  ARG A CA  1 
ATOM   119  C  C   A ARG A 1 17  ? -14.717 -0.420  -2.829  0.15 63.91  ? 16  ARG A C   1 
ATOM   120  C  C   B ARG A 1 17  ? -14.743 -0.392  -2.831  0.35 63.96  ? 16  ARG A C   1 
ATOM   121  O  O   A ARG A 1 17  ? -14.028 0.560   -3.169  0.15 64.93  ? 16  ARG A O   1 
ATOM   122  O  O   B ARG A 1 17  ? -14.122 0.631   -3.172  0.35 64.10  ? 16  ARG A O   1 
ATOM   123  C  CB  A ARG A 1 17  ? -13.840 -2.183  -1.222  0.15 67.03  ? 16  ARG A CB  1 
ATOM   124  C  CB  B ARG A 1 17  ? -13.812 -2.123  -1.185  0.35 66.52  ? 16  ARG A CB  1 
ATOM   125  C  CG  A ARG A 1 17  ? -13.797 -2.717  0.202   0.15 68.78  ? 16  ARG A CG  1 
ATOM   126  C  CG  B ARG A 1 17  ? -13.555 -2.464  0.275   0.35 69.06  ? 16  ARG A CG  1 
ATOM   127  C  CD  A ARG A 1 17  ? -12.762 -3.805  0.415   0.15 71.88  ? 16  ARG A CD  1 
ATOM   128  C  CD  B ARG A 1 17  ? -12.690 -3.695  0.476   0.35 75.57  ? 16  ARG A CD  1 
ATOM   129  N  NE  A ARG A 1 17  ? -12.832 -4.892  -0.554  0.15 75.40  ? 16  ARG A NE  1 
ATOM   130  N  NE  B ARG A 1 17  ? -13.442 -4.907  0.781   0.35 80.78  ? 16  ARG A NE  1 
ATOM   131  C  CZ  A ARG A 1 17  ? -13.173 -6.145  -0.267  0.15 76.28  ? 16  ARG A CZ  1 
ATOM   132  C  CZ  B ARG A 1 17  ? -13.650 -5.910  -0.071  0.35 85.27  ? 16  ARG A CZ  1 
ATOM   133  N  NH1 A ARG A 1 17  ? -13.486 -6.487  0.971   0.15 75.24  ? 16  ARG A NH1 1 
ATOM   134  N  NH1 B ARG A 1 17  ? -13.172 -5.856  -1.303  0.35 85.16  ? 16  ARG A NH1 1 
ATOM   135  N  NH2 A ARG A 1 17  ? -13.191 -7.056  -1.223  0.15 76.97  ? 16  ARG A NH2 1 
ATOM   136  N  NH2 B ARG A 1 17  ? -14.343 -6.967  0.313   0.35 85.78  ? 16  ARG A NH2 1 
ATOM   137  N  N   . VAL A 1 18  ? -15.543 -1.084  -3.645  1.00 59.33  ? 17  VAL A N   1 
ATOM   138  C  CA  . VAL A 1 18  ? -15.718 -0.719  -5.083  1.00 58.65  ? 17  VAL A CA  1 
ATOM   139  C  C   . VAL A 1 18  ? -16.217 0.732   -5.242  1.00 73.96  ? 17  VAL A C   1 
ATOM   140  O  O   . VAL A 1 18  ? -15.741 1.453   -6.183  1.00 60.29  ? 17  VAL A O   1 
ATOM   141  C  CB  . VAL A 1 18  ? -16.672 -1.699  -5.767  1.00 55.18  ? 17  VAL A CB  1 
ATOM   142  C  CG1 . VAL A 1 18  ? -17.249 -1.109  -7.044  1.00 57.07  ? 17  VAL A CG1 1 
ATOM   143  C  CG2 . VAL A 1 18  ? -15.984 -3.034  -6.017  1.00 59.17  ? 17  VAL A CG2 1 
ATOM   144  N  N   . GLU A 1 19  ? -17.174 1.142   -4.399  1.00 70.02  ? 18  GLU A N   1 
ATOM   145  C  CA  . GLU A 1 19  ? -17.816 2.469   -4.498  1.00 67.54  ? 18  GLU A CA  1 
ATOM   146  C  C   . GLU A 1 19  ? -16.845 3.550   -4.002  1.00 60.96  ? 18  GLU A C   1 
ATOM   147  O  O   . GLU A 1 19  ? -16.833 4.631   -4.632  1.00 60.78  ? 18  GLU A O   1 
ATOM   148  C  CB  . GLU A 1 19  ? -19.169 2.484   -3.782  1.00 78.74  ? 18  GLU A CB  1 
ATOM   149  C  CG  . GLU A 1 19  ? -20.317 2.472   -4.772  1.00 85.52  ? 18  GLU A CG  1 
ATOM   150  C  CD  . GLU A 1 19  ? -20.417 3.721   -5.630  1.00 95.73  ? 18  GLU A CD  1 
ATOM   151  O  OE1 . GLU A 1 19  ? -20.316 4.830   -5.059  1.00 106.68 ? 18  GLU A OE1 1 
ATOM   152  O  OE2 . GLU A 1 19  ? -20.596 3.588   -6.866  1.00 107.13 ? 18  GLU A OE2 1 
ATOM   153  N  N   . ASP A 1 20  ? -16.071 3.290   -2.938  1.00 56.20  ? 19  ASP A N   1 
ATOM   154  C  CA  . ASP A 1 20  ? -15.010 4.214   -2.458  1.00 59.65  ? 19  ASP A CA  1 
ATOM   155  C  C   . ASP A 1 20  ? -14.026 4.500   -3.594  1.00 59.10  ? 19  ASP A C   1 
ATOM   156  O  O   . ASP A 1 20  ? -13.756 5.681   -3.834  1.00 62.52  ? 19  ASP A O   1 
ATOM   157  C  CB  . ASP A 1 20  ? -14.236 3.694   -1.253  1.00 64.54  ? 19  ASP A CB  1 
ATOM   158  C  CG  . ASP A 1 20  ? -13.541 4.822   -0.493  1.00 82.45  ? 19  ASP A CG  1 
ATOM   159  O  OD1 . ASP A 1 20  ? -12.898 4.510   0.531   1.00 88.60  ? 19  ASP A OD1 1 
ATOM   160  O  OD2 . ASP A 1 20  ? -13.677 6.030   -0.903  1.00 87.51  ? 19  ASP A OD2 1 
ATOM   161  N  N   . VAL A 1 21  ? -13.536 3.455   -4.260  1.00 56.40  ? 20  VAL A N   1 
ATOM   162  C  CA  . VAL A 1 21  ? -12.550 3.561   -5.372  1.00 56.81  ? 20  VAL A CA  1 
ATOM   163  C  C   . VAL A 1 21  ? -13.178 4.428   -6.458  1.00 59.10  ? 20  VAL A C   1 
ATOM   164  O  O   . VAL A 1 21  ? -12.438 5.302   -6.978  1.00 52.33  ? 20  VAL A O   1 
ATOM   165  C  CB  . VAL A 1 21  ? -12.086 2.197   -5.933  1.00 53.70  ? 20  VAL A CB  1 
ATOM   166  C  CG1 . VAL A 1 21  ? -11.339 2.342   -7.263  1.00 57.11  ? 20  VAL A CG1 1 
ATOM   167  C  CG2 . VAL A 1 21  ? -11.235 1.448   -4.936  1.00 50.05  ? 20  VAL A CG2 1 
ATOM   168  N  N   . ARG A 1 22  ? -14.468 4.218   -6.761  1.00 58.49  ? 21  ARG A N   1 
ATOM   169  C  CA  . ARG A 1 22  ? -15.199 4.944   -7.837  1.00 64.31  ? 21  ARG A CA  1 
ATOM   170  C  C   . ARG A 1 22  ? -15.297 6.445   -7.511  1.00 65.79  ? 21  ARG A C   1 
ATOM   171  O  O   . ARG A 1 22  ? -15.359 7.248   -8.469  1.00 68.23  ? 21  ARG A O   1 
ATOM   172  C  CB  . ARG A 1 22  ? -16.614 4.393   -8.029  1.00 80.82  ? 21  ARG A CB  1 
ATOM   173  C  CG  . ARG A 1 22  ? -16.692 3.110   -8.844  1.00 90.64  ? 21  ARG A CG  1 
ATOM   174  C  CD  . ARG A 1 22  ? -18.123 2.625   -8.913  1.00 92.95  ? 21  ARG A CD  1 
ATOM   175  N  NE  . ARG A 1 22  ? -18.252 1.363   -9.615  1.00 97.32  ? 21  ARG A NE  1 
ATOM   176  C  CZ  . ARG A 1 22  ? -19.326 0.588   -9.568  1.00 102.21 ? 21  ARG A CZ  1 
ATOM   177  N  NH1 . ARG A 1 22  ? -20.368 0.949   -8.837  1.00 106.75 ? 21  ARG A NH1 1 
ATOM   178  N  NH2 . ARG A 1 22  ? -19.352 -0.547  -10.246 1.00 105.40 ? 21  ARG A NH2 1 
ATOM   179  N  N   . LEU A 1 23  ? -15.340 6.799   -6.221  1.00 62.81  ? 22  LEU A N   1 
ATOM   180  C  CA  . LEU A 1 23  ? -15.426 8.197   -5.712  1.00 68.09  ? 22  LEU A CA  1 
ATOM   181  C  C   . LEU A 1 23  ? -14.024 8.843   -5.727  1.00 62.52  ? 22  LEU A C   1 
ATOM   182  O  O   . LEU A 1 23  ? -13.929 10.010  -6.154  1.00 60.87  ? 22  LEU A O   1 
ATOM   183  C  CB  . LEU A 1 23  ? -16.010 8.157   -4.292  1.00 70.91  ? 22  LEU A CB  1 
ATOM   184  C  CG  . LEU A 1 23  ? -16.216 9.517   -3.624  1.00 83.57  ? 22  LEU A CG  1 
ATOM   185  C  CD1 . LEU A 1 23  ? -17.476 10.189  -4.169  1.00 82.97  ? 22  LEU A CD1 1 
ATOM   186  C  CD2 . LEU A 1 23  ? -16.262 9.382   -2.106  1.00 82.35  ? 22  LEU A CD2 1 
ATOM   187  N  N   . ILE A 1 24  ? -12.986 8.122   -5.269  1.00 55.90  ? 23  ILE A N   1 
ATOM   188  C  CA  . ILE A 1 24  ? -11.545 8.523   -5.374  1.00 49.34  ? 23  ILE A CA  1 
ATOM   189  C  C   . ILE A 1 24  ? -11.245 8.838   -6.842  1.00 44.25  ? 23  ILE A C   1 
ATOM   190  O  O   . ILE A 1 24  ? -10.636 9.892   -7.110  1.00 50.15  ? 23  ILE A O   1 
ATOM   191  C  CB  . ILE A 1 24  ? -10.617 7.460   -4.771  1.00 54.92  ? 23  ILE A CB  1 
ATOM   192  C  CG1 . ILE A 1 24  ? -10.886 7.252   -3.275  1.00 54.37  ? 23  ILE A CG1 1 
ATOM   193  C  CG2 . ILE A 1 24  ? -9.155  7.823   -5.022  1.00 65.84  ? 23  ILE A CG2 1 
ATOM   194  C  CD1 . ILE A 1 24  ? -10.169 6.053   -2.667  1.00 50.37  ? 23  ILE A CD1 1 
ATOM   195  N  N   . ARG A 1 25  ? -11.757 8.047   -7.780  1.00 44.11  ? 24  ARG A N   1 
ATOM   196  C  CA  . ARG A 1 25  ? -11.631 8.327   -9.241  1.00 52.42  ? 24  ARG A CA  1 
ATOM   197  C  C   . ARG A 1 25  ? -12.246 9.673   -9.607  1.00 57.37  ? 24  ARG A C   1 
ATOM   198  O  O   . ARG A 1 25  ? -11.777 10.249  -10.590 1.00 59.08  ? 24  ARG A O   1 
ATOM   199  C  CB  . ARG A 1 25  ? -12.297 7.272   -10.128 1.00 54.38  ? 24  ARG A CB  1 
ATOM   200  C  CG  . ARG A 1 25  ? -11.464 6.009   -10.299 1.00 63.61  ? 24  ARG A CG  1 
ATOM   201  C  CD  . ARG A 1 25  ? -11.793 5.203   -11.545 1.00 69.31  ? 24  ARG A CD  1 
ATOM   202  N  NE  . ARG A 1 25  ? -11.414 3.817   -11.301 1.00 77.75  ? 24  ARG A NE  1 
ATOM   203  C  CZ  . ARG A 1 25  ? -12.256 2.788   -11.304 1.00 90.33  ? 24  ARG A CZ  1 
ATOM   204  N  NH1 . ARG A 1 25  ? -13.541 2.954   -11.593 1.00 93.46  ? 24  ARG A NH1 1 
ATOM   205  N  NH2 . ARG A 1 25  ? -11.802 1.583   -11.020 1.00 94.49  ? 24  ARG A NH2 1 
ATOM   206  N  N   . GLU A 1 26  ? -13.319 10.084  -8.922  1.00 62.30  ? 25  GLU A N   1 
ATOM   207  C  CA  . GLU A 1 26  ? -14.145 11.265  -9.287  1.00 57.87  ? 25  GLU A CA  1 
ATOM   208  C  C   . GLU A 1 26  ? -13.556 12.511  -8.608  1.00 48.70  ? 25  GLU A C   1 
ATOM   209  O  O   . GLU A 1 26  ? -13.423 13.546  -9.261  1.00 53.44  ? 25  GLU A O   1 
ATOM   210  C  CB  . GLU A 1 26  ? -15.603 10.977  -8.897  1.00 70.76  ? 25  GLU A CB  1 
ATOM   211  C  CG  . GLU A 1 26  ? -16.633 11.715  -9.748  1.00 78.62  ? 25  GLU A CG  1 
ATOM   212  C  CD  . GLU A 1 26  ? -16.864 11.171  -11.153 1.00 83.50  ? 25  GLU A CD  1 
ATOM   213  O  OE1 . GLU A 1 26  ? -16.384 10.076  -11.436 1.00 85.04  ? 25  GLU A OE1 1 
ATOM   214  O  OE2 . GLU A 1 26  ? -17.545 11.838  -11.957 1.00 98.19  ? 25  GLU A OE2 1 
ATOM   215  N  N   . GLN A 1 27  ? -13.193 12.386  -7.336  1.00 45.94  ? 26  GLN A N   1 
ATOM   216  C  CA  . GLN A 1 27  ? -12.665 13.452  -6.464  1.00 51.06  ? 26  GLN A CA  1 
ATOM   217  C  C   . GLN A 1 27  ? -11.130 13.552  -6.528  1.00 58.48  ? 26  GLN A C   1 
ATOM   218  O  O   . GLN A 1 27  ? -10.634 14.659  -6.261  1.00 51.04  ? 26  GLN A O   1 
ATOM   219  C  CB  . GLN A 1 27  ? -13.095 13.167  -5.026  1.00 58.63  ? 26  GLN A CB  1 
ATOM   220  C  CG  . GLN A 1 27  ? -14.582 13.430  -4.809  1.00 75.85  ? 26  GLN A CG  1 
ATOM   221  C  CD  . GLN A 1 27  ? -15.074 12.974  -3.457  1.00 90.88  ? 26  GLN A CD  1 
ATOM   222  O  OE1 . GLN A 1 27  ? -14.329 12.398  -2.658  1.00 98.87  ? 26  GLN A OE1 1 
ATOM   223  N  NE2 . GLN A 1 27  ? -16.352 13.224  -3.199  1.00 98.38  ? 26  GLN A NE2 1 
ATOM   224  N  N   . HIS A 1 28  ? -10.398 12.453  -6.782  1.00 50.83  ? 27  HIS A N   1 
ATOM   225  C  CA  . HIS A 1 28  ? -8.904  12.432  -6.810  1.00 46.35  ? 27  HIS A CA  1 
ATOM   226  C  C   . HIS A 1 28  ? -8.436  11.656  -8.024  1.00 42.12  ? 27  HIS A C   1 
ATOM   227  O  O   . HIS A 1 28  ? -7.787  10.625  -7.928  1.00 43.43  ? 27  HIS A O   1 
ATOM   228  C  CB  . HIS A 1 28  ? -8.336  11.884  -5.503  1.00 53.52  ? 27  HIS A CB  1 
ATOM   229  C  CG  . HIS A 1 28  ? -8.903  12.573  -4.304  1.00 70.02  ? 27  HIS A CG  1 
ATOM   230  N  ND1 . HIS A 1 28  ? -8.433  13.794  -3.867  1.00 66.61  ? 27  HIS A ND1 1 
ATOM   231  C  CD2 . HIS A 1 28  ? -9.907  12.223  -3.469  1.00 66.54  ? 27  HIS A CD2 1 
ATOM   232  C  CE1 . HIS A 1 28  ? -9.109  14.157  -2.800  1.00 72.36  ? 27  HIS A CE1 1 
ATOM   233  N  NE2 . HIS A 1 28  ? -10.020 13.215  -2.541  1.00 72.95  ? 27  HIS A NE2 1 
ATOM   234  N  N   . PRO A 1 29  ? -8.778  12.151  -9.217  1.00 41.51  ? 28  PRO A N   1 
ATOM   235  C  CA  . PRO A 1 29  ? -8.600  11.377  -10.436 1.00 43.65  ? 28  PRO A CA  1 
ATOM   236  C  C   . PRO A 1 29  ? -7.120  11.040  -10.712 1.00 46.10  ? 28  PRO A C   1 
ATOM   237  O  O   . PRO A 1 29  ? -6.874  9.989   -11.332 1.00 43.18  ? 28  PRO A O   1 
ATOM   238  C  CB  . PRO A 1 29  ? -9.240  12.265  -11.508 1.00 45.82  ? 28  PRO A CB  1 
ATOM   239  C  CG  . PRO A 1 29  ? -9.100  13.680  -10.931 1.00 48.60  ? 28  PRO A CG  1 
ATOM   240  C  CD  . PRO A 1 29  ? -9.324  13.491  -9.453  1.00 45.57  ? 28  PRO A CD  1 
ATOM   241  N  N   . THR A 1 30  ? -6.177  11.851  -10.224 1.00 43.98  ? 29  THR A N   1 
ATOM   242  C  CA  . THR A 1 30  ? -4.724  11.628  -10.507 1.00 44.86  ? 29  THR A CA  1 
ATOM   243  C  C   . THR A 1 30  ? -4.030  10.785  -9.429  1.00 39.70  ? 29  THR A C   1 
ATOM   244  O  O   . THR A 1 30  ? -2.791  10.568  -9.573  1.00 44.61  ? 29  THR A O   1 
ATOM   245  C  CB  . THR A 1 30  ? -3.909  12.922  -10.683 1.00 39.19  ? 29  THR A CB  1 
ATOM   246  O  OG1 . THR A 1 30  ? -3.743  13.436  -9.369  1.00 37.70  ? 29  THR A OG1 1 
ATOM   247  C  CG2 . THR A 1 30  ? -4.505  13.894  -11.671 1.00 36.15  ? 29  THR A CG2 1 
ATOM   248  N  N   . LYS A 1 31  ? -4.761  10.260  -8.447  1.00 43.34  ? 30  LYS A N   1 
ATOM   249  C  CA  . LYS A 1 31  ? -4.181  9.507   -7.310  1.00 40.24  ? 30  LYS A CA  1 
ATOM   250  C  C   . LYS A 1 31  ? -4.453  8.015   -7.478  1.00 41.68  ? 30  LYS A C   1 
ATOM   251  O  O   . LYS A 1 31  ? -5.547  7.659   -7.931  1.00 40.44  ? 30  LYS A O   1 
ATOM   252  C  CB  . LYS A 1 31  ? -4.790  9.976   -5.994  1.00 43.58  ? 30  LYS A CB  1 
ATOM   253  C  CG  . LYS A 1 31  ? -4.505  11.423  -5.641  1.00 47.54  ? 30  LYS A CG  1 
ATOM   254  C  CD  . LYS A 1 31  ? -3.038  11.750  -5.793  1.00 51.88  ? 30  LYS A CD  1 
ATOM   255  C  CE  . LYS A 1 31  ? -2.773  13.236  -5.894  1.00 53.15  ? 30  LYS A CE  1 
ATOM   256  N  NZ  . LYS A 1 31  ? -3.591  13.949  -4.897  1.00 54.57  ? 30  LYS A NZ  1 
ATOM   257  N  N   . ILE A 1 32  ? -3.512  7.193   -7.008  1.00 41.58  ? 31  ILE A N   1 
ATOM   258  C  CA  . ILE A 1 32  ? -3.660  5.713   -6.913  1.00 41.94  ? 31  ILE A CA  1 
ATOM   259  C  C   . ILE A 1 32  ? -4.181  5.406   -5.506  1.00 46.17  ? 31  ILE A C   1 
ATOM   260  O  O   . ILE A 1 32  ? -3.622  5.866   -4.502  1.00 46.74  ? 31  ILE A O   1 
ATOM   261  C  CB  . ILE A 1 32  ? -2.323  4.994   -7.227  1.00 40.09  ? 31  ILE A CB  1 
ATOM   262  C  CG1 . ILE A 1 32  ? -1.788  5.301   -8.627  1.00 39.56  ? 31  ILE A CG1 1 
ATOM   263  C  CG2 . ILE A 1 32  ? -2.450  3.497   -6.997  1.00 40.80  ? 31  ILE A CG2 1 
ATOM   264  C  CD1 . ILE A 1 32  ? -2.772  5.169   -9.781  1.00 38.71  ? 31  ILE A CD1 1 
ATOM   265  N  N   . PRO A 1 33  ? -5.300  4.656   -5.400  1.00 44.65  ? 32  PRO A N   1 
ATOM   266  C  CA  . PRO A 1 33  ? -5.829  4.220   -4.112  1.00 45.10  ? 32  PRO A CA  1 
ATOM   267  C  C   . PRO A 1 33  ? -5.099  2.980   -3.606  1.00 43.55  ? 32  PRO A C   1 
ATOM   268  O  O   . PRO A 1 33  ? -5.171  1.917   -4.216  1.00 43.40  ? 32  PRO A O   1 
ATOM   269  C  CB  . PRO A 1 33  ? -7.299  3.886   -4.419  1.00 46.90  ? 32  PRO A CB  1 
ATOM   270  C  CG  . PRO A 1 33  ? -7.304  3.461   -5.886  1.00 47.61  ? 32  PRO A CG  1 
ATOM   271  C  CD  . PRO A 1 33  ? -6.151  4.219   -6.524  1.00 49.12  ? 32  PRO A CD  1 
ATOM   272  N  N   . VAL A 1 34  ? -4.434  3.150   -2.480  1.00 43.61  ? 33  VAL A N   1 
ATOM   273  C  CA  . VAL A 1 34  ? -3.503  2.140   -1.920  1.00 45.19  ? 33  VAL A CA  1 
ATOM   274  C  C   . VAL A 1 34  ? -3.989  1.849   -0.492  1.00 50.72  ? 33  VAL A C   1 
ATOM   275  O  O   . VAL A 1 34  ? -4.168  2.802   0.298   1.00 51.46  ? 33  VAL A O   1 
ATOM   276  C  CB  . VAL A 1 34  ? -2.036  2.619   -1.977  1.00 43.01  ? 33  VAL A CB  1 
ATOM   277  C  CG1 . VAL A 1 34  ? -1.075  1.581   -1.421  1.00 44.06  ? 33  VAL A CG1 1 
ATOM   278  C  CG2 . VAL A 1 34  ? -1.624  3.029   -3.379  1.00 40.73  ? 33  VAL A CG2 1 
ATOM   279  N  N   . ILE A 1 35  ? -4.270  0.577   -0.228  1.00 49.15  ? 34  ILE A N   1 
ATOM   280  C  CA  . ILE A 1 35  ? -4.379  0.017   1.135   1.00 52.33  ? 34  ILE A CA  1 
ATOM   281  C  C   . ILE A 1 35  ? -2.993  -0.419  1.562   1.00 49.32  ? 34  ILE A C   1 
ATOM   282  O  O   . ILE A 1 35  ? -2.435  -1.229  0.827   1.00 49.43  ? 34  ILE A O   1 
ATOM   283  C  CB  . ILE A 1 35  ? -5.335  -1.178  1.129   1.00 57.11  ? 34  ILE A CB  1 
ATOM   284  C  CG1 . ILE A 1 35  ? -6.708  -0.802  0.560   1.00 58.40  ? 34  ILE A CG1 1 
ATOM   285  C  CG2 . ILE A 1 35  ? -5.411  -1.757  2.532   1.00 60.81  ? 34  ILE A CG2 1 
ATOM   286  C  CD1 . ILE A 1 35  ? -7.333  0.447   1.169   1.00 60.52  ? 34  ILE A CD1 1 
ATOM   287  N  N   . ILE A 1 36  ? -2.503  0.059   2.707   1.00 50.18  ? 35  ILE A N   1 
ATOM   288  C  CA  . ILE A 1 36  ? -1.201  -0.376  3.290   1.00 56.31  ? 35  ILE A CA  1 
ATOM   289  C  C   . ILE A 1 36  ? -1.440  -0.883  4.717   1.00 61.24  ? 35  ILE A C   1 
ATOM   290  O  O   . ILE A 1 36  ? -1.902  -0.117  5.556   1.00 55.14  ? 35  ILE A O   1 
ATOM   291  C  CB  . ILE A 1 36  ? -0.147  0.741   3.246   1.00 57.25  ? 35  ILE A CB  1 
ATOM   292  C  CG1 . ILE A 1 36  ? -0.110  1.428   1.874   1.00 62.06  ? 35  ILE A CG1 1 
ATOM   293  C  CG2 . ILE A 1 36  ? 1.208   0.173   3.642   1.00 58.58  ? 35  ILE A CG2 1 
ATOM   294  C  CD1 . ILE A 1 36  ? 0.787   2.660   1.815   1.00 61.31  ? 35  ILE A CD1 1 
ATOM   295  N  N   . GLU A 1 37  ? -1.094  -2.144  4.967   1.00 73.49  ? 36  GLU A N   1 
ATOM   296  C  CA  . GLU A 1 37  ? -1.423  -2.867  6.220   1.00 73.95  ? 36  GLU A CA  1 
ATOM   297  C  C   . GLU A 1 37  ? -0.147  -3.431  6.842   1.00 71.35  ? 36  GLU A C   1 
ATOM   298  O  O   . GLU A 1 37  ? 0.751   -3.818  6.110   1.00 55.92  ? 36  GLU A O   1 
ATOM   299  C  CB  . GLU A 1 37  ? -2.449  -3.947  5.890   1.00 72.56  ? 36  GLU A CB  1 
ATOM   300  C  CG  . GLU A 1 37  ? -3.749  -3.335  5.426   1.00 74.31  ? 36  GLU A CG  1 
ATOM   301  C  CD  . GLU A 1 37  ? -4.968  -4.220  5.520   1.00 75.43  ? 36  GLU A CD  1 
ATOM   302  O  OE1 . GLU A 1 37  ? -5.168  -5.032  4.611   1.00 69.29  ? 36  GLU A OE1 1 
ATOM   303  O  OE2 . GLU A 1 37  ? -5.733  -4.057  6.490   1.00 92.83  ? 36  GLU A OE2 1 
ATOM   304  N  N   . ARG A 1 38  ? -0.059  -3.447  8.167   1.00 76.46  ? 37  ARG A N   1 
ATOM   305  C  CA  . ARG A 1 38  ? 1.075   -4.115  8.839   1.00 71.68  ? 37  ARG A CA  1 
ATOM   306  C  C   . ARG A 1 38  ? 0.862   -5.626  8.723   1.00 77.76  ? 37  ARG A C   1 
ATOM   307  O  O   . ARG A 1 38  ? -0.312  -6.072  8.793   1.00 77.21  ? 37  ARG A O   1 
ATOM   308  C  CB  . ARG A 1 38  ? 1.222   -3.690  10.299  1.00 76.58  ? 37  ARG A CB  1 
ATOM   309  C  CG  . ARG A 1 38  ? 2.534   -4.184  10.894  1.00 89.61  ? 37  ARG A CG  1 
ATOM   310  C  CD  . ARG A 1 38  ? 2.867   -3.623  12.259  1.00 101.26 ? 37  ARG A CD  1 
ATOM   311  N  NE  . ARG A 1 38  ? 2.056   -4.213  13.314  1.00 110.68 ? 37  ARG A NE  1 
ATOM   312  C  CZ  . ARG A 1 38  ? 2.429   -4.331  14.590  1.00 119.32 ? 37  ARG A CZ  1 
ATOM   313  N  NH1 . ARG A 1 38  ? 3.617   -3.901  14.991  1.00 104.58 ? 37  ARG A NH1 1 
ATOM   314  N  NH2 . ARG A 1 38  ? 1.609   -4.891  15.463  1.00 130.55 ? 37  ARG A NH2 1 
ATOM   315  N  N   . TYR A 1 39  ? 1.954   -6.369  8.505   1.00 80.50  ? 38  TYR A N   1 
ATOM   316  C  CA  . TYR A 1 39  ? 1.977   -7.850  8.528   1.00 79.95  ? 38  TYR A CA  1 
ATOM   317  C  C   . TYR A 1 39  ? 1.376   -8.330  9.855   1.00 87.56  ? 38  TYR A C   1 
ATOM   318  O  O   . TYR A 1 39  ? 1.697   -7.741  10.909  1.00 75.21  ? 38  TYR A O   1 
ATOM   319  C  CB  . TYR A 1 39  ? 3.397   -8.381  8.338   1.00 91.06  ? 38  TYR A CB  1 
ATOM   320  C  CG  . TYR A 1 39  ? 3.471   -9.885  8.388   1.00 100.30 ? 38  TYR A CG  1 
ATOM   321  C  CD1 . TYR A 1 39  ? 2.677   -10.654 7.551   1.00 102.78 ? 38  TYR A CD1 1 
ATOM   322  C  CD2 . TYR A 1 39  ? 4.310   -10.537 9.276   1.00 103.58 ? 38  TYR A CD2 1 
ATOM   323  C  CE1 . TYR A 1 39  ? 2.715   -12.034 7.587   1.00 111.04 ? 38  TYR A CE1 1 
ATOM   324  C  CE2 . TYR A 1 39  ? 4.368   -11.920 9.321   1.00 108.46 ? 38  TYR A CE2 1 
ATOM   325  C  CZ  . TYR A 1 39  ? 3.563   -12.667 8.476   1.00 119.42 ? 38  TYR A CZ  1 
ATOM   326  O  OH  . TYR A 1 39  ? 3.584   -14.031 8.487   1.00 151.98 ? 38  TYR A OH  1 
ATOM   327  N  N   . LYS A 1 40  ? 0.511   -9.349  9.823   1.00 93.51  ? 39  LYS A N   1 
ATOM   328  C  CA  . LYS A 1 40  ? -0.237  -9.771  11.033  1.00 91.48  ? 39  LYS A CA  1 
ATOM   329  C  C   . LYS A 1 40  ? 0.785   -10.284 12.059  1.00 83.45  ? 39  LYS A C   1 
ATOM   330  O  O   . LYS A 1 40  ? 0.556   -10.061 13.254  1.00 73.99  ? 39  LYS A O   1 
ATOM   331  C  CB  . LYS A 1 40  ? -1.356  -10.754 10.676  1.00 106.40 ? 39  LYS A CB  1 
ATOM   332  C  CG  . LYS A 1 40  ? -0.938  -12.207 10.480  1.00 125.30 ? 39  LYS A CG  1 
ATOM   333  C  CD  . LYS A 1 40  ? -2.063  -13.111 9.990   1.00 138.37 ? 39  LYS A CD  1 
ATOM   334  C  CE  . LYS A 1 40  ? -3.339  -13.013 10.807  1.00 149.00 ? 39  LYS A CE  1 
ATOM   335  N  NZ  . LYS A 1 40  ? -3.115  -13.376 12.225  1.00 154.83 ? 39  LYS A NZ  1 
ATOM   336  N  N   . GLY A 1 41  ? 1.917   -10.838 11.605  1.00 84.36  ? 40  GLY A N   1 
ATOM   337  C  CA  . GLY A 1 41  ? 3.023   -11.317 12.467  1.00 83.22  ? 40  GLY A CA  1 
ATOM   338  C  C   . GLY A 1 41  ? 3.925   -10.231 13.063  1.00 91.93  ? 40  GLY A C   1 
ATOM   339  O  O   . GLY A 1 41  ? 4.648   -10.551 14.024  1.00 104.46 ? 40  GLY A O   1 
ATOM   340  N  N   . GLU A 1 42  ? 3.907   -8.992  12.556  1.00 98.73  ? 41  GLU A N   1 
ATOM   341  C  CA  . GLU A 1 42  ? 4.972   -7.965  12.801  1.00 94.10  ? 41  GLU A CA  1 
ATOM   342  C  C   . GLU A 1 42  ? 5.104   -7.585  14.290  1.00 92.87  ? 41  GLU A C   1 
ATOM   343  O  O   . GLU A 1 42  ? 4.071   -7.267  14.922  1.00 84.67  ? 41  GLU A O   1 
ATOM   344  C  CB  . GLU A 1 42  ? 4.695   -6.705  11.977  1.00 84.30  ? 41  GLU A CB  1 
ATOM   345  C  CG  . GLU A 1 42  ? 5.745   -5.617  12.149  1.00 76.24  ? 41  GLU A CG  1 
ATOM   346  C  CD  . GLU A 1 42  ? 7.145   -6.014  11.732  1.00 69.51  ? 41  GLU A CD  1 
ATOM   347  O  OE1 . GLU A 1 42  ? 7.271   -6.825  10.788  1.00 69.29  ? 41  GLU A OE1 1 
ATOM   348  O  OE2 . GLU A 1 42  ? 8.111   -5.493  12.337  1.00 66.93  ? 41  GLU A OE2 1 
ATOM   349  N  N   . LYS A 1 43  ? 6.354   -7.524  14.782  1.00 98.10  ? 42  LYS A N   1 
ATOM   350  C  CA  . LYS A 1 43  ? 6.721   -7.270  16.207  1.00 111.00 ? 42  LYS A CA  1 
ATOM   351  C  C   . LYS A 1 43  ? 7.514   -5.964  16.367  1.00 105.26 ? 42  LYS A C   1 
ATOM   352  O  O   . LYS A 1 43  ? 7.311   -5.296  17.399  1.00 113.52 ? 42  LYS A O   1 
ATOM   353  C  CB  . LYS A 1 43  ? 7.518   -8.457  16.760  1.00 121.42 ? 42  LYS A CB  1 
ATOM   354  C  CG  . LYS A 1 43  ? 6.734   -9.760  16.879  1.00 135.28 ? 42  LYS A CG  1 
ATOM   355  C  CD  . LYS A 1 43  ? 5.316   -9.572  17.407  1.00 148.64 ? 42  LYS A CD  1 
ATOM   356  C  CE  . LYS A 1 43  ? 4.641   -10.850 17.862  1.00 151.42 ? 42  LYS A CE  1 
ATOM   357  N  NZ  . LYS A 1 43  ? 3.271   -10.583 18.363  1.00 156.88 ? 42  LYS A NZ  1 
ATOM   358  N  N   . GLN A 1 44  ? 8.361   -5.603  15.396  1.00 98.37  ? 43  GLN A N   1 
ATOM   359  C  CA  . GLN A 1 44  ? 9.304   -4.450  15.484  1.00 101.68 ? 43  GLN A CA  1 
ATOM   360  C  C   . GLN A 1 44  ? 8.608   -3.130  15.065  1.00 93.79  ? 43  GLN A C   1 
ATOM   361  O  O   . GLN A 1 44  ? 8.544   -2.207  15.907  1.00 94.51  ? 43  GLN A O   1 
ATOM   362  C  CB  . GLN A 1 44  ? 10.557  -4.705  14.633  1.00 116.72 ? 43  GLN A CB  1 
ATOM   363  C  CG  . GLN A 1 44  ? 11.103  -6.130  14.690  1.00 129.29 ? 43  GLN A CG  1 
ATOM   364  C  CD  . GLN A 1 44  ? 11.550  -6.534  16.073  1.00 149.57 ? 43  GLN A CD  1 
ATOM   365  O  OE1 . GLN A 1 44  ? 12.426  -5.906  16.664  1.00 172.75 ? 43  GLN A OE1 1 
ATOM   366  N  NE2 . GLN A 1 44  ? 10.961  -7.600  16.594  1.00 162.25 ? 43  GLN A NE2 1 
ATOM   367  N  N   . LEU A 1 45  ? 8.121   -3.014  13.819  1.00 78.53  ? 44  LEU A N   1 
ATOM   368  C  CA  . LEU A 1 45  ? 7.682   -1.721  13.219  1.00 68.56  ? 44  LEU A CA  1 
ATOM   369  C  C   . LEU A 1 45  ? 6.360   -1.296  13.860  1.00 65.29  ? 44  LEU A C   1 
ATOM   370  O  O   . LEU A 1 45  ? 5.525   -2.145  14.177  1.00 63.43  ? 44  LEU A O   1 
ATOM   371  C  CB  . LEU A 1 45  ? 7.513   -1.867  11.700  1.00 69.02  ? 44  LEU A CB  1 
ATOM   372  C  CG  . LEU A 1 45  ? 8.733   -2.316  10.892  1.00 75.26  ? 44  LEU A CG  1 
ATOM   373  C  CD1 . LEU A 1 45  ? 8.326   -2.646  9.459   1.00 72.62  ? 44  LEU A CD1 1 
ATOM   374  C  CD2 . LEU A 1 45  ? 9.840   -1.270  10.904  1.00 72.81  ? 44  LEU A CD2 1 
ATOM   375  N  N   . PRO A 1 46  ? 6.123   0.024   14.061  1.00 60.85  ? 45  PRO A N   1 
ATOM   376  C  CA  . PRO A 1 46  ? 4.825   0.518   14.518  1.00 58.46  ? 45  PRO A CA  1 
ATOM   377  C  C   . PRO A 1 46  ? 3.706   0.309   13.496  1.00 66.93  ? 45  PRO A C   1 
ATOM   378  O  O   . PRO A 1 46  ? 4.030   0.010   12.377  1.00 74.03  ? 45  PRO A O   1 
ATOM   379  C  CB  . PRO A 1 46  ? 4.992   2.034   14.715  1.00 61.43  ? 45  PRO A CB  1 
ATOM   380  C  CG  . PRO A 1 46  ? 6.378   2.393   14.173  1.00 63.50  ? 45  PRO A CG  1 
ATOM   381  C  CD  . PRO A 1 46  ? 7.115   1.097   13.886  1.00 63.95  ? 45  PRO A CD  1 
ATOM   382  N  N   . VAL A 1 47  ? 2.443   0.501   13.897  1.00 75.76  ? 46  VAL A N   1 
ATOM   383  C  CA  . VAL A 1 47  ? 1.278   0.540   12.958  1.00 83.47  ? 46  VAL A CA  1 
ATOM   384  C  C   . VAL A 1 47  ? 1.155   1.958   12.400  1.00 77.47  ? 46  VAL A C   1 
ATOM   385  O  O   . VAL A 1 47  ? 1.502   2.899   13.141  1.00 69.39  ? 46  VAL A O   1 
ATOM   386  C  CB  . VAL A 1 47  ? -0.053  0.104   13.600  1.00 86.05  ? 46  VAL A CB  1 
ATOM   387  C  CG1 . VAL A 1 47  ? 0.049   -1.302  14.168  1.00 88.32  ? 46  VAL A CG1 1 
ATOM   388  C  CG2 . VAL A 1 47  ? -0.554  1.099   14.640  1.00 85.04  ? 46  VAL A CG2 1 
ATOM   389  N  N   . LEU A 1 48  ? 0.669   2.074   11.156  1.00 72.84  ? 47  LEU A N   1 
ATOM   390  C  CA  . LEU A 1 48  ? 0.409   3.365   10.464  1.00 72.17  ? 47  LEU A CA  1 
ATOM   391  C  C   . LEU A 1 48  ? -0.752  4.056   11.168  1.00 67.15  ? 47  LEU A C   1 
ATOM   392  O  O   . LEU A 1 48  ? -1.603  3.358   11.699  1.00 64.05  ? 47  LEU A O   1 
ATOM   393  C  CB  . LEU A 1 48  ? 0.041   3.132   8.995   1.00 73.53  ? 47  LEU A CB  1 
ATOM   394  C  CG  . LEU A 1 48  ? 1.165   2.706   8.056   1.00 68.48  ? 47  LEU A CG  1 
ATOM   395  C  CD1 . LEU A 1 48  ? 0.594   2.404   6.684   1.00 74.08  ? 47  LEU A CD1 1 
ATOM   396  C  CD2 . LEU A 1 48  ? 2.237   3.777   7.953   1.00 74.46  ? 47  LEU A CD2 1 
ATOM   397  N  N   . ASP A 1 49  ? -0.778  5.380   11.117  1.00 69.25  ? 48  ASP A N   1 
ATOM   398  C  CA  . ASP A 1 49  ? -1.894  6.210   11.625  1.00 67.84  ? 48  ASP A CA  1 
ATOM   399  C  C   . ASP A 1 49  ? -3.152  5.920   10.802  1.00 67.78  ? 48  ASP A C   1 
ATOM   400  O  O   . ASP A 1 49  ? -4.239  6.146   11.353  1.00 72.70  ? 48  ASP A O   1 
ATOM   401  C  CB  . ASP A 1 49  ? -1.503  7.691   11.666  1.00 68.90  ? 48  ASP A CB  1 
ATOM   402  C  CG  . ASP A 1 49  ? -0.969  8.260   10.361  1.00 85.91  ? 48  ASP A CG  1 
ATOM   403  O  OD1 . ASP A 1 49  ? -1.595  9.218   9.871   1.00 99.94  ? 48  ASP A OD1 1 
ATOM   404  O  OD2 . ASP A 1 49  ? 0.085   7.767   9.850   1.00 74.71  ? 48  ASP A OD2 1 
ATOM   405  N  N   . LYS A 1 50  ? -3.033  5.435   9.554   1.00 66.68  ? 49  LYS A N   1 
ATOM   406  C  CA  . LYS A 1 50  ? -4.208  5.145   8.675   1.00 61.43  ? 49  LYS A CA  1 
ATOM   407  C  C   . LYS A 1 50  ? -3.910  3.941   7.777   1.00 58.16  ? 49  LYS A C   1 
ATOM   408  O  O   . LYS A 1 50  ? -2.785  3.399   7.856   1.00 62.34  ? 49  LYS A O   1 
ATOM   409  C  CB  . LYS A 1 50  ? -4.645  6.399   7.901   1.00 65.68  ? 49  LYS A CB  1 
ATOM   410  C  CG  . LYS A 1 50  ? -3.805  6.799   6.700   1.00 68.65  ? 49  LYS A CG  1 
ATOM   411  C  CD  . LYS A 1 50  ? -4.217  8.124   6.091   1.00 72.99  ? 49  LYS A CD  1 
ATOM   412  C  CE  . LYS A 1 50  ? -3.409  8.490   4.860   1.00 75.29  ? 49  LYS A CE  1 
ATOM   413  N  NZ  . LYS A 1 50  ? -4.133  9.441   3.990   1.00 74.09  ? 49  LYS A NZ  1 
ATOM   414  N  N   A THR A 1 51  ? -4.876  3.529   6.948   0.06 58.31  ? 50  THR A N   1 
ATOM   415  N  N   B THR A 1 51  ? -4.909  3.550   6.970   0.45 58.01  ? 50  THR A N   1 
ATOM   416  C  CA  A THR A 1 51  ? -4.771  2.336   6.061   0.06 58.07  ? 50  THR A CA  1 
ATOM   417  C  CA  B THR A 1 51  ? -4.937  2.338   6.102   0.45 62.37  ? 50  THR A CA  1 
ATOM   418  C  C   A THR A 1 51  ? -4.915  2.730   4.583   0.06 57.81  ? 50  THR A C   1 
ATOM   419  C  C   B THR A 1 51  ? -4.953  2.715   4.615   0.45 59.62  ? 50  THR A C   1 
ATOM   420  O  O   A THR A 1 51  ? -4.212  2.116   3.756   0.06 58.13  ? 50  THR A O   1 
ATOM   421  O  O   B THR A 1 51  ? -4.240  2.062   3.823   0.45 62.17  ? 50  THR A O   1 
ATOM   422  C  CB  A THR A 1 51  ? -5.780  1.257   6.476   0.06 57.69  ? 50  THR A CB  1 
ATOM   423  C  CB  B THR A 1 51  ? -6.184  1.488   6.384   0.45 63.80  ? 50  THR A CB  1 
ATOM   424  O  OG1 A THR A 1 51  ? -5.568  0.115   5.646   0.06 56.65  ? 50  THR A OG1 1 
ATOM   425  O  OG1 B THR A 1 51  ? -6.181  1.096   7.756   0.45 69.74  ? 50  THR A OG1 1 
ATOM   426  C  CG2 A THR A 1 51  ? -7.220  1.709   6.378   0.06 57.49  ? 50  THR A CG2 1 
ATOM   427  C  CG2 B THR A 1 51  ? -6.258  0.258   5.508   0.45 63.09  ? 50  THR A CG2 1 
ATOM   428  N  N   . LYS A 1 52  ? -5.777  3.702   4.260   1.00 57.12  ? 51  LYS A N   1 
ATOM   429  C  CA  . LYS A 1 52  ? -6.034  4.136   2.863   1.00 57.99  ? 51  LYS A CA  1 
ATOM   430  C  C   . LYS A 1 52  ? -5.188  5.368   2.490   1.00 54.39  ? 51  LYS A C   1 
ATOM   431  O  O   . LYS A 1 52  ? -5.238  6.362   3.227   1.00 51.61  ? 51  LYS A O   1 
ATOM   432  C  CB  . LYS A 1 52  ? -7.524  4.450   2.797   1.00 54.72  ? 51  LYS A CB  1 
ATOM   433  C  CG  . LYS A 1 52  ? -8.079  4.729   1.422   1.00 63.33  ? 51  LYS A CG  1 
ATOM   434  C  CD  . LYS A 1 52  ? -9.587  4.760   1.453   1.00 80.25  ? 51  LYS A CD  1 
ATOM   435  C  CE  . LYS A 1 52  ? -10.158 5.792   2.410   1.00 81.38  ? 51  LYS A CE  1 
ATOM   436  N  NZ  . LYS A 1 52  ? -11.193 6.611   1.738   1.00 85.60  ? 51  LYS A NZ  1 
ATOM   437  N  N   . PHE A 1 53  ? -4.469  5.308   1.362   1.00 50.62  ? 52  PHE A N   1 
ATOM   438  C  CA  . PHE A 1 53  ? -3.497  6.334   0.898   1.00 48.17  ? 52  PHE A CA  1 
ATOM   439  C  C   . PHE A 1 53  ? -3.805  6.696   -0.548  1.00 47.02  ? 52  PHE A C   1 
ATOM   440  O  O   . PHE A 1 53  ? -4.095  5.800   -1.360  1.00 45.81  ? 52  PHE A O   1 
ATOM   441  C  CB  . PHE A 1 53  ? -2.068  5.808   1.017   1.00 50.20  ? 52  PHE A CB  1 
ATOM   442  C  CG  . PHE A 1 53  ? -1.651  5.609   2.442   1.00 48.08  ? 52  PHE A CG  1 
ATOM   443  C  CD1 . PHE A 1 53  ? -1.979  4.442   3.113   1.00 53.34  ? 52  PHE A CD1 1 
ATOM   444  C  CD2 . PHE A 1 53  ? -1.016  6.624   3.130   1.00 50.40  ? 52  PHE A CD2 1 
ATOM   445  C  CE1 . PHE A 1 53  ? -1.642  4.273   4.446   1.00 51.91  ? 52  PHE A CE1 1 
ATOM   446  C  CE2 . PHE A 1 53  ? -0.673  6.448   4.461   1.00 56.30  ? 52  PHE A CE2 1 
ATOM   447  C  CZ  . PHE A 1 53  ? -0.986  5.272   5.115   1.00 51.09  ? 52  PHE A CZ  1 
ATOM   448  N  N   . LEU A 1 54  ? -3.789  7.983   -0.850  1.00 46.45  ? 53  LEU A N   1 
ATOM   449  C  CA  . LEU A 1 54  ? -3.906  8.465   -2.244  1.00 47.17  ? 53  LEU A CA  1 
ATOM   450  C  C   . LEU A 1 54  ? -2.512  8.885   -2.711  1.00 46.05  ? 53  LEU A C   1 
ATOM   451  O  O   . LEU A 1 54  ? -2.065  10.015  -2.432  1.00 52.89  ? 53  LEU A O   1 
ATOM   452  C  CB  . LEU A 1 54  ? -4.932  9.595   -2.319  1.00 50.68  ? 53  LEU A CB  1 
ATOM   453  C  CG  . LEU A 1 54  ? -6.295  9.306   -1.685  1.00 51.96  ? 53  LEU A CG  1 
ATOM   454  C  CD1 . LEU A 1 54  ? -7.233  10.441  -1.993  1.00 53.99  ? 53  LEU A CD1 1 
ATOM   455  C  CD2 . LEU A 1 54  ? -6.892  7.988   -2.155  1.00 51.98  ? 53  LEU A CD2 1 
ATOM   456  N  N   . VAL A 1 55  ? -1.859  7.976   -3.412  1.00 44.87  ? 54  VAL A N   1 
ATOM   457  C  CA  . VAL A 1 55  ? -0.469  8.144   -3.893  1.00 43.00  ? 54  VAL A CA  1 
ATOM   458  C  C   . VAL A 1 55  ? -0.519  8.796   -5.277  1.00 42.73  ? 54  VAL A C   1 
ATOM   459  O  O   . VAL A 1 55  ? -1.210  8.335   -6.188  1.00 41.94  ? 54  VAL A O   1 
ATOM   460  C  CB  . VAL A 1 55  ? 0.273   6.794   -3.830  1.00 46.83  ? 54  VAL A CB  1 
ATOM   461  C  CG1 . VAL A 1 55  ? 1.724   6.919   -4.232  1.00 44.19  ? 54  VAL A CG1 1 
ATOM   462  C  CG2 . VAL A 1 55  ? 0.179   6.167   -2.443  1.00 48.68  ? 54  VAL A CG2 1 
ATOM   463  N  N   . PRO A 1 56  ? 0.214   9.924   -5.458  1.00 46.67  ? 55  PRO A N   1 
ATOM   464  C  CA  . PRO A 1 56  ? 0.395   10.544  -6.772  1.00 42.47  ? 55  PRO A CA  1 
ATOM   465  C  C   . PRO A 1 56  ? 0.904   9.514   -7.783  1.00 41.30  ? 55  PRO A C   1 
ATOM   466  O  O   . PRO A 1 56  ? 1.812   8.796   -7.449  1.00 43.27  ? 55  PRO A O   1 
ATOM   467  C  CB  . PRO A 1 56  ? 1.496   11.595  -6.587  1.00 43.38  ? 55  PRO A CB  1 
ATOM   468  C  CG  . PRO A 1 56  ? 1.601   11.825  -5.073  1.00 45.55  ? 55  PRO A CG  1 
ATOM   469  C  CD  . PRO A 1 56  ? 1.018   10.588  -4.413  1.00 45.87  ? 55  PRO A CD  1 
ATOM   470  N  N   . ASP A 1 57  ? 0.336   9.485   -8.991  1.00 44.64  ? 56  ASP A N   1 
ATOM   471  C  CA  . ASP A 1 57  ? 0.491   8.340   -9.919  1.00 47.01  ? 56  ASP A CA  1 
ATOM   472  C  C   . ASP A 1 57  ? 1.837   8.412   -10.663 1.00 40.86  ? 56  ASP A C   1 
ATOM   473  O  O   . ASP A 1 57  ? 2.170   7.395   -11.285 1.00 42.48  ? 56  ASP A O   1 
ATOM   474  C  CB  . ASP A 1 57  ? -0.716  8.180   -10.849 1.00 45.58  ? 56  ASP A CB  1 
ATOM   475  C  CG  . ASP A 1 57  ? -0.775  9.156   -12.006 1.00 49.64  ? 56  ASP A CG  1 
ATOM   476  O  OD1 . ASP A 1 57  ? -0.163  10.218  -11.878 1.00 46.41  ? 56  ASP A OD1 1 
ATOM   477  O  OD2 . ASP A 1 57  ? -1.454  8.837   -13.021 1.00 52.30  ? 56  ASP A OD2 1 
ATOM   478  N  N   . HIS A 1 58  ? 2.597   9.495   -10.549 1.00 41.96  ? 57  HIS A N   1 
ATOM   479  C  CA  . HIS A 1 58  ? 3.928   9.653   -11.209 1.00 47.50  ? 57  HIS A CA  1 
ATOM   480  C  C   . HIS A 1 58  ? 5.060   9.085   -10.342 1.00 47.95  ? 57  HIS A C   1 
ATOM   481  O  O   . HIS A 1 58  ? 6.161   8.865   -10.905 1.00 53.81  ? 57  HIS A O   1 
ATOM   482  C  CB  . HIS A 1 58  ? 4.239   11.128  -11.545 1.00 48.63  ? 57  HIS A CB  1 
ATOM   483  C  CG  . HIS A 1 58  ? 4.284   12.006  -10.345 1.00 50.45  ? 57  HIS A CG  1 
ATOM   484  N  ND1 . HIS A 1 58  ? 5.445   12.194  -9.601  1.00 53.99  ? 57  HIS A ND1 1 
ATOM   485  C  CD2 . HIS A 1 58  ? 3.303   12.689  -9.712  1.00 50.21  ? 57  HIS A CD2 1 
ATOM   486  C  CE1 . HIS A 1 58  ? 5.178   12.988  -8.570  1.00 59.38  ? 57  HIS A CE1 1 
ATOM   487  N  NE2 . HIS A 1 58  ? 3.875   13.316  -8.625  1.00 58.74  ? 57  HIS A NE2 1 
ATOM   488  N  N   . VAL A 1 59  ? 4.854   8.858   -9.039  1.00 45.81  ? 58  VAL A N   1 
ATOM   489  C  CA  . VAL A 1 59  ? 5.957   8.352   -8.151  1.00 46.07  ? 58  VAL A CA  1 
ATOM   490  C  C   . VAL A 1 59  ? 6.249   6.877   -8.484  1.00 48.85  ? 58  VAL A C   1 
ATOM   491  O  O   . VAL A 1 59  ? 5.322   6.132   -8.804  1.00 53.18  ? 58  VAL A O   1 
ATOM   492  C  CB  . VAL A 1 59  ? 5.658   8.561   -6.654  1.00 43.85  ? 58  VAL A CB  1 
ATOM   493  C  CG1 . VAL A 1 59  ? 5.205   9.985   -6.359  1.00 42.77  ? 58  VAL A CG1 1 
ATOM   494  C  CG2 . VAL A 1 59  ? 4.641   7.567   -6.136  1.00 46.79  ? 58  VAL A CG2 1 
ATOM   495  N  N   . ASN A 1 60  ? 7.519   6.469   -8.424  1.00 46.18  ? 59  ASN A N   1 
ATOM   496  C  CA  . ASN A 1 60  ? 7.935   5.053   -8.569  1.00 42.57  ? 59  ASN A CA  1 
ATOM   497  C  C   . ASN A 1 60  ? 7.931   4.374   -7.190  1.00 47.19  ? 59  ASN A C   1 
ATOM   498  O  O   . ASN A 1 60  ? 7.742   5.076   -6.175  1.00 42.20  ? 59  ASN A O   1 
ATOM   499  C  CB  . ASN A 1 60  ? 9.262   4.942   -9.337  1.00 46.21  ? 59  ASN A CB  1 
ATOM   500  C  CG  . ASN A 1 60  ? 10.466  5.426   -8.568  1.00 45.88  ? 59  ASN A CG  1 
ATOM   501  O  OD1 . ASN A 1 60  ? 10.443  5.539   -7.343  1.00 57.68  ? 59  ASN A OD1 1 
ATOM   502  N  ND2 . ASN A 1 60  ? 11.548  5.665   -9.280  1.00 57.79  ? 59  ASN A ND2 1 
ATOM   503  N  N   . MET A 1 61  ? 8.028   3.034   -7.160  1.00 44.96  ? 60  MET A N   1 
ATOM   504  C  CA  . MET A 1 61  ? 7.858   2.237   -5.923  1.00 50.14  ? 60  MET A CA  1 
ATOM   505  C  C   . MET A 1 61  ? 8.939   2.603   -4.897  1.00 50.79  ? 60  MET A C   1 
ATOM   506  O  O   . MET A 1 61  ? 8.655   2.570   -3.692  1.00 48.25  ? 60  MET A O   1 
ATOM   507  C  CB  . MET A 1 61  ? 7.934   0.736   -6.214  1.00 56.94  ? 60  MET A CB  1 
ATOM   508  C  CG  . MET A 1 61  ? 6.770   0.240   -6.997  1.00 57.90  ? 60  MET A CG  1 
ATOM   509  S  SD  . MET A 1 61  ? 5.224   0.603   -6.160  1.00 64.81  ? 60  MET A SD  1 
ATOM   510  C  CE  . MET A 1 61  ? 5.442   -0.229  -4.591  1.00 57.15  ? 60  MET A CE  1 
ATOM   511  N  N   A SER A 1 62  ? 10.151  2.927   -5.366  0.47 48.85  ? 61  SER A N   1 
ATOM   512  N  N   B SER A 1 62  ? 10.148  2.931   -5.371  0.04 48.88  ? 61  SER A N   1 
ATOM   513  C  CA  A SER A 1 62  ? 11.290  3.361   -4.518  0.47 51.57  ? 61  SER A CA  1 
ATOM   514  C  CA  B SER A 1 62  ? 11.299  3.364   -4.534  0.04 48.38  ? 61  SER A CA  1 
ATOM   515  C  C   A SER A 1 62  ? 10.891  4.617   -3.733  0.47 48.78  ? 61  SER A C   1 
ATOM   516  C  C   B SER A 1 62  ? 10.917  4.623   -3.745  0.04 47.79  ? 61  SER A C   1 
ATOM   517  O  O   A SER A 1 62  ? 11.135  4.655   -2.506  0.47 49.44  ? 61  SER A O   1 
ATOM   518  O  O   B SER A 1 62  ? 11.215  4.666   -2.537  0.04 47.77  ? 61  SER A O   1 
ATOM   519  C  CB  A SER A 1 62  ? 12.532  3.583   -5.353  0.47 53.41  ? 61  SER A CB  1 
ATOM   520  C  CB  B SER A 1 62  ? 12.542  3.580   -5.362  0.04 48.16  ? 61  SER A CB  1 
ATOM   521  O  OG  A SER A 1 62  ? 13.552  4.209   -4.593  0.47 59.37  ? 61  SER A OG  1 
ATOM   522  O  OG  B SER A 1 62  ? 12.438  4.758   -6.147  0.04 47.72  ? 61  SER A OG  1 
ATOM   523  N  N   . GLU A 1 63  ? 10.268  5.595   -4.399  1.00 46.63  ? 62  GLU A N   1 
ATOM   524  C  CA  . GLU A 1 63  ? 9.770   6.832   -3.714  1.00 47.83  ? 62  GLU A CA  1 
ATOM   525  C  C   . GLU A 1 63  ? 8.605   6.480   -2.753  1.00 48.14  ? 62  GLU A C   1 
ATOM   526  O  O   . GLU A 1 63  ? 8.623   7.012   -1.638  1.00 48.30  ? 62  GLU A O   1 
ATOM   527  C  CB  . GLU A 1 63  ? 9.452   7.927   -4.736  1.00 50.98  ? 62  GLU A CB  1 
ATOM   528  C  CG  . GLU A 1 63  ? 8.899   9.213   -4.140  1.00 51.23  ? 62  GLU A CG  1 
ATOM   529  C  CD  . GLU A 1 63  ? 9.683   9.789   -2.981  1.00 49.59  ? 62  GLU A CD  1 
ATOM   530  O  OE1 . GLU A 1 63  ? 10.898  9.497   -2.879  1.00 51.79  ? 62  GLU A OE1 1 
ATOM   531  O  OE2 . GLU A 1 63  ? 9.087   10.517  -2.166  1.00 48.56  ? 62  GLU A OE2 1 
ATOM   532  N  N   . LEU A 1 64  ? 7.671   5.569   -3.090  1.00 53.51  ? 63  LEU A N   1 
ATOM   533  C  CA  . LEU A 1 64  ? 6.618   5.105   -2.132  1.00 46.78  ? 63  LEU A CA  1 
ATOM   534  C  C   . LEU A 1 64  ? 7.228   4.418   -0.891  1.00 46.13  ? 63  LEU A C   1 
ATOM   535  O  O   . LEU A 1 64  ? 6.716   4.632   0.237   1.00 47.00  ? 63  LEU A O   1 
ATOM   536  C  CB  . LEU A 1 64  ? 5.597   4.173   -2.783  1.00 46.17  ? 63  LEU A CB  1 
ATOM   537  C  CG  . LEU A 1 64  ? 4.446   3.799   -1.841  1.00 48.60  ? 63  LEU A CG  1 
ATOM   538  C  CD1 . LEU A 1 64  ? 3.792   5.047   -1.257  1.00 49.76  ? 63  LEU A CD1 1 
ATOM   539  C  CD2 . LEU A 1 64  ? 3.401   2.924   -2.526  1.00 51.54  ? 63  LEU A CD2 1 
ATOM   540  N  N   . ILE A 1 65  ? 8.290   3.636   -1.037  1.00 51.35  ? 64  ILE A N   1 
ATOM   541  C  CA  . ILE A 1 65  ? 8.954   2.998   0.146   1.00 54.61  ? 64  ILE A CA  1 
ATOM   542  C  C   . ILE A 1 65  ? 9.472   4.101   1.073   1.00 46.18  ? 64  ILE A C   1 
ATOM   543  O  O   . ILE A 1 65  ? 9.222   3.997   2.276   1.00 54.63  ? 64  ILE A O   1 
ATOM   544  C  CB  . ILE A 1 65  ? 10.059  1.993   -0.261  1.00 55.48  ? 64  ILE A CB  1 
ATOM   545  C  CG1 . ILE A 1 65  ? 9.489   0.779   -0.997  1.00 56.60  ? 64  ILE A CG1 1 
ATOM   546  C  CG2 . ILE A 1 65  ? 10.868  1.558   0.956   1.00 59.01  ? 64  ILE A CG2 1 
ATOM   547  C  CD1 . ILE A 1 65  ? 10.505  0.075   -1.847  1.00 60.73  ? 64  ILE A CD1 1 
ATOM   548  N  N   . LYS A 1 66  ? 10.112  5.149   0.523   1.00 48.32  ? 65  LYS A N   1 
ATOM   549  C  CA  . LYS A 1 66  ? 10.627  6.337   1.282   1.00 48.10  ? 65  LYS A CA  1 
ATOM   550  C  C   . LYS A 1 66  ? 9.520   7.152   1.984   1.00 49.34  ? 65  LYS A C   1 
ATOM   551  O  O   . LYS A 1 66  ? 9.722   7.570   3.136   1.00 42.98  ? 65  LYS A O   1 
ATOM   552  C  CB  . LYS A 1 66  ? 11.424  7.246   0.347   1.00 51.37  ? 65  LYS A CB  1 
ATOM   553  C  CG  . LYS A 1 66  ? 12.665  6.580   -0.237  1.00 52.94  ? 65  LYS A CG  1 
ATOM   554  C  CD  . LYS A 1 66  ? 13.630  7.544   -0.848  1.00 60.52  ? 65  LYS A CD  1 
ATOM   555  C  CE  . LYS A 1 66  ? 14.711  6.835   -1.639  1.00 72.89  ? 65  LYS A CE  1 
ATOM   556  N  NZ  . LYS A 1 66  ? 15.366  7.770   -2.581  1.00 85.35  ? 65  LYS A NZ  1 
ATOM   557  N  N   . ILE A 1 67  ? 8.423   7.436   1.299   1.00 44.92  ? 66  ILE A N   1 
ATOM   558  C  CA  . ILE A 1 67  ? 7.213   8.094   1.878   1.00 43.47  ? 66  ILE A CA  1 
ATOM   559  C  C   . ILE A 1 67  ? 6.740   7.368   3.150   1.00 46.11  ? 66  ILE A C   1 
ATOM   560  O  O   . ILE A 1 67  ? 6.478   8.034   4.166   1.00 45.21  ? 66  ILE A O   1 
ATOM   561  C  CB  . ILE A 1 67  ? 6.105   8.137   0.817   1.00 41.46  ? 66  ILE A CB  1 
ATOM   562  C  CG1 . ILE A 1 67  ? 6.468   9.081   -0.336  1.00 44.88  ? 66  ILE A CG1 1 
ATOM   563  C  CG2 . ILE A 1 67  ? 4.761   8.475   1.456   1.00 49.34  ? 66  ILE A CG2 1 
ATOM   564  C  CD1 . ILE A 1 67  ? 5.516   9.036   -1.518  1.00 46.91  ? 66  ILE A CD1 1 
ATOM   565  N  N   A ILE A 1 68  ? 6.609   6.037   3.097   0.17 47.77  ? 67  ILE A N   1 
ATOM   566  N  N   B ILE A 1 68  ? 6.601   6.038   3.081   0.34 50.09  ? 67  ILE A N   1 
ATOM   567  C  CA  A ILE A 1 68  ? 6.040   5.231   4.219   0.17 49.14  ? 67  ILE A CA  1 
ATOM   568  C  CA  B ILE A 1 68  ? 6.058   5.210   4.198   0.34 52.99  ? 67  ILE A CA  1 
ATOM   569  C  C   A ILE A 1 68  ? 7.081   5.095   5.342   0.17 51.29  ? 67  ILE A C   1 
ATOM   570  C  C   B ILE A 1 68  ? 7.088   5.150   5.334   0.34 55.08  ? 67  ILE A C   1 
ATOM   571  O  O   A ILE A 1 68  ? 6.662   5.114   6.514   0.17 52.21  ? 67  ILE A O   1 
ATOM   572  O  O   B ILE A 1 68  ? 6.676   5.300   6.497   0.34 56.24  ? 67  ILE A O   1 
ATOM   573  C  CB  A ILE A 1 68  ? 5.523   3.862   3.737   0.17 50.45  ? 67  ILE A CB  1 
ATOM   574  C  CB  B ILE A 1 68  ? 5.654   3.806   3.715   0.34 58.31  ? 67  ILE A CB  1 
ATOM   575  C  CG1 A ILE A 1 68  ? 4.355   4.007   2.754   0.17 50.32  ? 67  ILE A CG1 1 
ATOM   576  C  CG1 B ILE A 1 68  ? 4.589   3.874   2.616   0.34 60.75  ? 67  ILE A CG1 1 
ATOM   577  C  CG2 A ILE A 1 68  ? 5.151   2.990   4.926   0.17 50.94  ? 67  ILE A CG2 1 
ATOM   578  C  CG2 B ILE A 1 68  ? 5.200   2.958   4.895   0.34 59.17  ? 67  ILE A CG2 1 
ATOM   579  C  CD1 A ILE A 1 68  ? 3.252   4.935   3.223   0.17 49.14  ? 67  ILE A CD1 1 
ATOM   580  C  CD1 B ILE A 1 68  ? 4.548   2.655   1.722   0.34 61.51  ? 67  ILE A CD1 1 
ATOM   581  N  N   . ARG A 1 69  ? 8.374   4.964   5.011   1.00 51.15  ? 68  ARG A N   1 
ATOM   582  C  CA  . ARG A 1 69  ? 9.466   4.984   6.034   1.00 48.20  ? 68  ARG A CA  1 
ATOM   583  C  C   . ARG A 1 69  ? 9.472   6.348   6.720   1.00 49.95  ? 68  ARG A C   1 
ATOM   584  O  O   . ARG A 1 69  ? 9.745   6.376   7.940   1.00 53.65  ? 68  ARG A O   1 
ATOM   585  C  CB  . ARG A 1 69  ? 10.865  4.732   5.454   1.00 49.06  ? 68  ARG A CB  1 
ATOM   586  C  CG  . ARG A 1 69  ? 11.130  3.302   5.000   1.00 49.17  ? 68  ARG A CG  1 
ATOM   587  C  CD  . ARG A 1 69  ? 12.494  3.174   4.338   1.00 54.64  ? 68  ARG A CD  1 
ATOM   588  N  NE  . ARG A 1 69  ? 13.487  3.412   5.375   1.00 59.55  ? 68  ARG A NE  1 
ATOM   589  C  CZ  . ARG A 1 69  ? 14.025  2.482   6.169   1.00 64.39  ? 68  ARG A CZ  1 
ATOM   590  N  NH1 . ARG A 1 69  ? 13.745  1.189   6.018   1.00 58.50  ? 68  ARG A NH1 1 
ATOM   591  N  NH2 . ARG A 1 69  ? 14.856  2.873   7.121   1.00 58.76  ? 68  ARG A NH2 1 
ATOM   592  N  N   . ARG A 1 70  ? 9.175   7.436   5.993   1.00 47.81  ? 69  ARG A N   1 
ATOM   593  C  CA  . ARG A 1 70  ? 9.004   8.792   6.606   1.00 48.49  ? 69  ARG A CA  1 
ATOM   594  C  C   . ARG A 1 70  ? 7.705   8.819   7.436   1.00 51.72  ? 69  ARG A C   1 
ATOM   595  O  O   . ARG A 1 70  ? 7.716   9.306   8.588   1.00 52.75  ? 69  ARG A O   1 
ATOM   596  C  CB  . ARG A 1 70  ? 9.023   9.898   5.547   1.00 49.04  ? 69  ARG A CB  1 
ATOM   597  C  CG  . ARG A 1 70  ? 10.417  10.277  5.060   1.00 49.12  ? 69  ARG A CG  1 
ATOM   598  C  CD  . ARG A 1 70  ? 10.527  11.605  4.326   1.00 46.62  ? 69  ARG A CD  1 
ATOM   599  N  NE  . ARG A 1 70  ? 9.826   11.658  3.055   1.00 44.01  ? 69  ARG A NE  1 
ATOM   600  C  CZ  . ARG A 1 70  ? 10.287  11.273  1.863   1.00 46.42  ? 69  ARG A CZ  1 
ATOM   601  N  NH1 . ARG A 1 70  ? 11.508  10.785  1.716   1.00 46.41  ? 69  ARG A NH1 1 
ATOM   602  N  NH2 . ARG A 1 70  ? 9.510   11.382  0.795   1.00 40.98  ? 69  ARG A NH2 1 
ATOM   603  N  N   . ARG A 1 71  ? 6.621   8.259   6.914   1.00 50.91  ? 70  ARG A N   1 
ATOM   604  C  CA  . ARG A 1 71  ? 5.365   8.158   7.694   1.00 58.06  ? 70  ARG A CA  1 
ATOM   605  C  C   . ARG A 1 71  ? 5.603   7.377   8.999   1.00 63.29  ? 70  ARG A C   1 
ATOM   606  O  O   . ARG A 1 71  ? 5.132   7.864   10.036  1.00 62.70  ? 70  ARG A O   1 
ATOM   607  C  CB  . ARG A 1 71  ? 4.238   7.521   6.890   1.00 57.60  ? 70  ARG A CB  1 
ATOM   608  C  CG  . ARG A 1 71  ? 2.887   7.683   7.561   1.00 64.25  ? 70  ARG A CG  1 
ATOM   609  C  CD  . ARG A 1 71  ? 1.883   8.195   6.573   1.00 73.31  ? 70  ARG A CD  1 
ATOM   610  N  NE  . ARG A 1 71  ? 0.663   8.714   7.172   1.00 75.81  ? 70  ARG A NE  1 
ATOM   611  C  CZ  . ARG A 1 71  ? -0.114  9.618   6.582   1.00 74.64  ? 70  ARG A CZ  1 
ATOM   612  N  NH1 . ARG A 1 71  ? 0.225   10.110  5.398   1.00 68.49  ? 70  ARG A NH1 1 
ATOM   613  N  NH2 . ARG A 1 71  ? -1.220  10.037  7.175   1.00 78.38  ? 70  ARG A NH2 1 
ATOM   614  N  N   . LEU A 1 72  ? 6.295   6.228   8.959   1.00 62.97  ? 71  LEU A N   1 
ATOM   615  C  CA  . LEU A 1 72  ? 6.626   5.406   10.161  1.00 56.97  ? 71  LEU A CA  1 
ATOM   616  C  C   . LEU A 1 72  ? 7.694   6.081   11.031  1.00 56.15  ? 71  LEU A C   1 
ATOM   617  O  O   . LEU A 1 72  ? 7.903   5.595   12.140  1.00 61.70  ? 71  LEU A O   1 
ATOM   618  C  CB  . LEU A 1 72  ? 7.100   4.020   9.727   1.00 57.57  ? 71  LEU A CB  1 
ATOM   619  C  CG  . LEU A 1 72  ? 6.025   3.099   9.159   1.00 60.04  ? 71  LEU A CG  1 
ATOM   620  C  CD1 . LEU A 1 72  ? 6.631   1.789   8.656   1.00 60.26  ? 71  LEU A CD1 1 
ATOM   621  C  CD2 . LEU A 1 72  ? 4.928   2.851   10.180  1.00 62.87  ? 71  LEU A CD2 1 
ATOM   622  N  N   . GLN A 1 73  ? 8.320   7.165   10.554  1.00 62.33  ? 72  GLN A N   1 
ATOM   623  C  CA  . GLN A 1 73  ? 9.443   7.893   11.211  1.00 64.21  ? 72  GLN A CA  1 
ATOM   624  C  C   . GLN A 1 73  ? 10.623  6.941   11.532  1.00 63.43  ? 72  GLN A C   1 
ATOM   625  O  O   . GLN A 1 73  ? 11.438  7.250   12.426  1.00 65.93  ? 72  GLN A O   1 
ATOM   626  C  CB  . GLN A 1 73  ? 8.906   8.654   12.433  1.00 66.72  ? 72  GLN A CB  1 
ATOM   627  C  CG  . GLN A 1 73  ? 8.198   9.966   12.108  1.00 65.15  ? 72  GLN A CG  1 
ATOM   628  C  CD  . GLN A 1 73  ? 9.108   11.096  11.667  1.00 70.61  ? 72  GLN A CD  1 
ATOM   629  O  OE1 . GLN A 1 73  ? 9.649   11.831  12.493  1.00 62.49  ? 72  GLN A OE1 1 
ATOM   630  N  NE2 . GLN A 1 73  ? 9.250   11.287  10.355  1.00 67.47  ? 72  GLN A NE2 1 
ATOM   631  N  N   . LEU A 1 74  ? 10.831  5.885   10.747  1.00 65.22  ? 73  LEU A N   1 
ATOM   632  C  CA  . LEU A 1 74  ? 12.009  4.969   10.896  1.00 64.64  ? 73  LEU A CA  1 
ATOM   633  C  C   . LEU A 1 74  ? 13.330  5.756   10.872  1.00 57.99  ? 73  LEU A C   1 
ATOM   634  O  O   . LEU A 1 74  ? 13.350  6.877   10.365  1.00 68.40  ? 73  LEU A O   1 
ATOM   635  C  CB  . LEU A 1 74  ? 12.002  3.920   9.775   1.00 58.34  ? 73  LEU A CB  1 
ATOM   636  C  CG  . LEU A 1 74  ? 10.726  3.082   9.643   1.00 57.81  ? 73  LEU A CG  1 
ATOM   637  C  CD1 . LEU A 1 74  ? 10.978  1.826   8.838   1.00 56.12  ? 73  LEU A CD1 1 
ATOM   638  C  CD2 . LEU A 1 74  ? 10.174  2.710   11.009  1.00 63.54  ? 73  LEU A CD2 1 
ATOM   639  N  N   . ASN A 1 75  ? 14.401  5.173   11.420  1.00 71.10  ? 74  ASN A N   1 
ATOM   640  C  CA  . ASN A 1 75  ? 15.810  5.632   11.234  1.00 71.65  ? 74  ASN A CA  1 
ATOM   641  C  C   . ASN A 1 75  ? 16.482  4.688   10.238  1.00 69.50  ? 74  ASN A C   1 
ATOM   642  O  O   . ASN A 1 75  ? 15.858  3.650   9.895   1.00 66.82  ? 74  ASN A O   1 
ATOM   643  C  CB  . ASN A 1 75  ? 16.610  5.732   12.537  1.00 83.61  ? 74  ASN A CB  1 
ATOM   644  C  CG  . ASN A 1 75  ? 16.513  4.476   13.379  1.00 93.39  ? 74  ASN A CG  1 
ATOM   645  O  OD1 . ASN A 1 75  ? 16.986  3.405   12.981  1.00 87.35  ? 74  ASN A OD1 1 
ATOM   646  N  ND2 . ASN A 1 75  ? 15.879  4.592   14.538  1.00 95.79  ? 74  ASN A ND2 1 
ATOM   647  N  N   . ALA A 1 76  ? 17.699  5.035   9.815   1.00 69.44  ? 75  ALA A N   1 
ATOM   648  C  CA  . ALA A 1 76  ? 18.317  4.578   8.553   1.00 75.62  ? 75  ALA A CA  1 
ATOM   649  C  C   . ALA A 1 76  ? 18.711  3.106   8.638   1.00 82.58  ? 75  ALA A C   1 
ATOM   650  O  O   . ALA A 1 76  ? 18.860  2.512   7.568   1.00 87.45  ? 75  ALA A O   1 
ATOM   651  C  CB  . ALA A 1 76  ? 19.496  5.442   8.211   1.00 79.09  ? 75  ALA A CB  1 
ATOM   652  N  N   . ASN A 1 77  ? 18.861  2.523   9.834   1.00 92.67  ? 76  ASN A N   1 
ATOM   653  C  CA  . ASN A 1 77  ? 19.294  1.100   9.940   1.00 107.61 ? 76  ASN A CA  1 
ATOM   654  C  C   . ASN A 1 77  ? 18.135  0.214   10.427  1.00 101.09 ? 76  ASN A C   1 
ATOM   655  O  O   . ASN A 1 77  ? 18.396  -0.993  10.614  1.00 119.33 ? 76  ASN A O   1 
ATOM   656  C  CB  . ASN A 1 77  ? 20.595  0.939   10.739  1.00 114.73 ? 76  ASN A CB  1 
ATOM   657  C  CG  . ASN A 1 77  ? 20.718  1.924   11.879  1.00 122.32 ? 76  ASN A CG  1 
ATOM   658  O  OD1 . ASN A 1 77  ? 19.776  2.087   12.651  1.00 125.35 ? 76  ASN A OD1 1 
ATOM   659  N  ND2 . ASN A 1 77  ? 21.859  2.594   11.978  1.00 123.87 ? 76  ASN A ND2 1 
ATOM   660  N  N   . GLN A 1 78  ? 16.906  0.748   10.560  1.00 87.47  ? 77  GLN A N   1 
ATOM   661  C  CA  . GLN A 1 78  ? 15.658  -0.069  10.669  1.00 81.84  ? 77  GLN A CA  1 
ATOM   662  C  C   . GLN A 1 78  ? 15.371  -0.702  9.298   1.00 82.86  ? 77  GLN A C   1 
ATOM   663  O  O   . GLN A 1 78  ? 15.654  -0.059  8.261   1.00 80.92  ? 77  GLN A O   1 
ATOM   664  C  CB  . GLN A 1 78  ? 14.451  0.741   11.160  1.00 82.63  ? 77  GLN A CB  1 
ATOM   665  C  CG  . GLN A 1 78  ? 14.409  0.947   12.669  1.00 84.17  ? 77  GLN A CG  1 
ATOM   666  C  CD  . GLN A 1 78  ? 13.382  1.959   13.131  1.00 84.06  ? 77  GLN A CD  1 
ATOM   667  O  OE1 . GLN A 1 78  ? 13.576  3.167   13.036  1.00 85.50  ? 77  GLN A OE1 1 
ATOM   668  N  NE2 . GLN A 1 78  ? 12.286  1.478   13.691  1.00 85.08  ? 77  GLN A NE2 1 
ATOM   669  N  N   . ALA A 1 79  ? 14.864  -1.939  9.288   1.00 76.58  ? 78  ALA A N   1 
ATOM   670  C  CA  . ALA A 1 79  ? 14.534  -2.683  8.052   1.00 71.01  ? 78  ALA A CA  1 
ATOM   671  C  C   . ALA A 1 79  ? 13.043  -2.515  7.769   1.00 63.92  ? 78  ALA A C   1 
ATOM   672  O  O   . ALA A 1 79  ? 12.268  -2.363  8.719   1.00 61.91  ? 78  ALA A O   1 
ATOM   673  C  CB  . ALA A 1 79  ? 14.898  -4.143  8.171   1.00 76.32  ? 78  ALA A CB  1 
ATOM   674  N  N   . PHE A 1 80  ? 12.683  -2.555  6.491   1.00 61.16  ? 79  PHE A N   1 
ATOM   675  C  CA  . PHE A 1 80  ? 11.309  -2.313  6.002   1.00 63.47  ? 79  PHE A CA  1 
ATOM   676  C  C   . PHE A 1 80  ? 11.213  -2.920  4.602   1.00 67.41  ? 79  PHE A C   1 
ATOM   677  O  O   . PHE A 1 80  ? 12.084  -2.615  3.756   1.00 66.93  ? 79  PHE A O   1 
ATOM   678  C  CB  . PHE A 1 80  ? 10.998  -0.816  6.057   1.00 61.15  ? 79  PHE A CB  1 
ATOM   679  C  CG  . PHE A 1 80  ? 9.667   -0.437  5.478   1.00 59.17  ? 79  PHE A CG  1 
ATOM   680  C  CD1 . PHE A 1 80  ? 8.575   -0.221  6.294   1.00 58.30  ? 79  PHE A CD1 1 
ATOM   681  C  CD2 . PHE A 1 80  ? 9.504   -0.329  4.109   1.00 60.40  ? 79  PHE A CD2 1 
ATOM   682  C  CE1 . PHE A 1 80  ? 7.344   0.118   5.755   1.00 58.97  ? 79  PHE A CE1 1 
ATOM   683  C  CE2 . PHE A 1 80  ? 8.271   0.006   3.573   1.00 57.31  ? 79  PHE A CE2 1 
ATOM   684  C  CZ  . PHE A 1 80  ? 7.194   0.233   4.396   1.00 56.69  ? 79  PHE A CZ  1 
ATOM   685  N  N   . PHE A 1 81  ? 10.241  -3.819  4.425   1.00 71.85  ? 80  PHE A N   1 
ATOM   686  C  CA  . PHE A 1 81  ? 9.915   -4.525  3.159   1.00 66.65  ? 80  PHE A CA  1 
ATOM   687  C  C   . PHE A 1 81  ? 8.470   -4.179  2.870   1.00 68.18  ? 80  PHE A C   1 
ATOM   688  O  O   . PHE A 1 81  ? 7.707   -4.011  3.839   1.00 61.77  ? 80  PHE A O   1 
ATOM   689  C  CB  . PHE A 1 81  ? 10.210  -6.024  3.253   1.00 67.19  ? 80  PHE A CB  1 
ATOM   690  C  CG  . PHE A 1 81  ? 11.656  -6.289  3.584   1.00 69.66  ? 80  PHE A CG  1 
ATOM   691  C  CD1 . PHE A 1 81  ? 12.062  -6.483  4.897   1.00 78.47  ? 80  PHE A CD1 1 
ATOM   692  C  CD2 . PHE A 1 81  ? 12.625  -6.234  2.589   1.00 77.63  ? 80  PHE A CD2 1 
ATOM   693  C  CE1 . PHE A 1 81  ? 13.406  -6.673  5.197   1.00 83.39  ? 80  PHE A CE1 1 
ATOM   694  C  CE2 . PHE A 1 81  ? 13.966  -6.425  2.889   1.00 74.09  ? 80  PHE A CE2 1 
ATOM   695  C  CZ  . PHE A 1 81  ? 14.352  -6.645  4.192   1.00 82.91  ? 80  PHE A CZ  1 
ATOM   696  N  N   . LEU A 1 82  ? 8.172   -3.952  1.594   1.00 69.53  ? 81  LEU A N   1 
ATOM   697  C  CA  . LEU A 1 82  ? 6.836   -3.536  1.126   1.00 69.24  ? 81  LEU A CA  1 
ATOM   698  C  C   . LEU A 1 82  ? 6.381   -4.534  0.075   1.00 70.52  ? 81  LEU A C   1 
ATOM   699  O  O   . LEU A 1 82  ? 6.828   -4.420  -1.050  1.00 70.94  ? 81  LEU A O   1 
ATOM   700  C  CB  . LEU A 1 82  ? 6.878   -2.122  0.546   1.00 73.87  ? 81  LEU A CB  1 
ATOM   701  C  CG  . LEU A 1 82  ? 5.506   -1.511  0.268   1.00 71.10  ? 81  LEU A CG  1 
ATOM   702  C  CD1 . LEU A 1 82  ? 4.761   -1.229  1.567   1.00 67.24  ? 81  LEU A CD1 1 
ATOM   703  C  CD2 . LEU A 1 82  ? 5.649   -0.250  -0.564  1.00 74.74  ? 81  LEU A CD2 1 
ATOM   704  N  N   . LEU A 1 83  ? 5.523   -5.474  0.460   1.00 65.69  ? 82  LEU A N   1 
ATOM   705  C  CA  . LEU A 1 83  ? 4.916   -6.434  -0.475  1.00 60.51  ? 82  LEU A CA  1 
ATOM   706  C  C   . LEU A 1 83  ? 3.681   -5.804  -1.102  1.00 60.27  ? 82  LEU A C   1 
ATOM   707  O  O   . LEU A 1 83  ? 2.843   -5.267  -0.367  1.00 64.49  ? 82  LEU A O   1 
ATOM   708  C  CB  . LEU A 1 83  ? 4.512   -7.680  0.296   1.00 65.88  ? 82  LEU A CB  1 
ATOM   709  C  CG  . LEU A 1 83  ? 5.620   -8.348  1.086   1.00 71.62  ? 82  LEU A CG  1 
ATOM   710  C  CD1 . LEU A 1 83  ? 5.109   -9.674  1.616   1.00 71.37  ? 82  LEU A CD1 1 
ATOM   711  C  CD2 . LEU A 1 83  ? 6.853   -8.533  0.219   1.00 76.95  ? 82  LEU A CD2 1 
ATOM   712  N  N   . VAL A 1 84  ? 3.572   -5.931  -2.412  1.00 56.56  ? 83  VAL A N   1 
ATOM   713  C  CA  . VAL A 1 84  ? 2.387   -5.526  -3.198  1.00 62.02  ? 83  VAL A CA  1 
ATOM   714  C  C   . VAL A 1 84  ? 1.670   -6.823  -3.528  1.00 59.54  ? 83  VAL A C   1 
ATOM   715  O  O   . VAL A 1 84  ? 2.351   -7.720  -4.007  1.00 54.92  ? 83  VAL A O   1 
ATOM   716  C  CB  . VAL A 1 84  ? 2.793   -4.783  -4.481  1.00 57.38  ? 83  VAL A CB  1 
ATOM   717  C  CG1 . VAL A 1 84  ? 1.573   -4.369  -5.290  1.00 67.02  ? 83  VAL A CG1 1 
ATOM   718  C  CG2 . VAL A 1 84  ? 3.675   -3.592  -4.164  1.00 63.77  ? 83  VAL A CG2 1 
ATOM   719  N  N   . ASN A 1 85  ? 0.362   -6.887  -3.297  1.00 55.52  ? 84  ASN A N   1 
ATOM   720  C  CA  . ASN A 1 85  ? -0.537  -7.919  -3.867  1.00 58.81  ? 84  ASN A CA  1 
ATOM   721  C  C   . ASN A 1 85  ? -0.028  -9.273  -3.377  1.00 59.37  ? 84  ASN A C   1 
ATOM   722  O  O   . ASN A 1 85  ? 0.058   -10.204 -4.187  1.00 61.63  ? 84  ASN A O   1 
ATOM   723  C  CB  . ASN A 1 85  ? -0.563  -7.757  -5.388  1.00 64.66  ? 84  ASN A CB  1 
ATOM   724  C  CG  . ASN A 1 85  ? -1.620  -8.572  -6.082  1.00 69.63  ? 84  ASN A CG  1 
ATOM   725  O  OD1 . ASN A 1 85  ? -2.755  -8.618  -5.627  1.00 89.77  ? 84  ASN A OD1 1 
ATOM   726  N  ND2 . ASN A 1 85  ? -1.266  -9.177  -7.206  1.00 78.73  ? 84  ASN A ND2 1 
ATOM   727  N  N   . GLY A 1 86  ? 0.387   -9.343  -2.112  1.00 55.64  ? 85  GLY A N   1 
ATOM   728  C  CA  . GLY A 1 86  ? 0.998   -10.560 -1.553  1.00 66.07  ? 85  GLY A CA  1 
ATOM   729  C  C   . GLY A 1 86  ? 2.519   -10.585 -1.656  1.00 69.85  ? 85  GLY A C   1 
ATOM   730  O  O   . GLY A 1 86  ? 3.146   -10.670 -0.599  1.00 82.60  ? 85  GLY A O   1 
ATOM   731  N  N   . HIS A 1 87  ? 3.087   -10.501 -2.867  1.00 57.84  ? 86  HIS A N   1 
ATOM   732  C  CA  . HIS A 1 87  ? 4.481   -10.899 -3.209  1.00 55.56  ? 86  HIS A CA  1 
ATOM   733  C  C   . HIS A 1 87  ? 5.494   -9.728  -3.225  1.00 61.61  ? 86  HIS A C   1 
ATOM   734  O  O   . HIS A 1 87  ? 5.102   -8.532  -3.199  1.00 53.71  ? 86  HIS A O   1 
ATOM   735  C  CB  . HIS A 1 87  ? 4.489   -11.500 -4.615  1.00 59.68  ? 86  HIS A CB  1 
ATOM   736  C  CG  . HIS A 1 87  ? 3.814   -10.621 -5.604  1.00 60.83  ? 86  HIS A CG  1 
ATOM   737  N  ND1 . HIS A 1 87  ? 4.467   -9.553  -6.209  1.00 68.11  ? 86  HIS A ND1 1 
ATOM   738  C  CD2 . HIS A 1 87  ? 2.538   -10.593 -6.038  1.00 60.46  ? 86  HIS A CD2 1 
ATOM   739  C  CE1 . HIS A 1 87  ? 3.634   -8.930  -7.012  1.00 69.33  ? 86  HIS A CE1 1 
ATOM   740  N  NE2 . HIS A 1 87  ? 2.440   -9.553  -6.927  1.00 72.12  ? 86  HIS A NE2 1 
ATOM   741  N  N   A SER A 1 88  ? 6.785   -10.064 -3.287  0.32 57.81  ? 87  SER A N   1 
ATOM   742  N  N   B SER A 1 88  ? 6.785   -10.070 -3.284  0.42 58.05  ? 87  SER A N   1 
ATOM   743  C  CA  A SER A 1 88  ? 7.893   -9.088  -3.444  0.32 60.41  ? 87  SER A CA  1 
ATOM   744  C  CA  B SER A 1 88  ? 7.909   -9.121  -3.494  0.42 61.82  ? 87  SER A CA  1 
ATOM   745  C  C   A SER A 1 88  ? 7.749   -8.406  -4.812  0.32 60.49  ? 87  SER A C   1 
ATOM   746  C  C   B SER A 1 88  ? 7.698   -8.382  -4.817  0.42 60.77  ? 87  SER A C   1 
ATOM   747  O  O   A SER A 1 88  ? 7.153   -9.017  -5.720  0.32 62.30  ? 87  SER A O   1 
ATOM   748  O  O   B SER A 1 88  ? 7.038   -8.941  -5.713  0.42 64.54  ? 87  SER A O   1 
ATOM   749  C  CB  A SER A 1 88  ? 9.255   -9.743  -3.272  0.32 60.88  ? 87  SER A CB  1 
ATOM   750  C  CB  B SER A 1 88  ? 9.250   -9.822  -3.495  0.42 63.35  ? 87  SER A CB  1 
ATOM   751  O  OG  A SER A 1 88  ? 9.755   -10.246 -4.504  0.32 59.93  ? 87  SER A OG  1 
ATOM   752  O  OG  B SER A 1 88  ? 9.658   -10.140 -2.179  0.42 64.07  ? 87  SER A OG  1 
ATOM   753  N  N   . MET A 1 89  ? 8.293   -7.196  -4.939  1.00 63.91  ? 88  MET A N   1 
ATOM   754  C  CA  . MET A 1 89  ? 8.279   -6.387  -6.177  1.00 71.83  ? 88  MET A CA  1 
ATOM   755  C  C   . MET A 1 89  ? 9.428   -6.888  -7.067  1.00 73.22  ? 88  MET A C   1 
ATOM   756  O  O   . MET A 1 89  ? 10.554  -7.096  -6.549  1.00 67.58  ? 88  MET A O   1 
ATOM   757  C  CB  . MET A 1 89  ? 8.514   -4.917  -5.812  1.00 80.36  ? 88  MET A CB  1 
ATOM   758  C  CG  . MET A 1 89  ? 7.346   -4.278  -5.063  1.00 93.85  ? 88  MET A CG  1 
ATOM   759  S  SD  . MET A 1 89  ? 7.879   -2.835  -4.116  1.00 95.14  ? 88  MET A SD  1 
ATOM   760  C  CE  . MET A 1 89  ? 9.132   -2.187  -5.220  1.00 105.32 ? 88  MET A CE  1 
ATOM   761  N  N   . VAL A 1 90  ? 9.186   -7.076  -8.358  1.00 71.76  ? 89  VAL A N   1 
ATOM   762  C  CA  . VAL A 1 90  ? 10.299  -7.367  -9.302  1.00 78.03  ? 89  VAL A CA  1 
ATOM   763  C  C   . VAL A 1 90  ? 11.284  -6.189  -9.266  1.00 77.77  ? 89  VAL A C   1 
ATOM   764  O  O   . VAL A 1 90  ? 12.491  -6.476  -9.354  1.00 58.67  ? 89  VAL A O   1 
ATOM   765  C  CB  . VAL A 1 90  ? 9.781   -7.642  -10.722 1.00 91.83  ? 89  VAL A CB  1 
ATOM   766  C  CG1 . VAL A 1 90  ? 10.922  -7.782  -11.708 1.00 96.58  ? 89  VAL A CG1 1 
ATOM   767  C  CG2 . VAL A 1 90  ? 8.903   -8.881  -10.750 1.00 104.06 ? 89  VAL A CG2 1 
ATOM   768  N  N   . SER A 1 91  ? 10.793  -4.940  -9.097  1.00 73.88  ? 90  SER A N   1 
ATOM   769  C  CA  . SER A 1 91  ? 11.560  -3.675  -9.278  1.00 69.67  ? 90  SER A CA  1 
ATOM   770  C  C   . SER A 1 91  ? 10.886  -2.448  -8.633  1.00 69.37  ? 90  SER A C   1 
ATOM   771  O  O   . SER A 1 91  ? 9.743   -2.112  -9.000  1.00 70.89  ? 90  SER A O   1 
ATOM   772  C  CB  . SER A 1 91  ? 11.779  -3.401  -10.744 1.00 72.64  ? 90  SER A CB  1 
ATOM   773  O  OG  . SER A 1 91  ? 12.606  -2.260  -10.904 1.00 81.27  ? 90  SER A OG  1 
ATOM   774  N  N   . VAL A 1 92  ? 11.661  -1.712  -7.840  1.00 59.47  ? 91  VAL A N   1 
ATOM   775  C  CA  . VAL A 1 92  ? 11.294  -0.427  -7.184  1.00 66.88  ? 91  VAL A CA  1 
ATOM   776  C  C   . VAL A 1 92  ? 11.385  0.756   -8.170  1.00 60.58  ? 91  VAL A C   1 
ATOM   777  O  O   . VAL A 1 92  ? 11.026  1.869   -7.778  1.00 67.20  ? 91  VAL A O   1 
ATOM   778  C  CB  . VAL A 1 92  ? 12.189  -0.188  -5.951  1.00 67.98  ? 91  VAL A CB  1 
ATOM   779  C  CG1 . VAL A 1 92  ? 12.156  -1.370  -4.983  1.00 66.16  ? 91  VAL A CG1 1 
ATOM   780  C  CG2 . VAL A 1 92  ? 13.616  0.162   -6.353  1.00 69.55  ? 91  VAL A CG2 1 
ATOM   781  N  N   . SER A 1 93  ? 11.869  0.572   -9.391  1.00 50.84  ? 92  SER A N   1 
ATOM   782  C  CA  . SER A 1 93  ? 11.957  1.681   -10.368 1.00 56.32  ? 92  SER A CA  1 
ATOM   783  C  C   . SER A 1 93  ? 10.642  1.795   -11.148 1.00 53.63  ? 92  SER A C   1 
ATOM   784  O  O   . SER A 1 93  ? 10.480  2.753   -11.900 1.00 54.07  ? 92  SER A O   1 
ATOM   785  C  CB  . SER A 1 93  ? 13.133  1.496   -11.288 1.00 66.10  ? 92  SER A CB  1 
ATOM   786  O  OG  . SER A 1 93  ? 12.998  0.289   -12.024 1.00 84.20  ? 92  SER A OG  1 
ATOM   787  N  N   . THR A 1 94  ? 9.731   0.837   -11.018 1.00 52.64  ? 93  THR A N   1 
ATOM   788  C  CA  . THR A 1 94  ? 8.446   0.862   -11.752 1.00 55.19  ? 93  THR A CA  1 
ATOM   789  C  C   . THR A 1 94  ? 7.616   2.043   -11.256 1.00 52.92  ? 93  THR A C   1 
ATOM   790  O  O   . THR A 1 94  ? 7.477   2.261   -10.055 1.00 54.68  ? 93  THR A O   1 
ATOM   791  C  CB  . THR A 1 94  ? 7.643   -0.432  -11.567 1.00 62.07  ? 93  THR A CB  1 
ATOM   792  O  OG1 . THR A 1 94  ? 8.569   -1.517  -11.411 1.00 62.54  ? 93  THR A OG1 1 
ATOM   793  C  CG2 . THR A 1 94  ? 6.691   -0.650  -12.724 1.00 56.44  ? 93  THR A CG2 1 
ATOM   794  N  N   . PRO A 1 95  ? 7.038   2.836   -12.174 1.00 49.22  ? 94  PRO A N   1 
ATOM   795  C  CA  . PRO A 1 95  ? 6.035   3.842   -11.813 1.00 49.23  ? 94  PRO A CA  1 
ATOM   796  C  C   . PRO A 1 95  ? 4.789   3.170   -11.211 1.00 52.28  ? 94  PRO A C   1 
ATOM   797  O  O   . PRO A 1 95  ? 4.443   2.050   -11.621 1.00 51.25  ? 94  PRO A O   1 
ATOM   798  C  CB  . PRO A 1 95  ? 5.714   4.546   -13.128 1.00 50.51  ? 94  PRO A CB  1 
ATOM   799  C  CG  . PRO A 1 95  ? 6.882   4.205   -14.016 1.00 53.01  ? 94  PRO A CG  1 
ATOM   800  C  CD  . PRO A 1 95  ? 7.324   2.810   -13.612 1.00 51.23  ? 94  PRO A CD  1 
ATOM   801  N  N   . ILE A 1 96  ? 4.217   3.794   -10.174 1.00 47.34  ? 95  ILE A N   1 
ATOM   802  C  CA  . ILE A 1 96  ? 3.061   3.220   -9.434  1.00 44.80  ? 95  ILE A CA  1 
ATOM   803  C  C   . ILE A 1 96  ? 1.843   3.207   -10.384 1.00 44.88  ? 95  ILE A C   1 
ATOM   804  O  O   . ILE A 1 96  ? 1.039   2.278   -10.291 1.00 45.01  ? 95  ILE A O   1 
ATOM   805  C  CB  . ILE A 1 96  ? 2.858   3.910   -8.062  1.00 44.56  ? 95  ILE A CB  1 
ATOM   806  C  CG1 . ILE A 1 96  ? 2.093   2.997   -7.103  1.00 44.09  ? 95  ILE A CG1 1 
ATOM   807  C  CG2 . ILE A 1 96  ? 2.220   5.282   -8.195  1.00 47.08  ? 95  ILE A CG2 1 
ATOM   808  C  CD1 . ILE A 1 96  ? 1.609   3.692   -5.864  1.00 51.89  ? 95  ILE A CD1 1 
ATOM   809  N  N   . SER A 1 97  ? 1.739   4.099   -11.370 1.00 44.89  ? 96  SER A N   1 
ATOM   810  C  CA  . SER A 1 97  ? 0.670   3.962   -12.402 1.00 52.36  ? 96  SER A CA  1 
ATOM   811  C  C   . SER A 1 97  ? 0.708   2.576   -13.073 1.00 56.02  ? 96  SER A C   1 
ATOM   812  O  O   . SER A 1 97  ? -0.396  1.993   -13.286 1.00 47.26  ? 96  SER A O   1 
ATOM   813  C  CB  . SER A 1 97  ? 0.736   5.047   -13.432 1.00 53.57  ? 96  SER A CB  1 
ATOM   814  O  OG  . SER A 1 97  ? 2.043   5.162   -13.978 1.00 59.32  ? 96  SER A OG  1 
ATOM   815  N  N   . GLU A 1 98  ? 1.910   2.092   -13.439 1.00 50.06  ? 97  GLU A N   1 
ATOM   816  C  CA  . GLU A 1 98  ? 2.131   0.788   -14.116 1.00 47.22  ? 97  GLU A CA  1 
ATOM   817  C  C   . GLU A 1 98  ? 1.835   -0.346  -13.140 1.00 44.51  ? 97  GLU A C   1 
ATOM   818  O  O   . GLU A 1 98  ? 1.210   -1.347  -13.566 1.00 50.73  ? 97  GLU A O   1 
ATOM   819  C  CB  . GLU A 1 98  ? 3.590   0.573   -14.570 1.00 57.82  ? 97  GLU A CB  1 
ATOM   820  C  CG  . GLU A 1 98  ? 3.882   1.023   -15.996 1.00 74.26  ? 97  GLU A CG  1 
ATOM   821  C  CD  . GLU A 1 98  ? 5.362   1.075   -16.398 1.00 84.73  ? 97  GLU A CD  1 
ATOM   822  O  OE1 . GLU A 1 98  ? 5.806   2.134   -16.950 1.00 79.32  ? 97  GLU A OE1 1 
ATOM   823  O  OE2 . GLU A 1 98  ? 6.085   0.067   -16.158 1.00 72.96  ? 97  GLU A OE2 1 
ATOM   824  N  N   . VAL A 1 99  ? 2.373   -0.255  -11.919 1.00 41.10  ? 98  VAL A N   1 
ATOM   825  C  CA  . VAL A 1 99  ? 2.146   -1.261  -10.845 1.00 45.52  ? 98  VAL A CA  1 
ATOM   826  C  C   . VAL A 1 99  ? 0.643   -1.344  -10.536 1.00 46.08  ? 98  VAL A C   1 
ATOM   827  O  O   . VAL A 1 99  ? 0.122   -2.469  -10.308 1.00 48.53  ? 98  VAL A O   1 
ATOM   828  C  CB  . VAL A 1 99  ? 2.962   -0.924  -9.590  1.00 46.03  ? 98  VAL A CB  1 
ATOM   829  C  CG1 . VAL A 1 99  ? 2.717   -1.919  -8.475  1.00 47.80  ? 98  VAL A CG1 1 
ATOM   830  C  CG2 . VAL A 1 99  ? 4.428   -0.845  -9.922  1.00 52.64  ? 98  VAL A CG2 1 
ATOM   831  N  N   . TYR A 1 100 ? -0.079  -0.232  -10.568 1.00 43.03  ? 99  TYR A N   1 
ATOM   832  C  CA  . TYR A 1 100 ? -1.545  -0.283  -10.308 1.00 43.92  ? 99  TYR A CA  1 
ATOM   833  C  C   . TYR A 1 100 ? -2.212  -1.175  -11.352 1.00 44.06  ? 99  TYR A C   1 
ATOM   834  O  O   . TYR A 1 100 ? -2.989  -2.035  -10.987 1.00 46.76  ? 99  TYR A O   1 
ATOM   835  C  CB  . TYR A 1 100 ? -2.195  1.090   -10.344 1.00 37.62  ? 99  TYR A CB  1 
ATOM   836  C  CG  . TYR A 1 100 ? -3.686  1.053   -10.088 1.00 36.84  ? 99  TYR A CG  1 
ATOM   837  C  CD1 . TYR A 1 100 ? -4.200  0.849   -8.821  1.00 37.78  ? 99  TYR A CD1 1 
ATOM   838  C  CD2 . TYR A 1 100 ? -4.585  1.259   -11.108 1.00 36.22  ? 99  TYR A CD2 1 
ATOM   839  C  CE1 . TYR A 1 100 ? -5.573  0.903   -8.570  1.00 41.74  ? 99  TYR A CE1 1 
ATOM   840  C  CE2 . TYR A 1 100 ? -5.952  1.223   -10.895 1.00 39.91  ? 99  TYR A CE2 1 
ATOM   841  C  CZ  . TYR A 1 100 ? -6.456  1.069   -9.615  1.00 38.95  ? 99  TYR A CZ  1 
ATOM   842  O  OH  . TYR A 1 100 ? -7.812  1.000   -9.431  1.00 49.47  ? 99  TYR A OH  1 
ATOM   843  N  N   . GLU A 1 101 ? -1.878  -0.968  -12.626 1.00 48.83  ? 100 GLU A N   1 
ATOM   844  C  CA  . GLU A 1 101 ? -2.630  -1.540  -13.771 1.00 50.12  ? 100 GLU A CA  1 
ATOM   845  C  C   . GLU A 1 101 ? -2.418  -3.057  -13.822 1.00 53.85  ? 100 GLU A C   1 
ATOM   846  O  O   . GLU A 1 101 ? -3.278  -3.778  -14.373 1.00 57.41  ? 100 GLU A O   1 
ATOM   847  C  CB  . GLU A 1 101 ? -2.184  -0.914  -15.083 1.00 46.94  ? 100 GLU A CB  1 
ATOM   848  C  CG  . GLU A 1 101 ? -2.980  0.303   -15.451 1.00 64.58  ? 100 GLU A CG  1 
ATOM   849  C  CD  . GLU A 1 101 ? -2.916  0.611   -16.931 1.00 69.63  ? 100 GLU A CD  1 
ATOM   850  O  OE1 . GLU A 1 101 ? -2.665  -0.332  -17.714 1.00 67.92  ? 100 GLU A OE1 1 
ATOM   851  O  OE2 . GLU A 1 101 ? -3.081  1.792   -17.289 1.00 76.92  ? 100 GLU A OE2 1 
ATOM   852  N  N   . SER A 1 102 ? -1.325  -3.533  -13.248 1.00 47.68  ? 101 SER A N   1 
ATOM   853  C  CA  . SER A 1 102 ? -1.007  -4.974  -13.260 1.00 51.13  ? 101 SER A CA  1 
ATOM   854  C  C   . SER A 1 102 ? -1.338  -5.609  -11.899 1.00 51.33  ? 101 SER A C   1 
ATOM   855  O  O   . SER A 1 102 ? -1.756  -6.757  -11.921 1.00 60.06  ? 101 SER A O   1 
ATOM   856  C  CB  . SER A 1 102 ? 0.404   -5.183  -13.700 1.00 46.20  ? 101 SER A CB  1 
ATOM   857  O  OG  . SER A 1 102 ? 1.207   -5.372  -12.566 1.00 61.84  ? 101 SER A OG  1 
ATOM   858  N  N   . GLU A 1 103 ? -1.224  -4.903  -10.770 1.00 46.06  ? 102 GLU A N   1 
ATOM   859  C  CA  . GLU A 1 103 ? -1.323  -5.528  -9.426  1.00 45.64  ? 102 GLU A CA  1 
ATOM   860  C  C   . GLU A 1 103 ? -2.610  -5.133  -8.682  1.00 50.82  ? 102 GLU A C   1 
ATOM   861  O  O   . GLU A 1 103 ? -2.750  -5.511  -7.496  1.00 58.54  ? 102 GLU A O   1 
ATOM   862  C  CB  . GLU A 1 103 ? -0.122  -5.118  -8.590  1.00 47.04  ? 102 GLU A CB  1 
ATOM   863  C  CG  . GLU A 1 103 ? 1.214   -5.513  -9.200  1.00 52.63  ? 102 GLU A CG  1 
ATOM   864  C  CD  . GLU A 1 103 ? 1.480   -7.008  -9.331  1.00 61.56  ? 102 GLU A CD  1 
ATOM   865  O  OE1 . GLU A 1 103 ? 0.826   -7.843  -8.637  1.00 55.26  ? 102 GLU A OE1 1 
ATOM   866  O  OE2 . GLU A 1 103 ? 2.352   -7.336  -10.132 1.00 71.94  ? 102 GLU A OE2 1 
ATOM   867  N  N   . LYS A 1 104 ? -3.522  -4.401  -9.308  1.00 47.60  ? 103 LYS A N   1 
ATOM   868  C  CA  . LYS A 1 104 ? -4.735  -3.914  -8.592  1.00 50.24  ? 103 LYS A CA  1 
ATOM   869  C  C   . LYS A 1 104 ? -5.627  -5.118  -8.287  1.00 55.54  ? 103 LYS A C   1 
ATOM   870  O  O   . LYS A 1 104 ? -5.688  -5.994  -9.127  1.00 59.11  ? 103 LYS A O   1 
ATOM   871  C  CB  . LYS A 1 104 ? -5.507  -2.910  -9.449  1.00 47.82  ? 103 LYS A CB  1 
ATOM   872  C  CG  . LYS A 1 104 ? -5.959  -3.453  -10.791 1.00 48.71  ? 103 LYS A CG  1 
ATOM   873  C  CD  . LYS A 1 104 ? -6.615  -2.452  -11.671 1.00 48.74  ? 103 LYS A CD  1 
ATOM   874  C  CE  . LYS A 1 104 ? -7.133  -3.115  -12.917 1.00 53.56  ? 103 LYS A CE  1 
ATOM   875  N  NZ  . LYS A 1 104 ? -6.060  -3.586  -13.816 1.00 66.51  ? 103 LYS A NZ  1 
ATOM   876  N  N   . ASP A 1 105 ? -6.293  -5.136  -7.130  1.00 60.04  ? 104 ASP A N   1 
ATOM   877  C  CA  . ASP A 1 105 ? -7.397  -6.072  -6.763  1.00 53.49  ? 104 ASP A CA  1 
ATOM   878  C  C   . ASP A 1 105 ? -8.629  -5.852  -7.658  1.00 53.50  ? 104 ASP A C   1 
ATOM   879  O  O   . ASP A 1 105 ? -8.770  -4.745  -8.279  1.00 49.46  ? 104 ASP A O   1 
ATOM   880  C  CB  . ASP A 1 105 ? -7.730  -5.857  -5.288  1.00 60.42  ? 104 ASP A CB  1 
ATOM   881  C  CG  . ASP A 1 105 ? -8.614  -6.927  -4.700  1.00 61.65  ? 104 ASP A CG  1 
ATOM   882  O  OD1 . ASP A 1 105 ? -8.062  -7.953  -4.248  1.00 59.25  ? 104 ASP A OD1 1 
ATOM   883  O  OD2 . ASP A 1 105 ? -9.837  -6.712  -4.718  1.00 62.77  ? 104 ASP A OD2 1 
ATOM   884  N  N   . GLU A 1 106 ? -9.559  -6.814  -7.705  1.00 60.47  ? 105 GLU A N   1 
ATOM   885  C  CA  . GLU A 1 106 ? -10.833 -6.652  -8.485  1.00 58.36  ? 105 GLU A CA  1 
ATOM   886  C  C   . GLU A 1 106 ? -11.693 -5.522  -7.916  1.00 49.69  ? 105 GLU A C   1 
ATOM   887  O  O   . GLU A 1 106 ? -12.538 -5.048  -8.683  1.00 53.43  ? 105 GLU A O   1 
ATOM   888  C  CB  . GLU A 1 106 ? -11.722 -7.895  -8.521  1.00 66.05  ? 105 GLU A CB  1 
ATOM   889  C  CG  . GLU A 1 106 ? -11.039 -9.115  -9.107  1.00 73.63  ? 105 GLU A CG  1 
ATOM   890  C  CD  . GLU A 1 106 ? -11.971 -10.107 -9.786  1.00 82.41  ? 105 GLU A CD  1 
ATOM   891  O  OE1 . GLU A 1 106 ? -13.145 -10.241 -9.337  1.00 63.79  ? 105 GLU A OE1 1 
ATOM   892  O  OE2 . GLU A 1 106 ? -11.523 -10.743 -10.774 1.00 88.29  ? 105 GLU A OE2 1 
ATOM   893  N  N   . ASP A 1 107 ? -11.507 -5.125  -6.638  1.00 54.63  ? 106 ASP A N   1 
ATOM   894  C  CA  . ASP A 1 107 ? -12.238 -3.989  -5.986  1.00 57.99  ? 106 ASP A CA  1 
ATOM   895  C  C   . ASP A 1 107 ? -11.640 -2.630  -6.403  1.00 62.79  ? 106 ASP A C   1 
ATOM   896  O  O   . ASP A 1 107 ? -12.344 -1.593  -6.242  1.00 58.00  ? 106 ASP A O   1 
ATOM   897  C  CB  . ASP A 1 107 ? -12.269 -4.108  -4.457  1.00 56.32  ? 106 ASP A CB  1 
ATOM   898  C  CG  . ASP A 1 107 ? -10.926 -3.922  -3.791  1.00 58.09  ? 106 ASP A CG  1 
ATOM   899  O  OD1 . ASP A 1 107 ? -9.966  -3.608  -4.513  1.00 60.45  ? 106 ASP A OD1 1 
ATOM   900  O  OD2 . ASP A 1 107 ? -10.865 -4.064  -2.550  1.00 55.97  ? 106 ASP A OD2 1 
ATOM   901  N  N   . GLY A 1 108 ? -10.398 -2.620  -6.914  1.00 55.32  ? 107 GLY A N   1 
ATOM   902  C  CA  . GLY A 1 108 ? -9.793  -1.432  -7.544  1.00 47.95  ? 107 GLY A CA  1 
ATOM   903  C  C   . GLY A 1 108 ? -8.801  -0.745  -6.626  1.00 42.51  ? 107 GLY A C   1 
ATOM   904  O  O   . GLY A 1 108 ? -8.187  0.248   -7.065  1.00 48.36  ? 107 GLY A O   1 
ATOM   905  N  N   . PHE A 1 109 ? -8.634  -1.236  -5.400  1.00 41.66  ? 108 PHE A N   1 
ATOM   906  C  CA  . PHE A 1 109 ? -7.546  -0.822  -4.483  1.00 47.05  ? 108 PHE A CA  1 
ATOM   907  C  C   . PHE A 1 109 ? -6.266  -1.527  -4.931  1.00 51.16  ? 108 PHE A C   1 
ATOM   908  O  O   . PHE A 1 109 ? -6.333  -2.517  -5.676  1.00 48.87  ? 108 PHE A O   1 
ATOM   909  C  CB  . PHE A 1 109 ? -7.893  -1.090  -3.010  1.00 50.41  ? 108 PHE A CB  1 
ATOM   910  C  CG  . PHE A 1 109 ? -8.776  -0.034  -2.392  1.00 58.75  ? 108 PHE A CG  1 
ATOM   911  C  CD1 . PHE A 1 109 ? -8.268  1.219   -2.073  1.00 57.00  ? 108 PHE A CD1 1 
ATOM   912  C  CD2 . PHE A 1 109 ? -10.126 -0.271  -2.168  1.00 60.17  ? 108 PHE A CD2 1 
ATOM   913  C  CE1 . PHE A 1 109 ? -9.091  2.209   -1.551  1.00 59.43  ? 108 PHE A CE1 1 
ATOM   914  C  CE2 . PHE A 1 109 ? -10.943 0.719   -1.633  1.00 58.11  ? 108 PHE A CE2 1 
ATOM   915  C  CZ  . PHE A 1 109 ? -10.425 1.955   -1.327  1.00 55.71  ? 108 PHE A CZ  1 
ATOM   916  N  N   . LEU A 1 110 ? -5.128  -0.983  -4.518  1.00 49.89  ? 109 LEU A N   1 
ATOM   917  C  CA  . LEU A 1 110 ? -3.799  -1.639  -4.624  1.00 49.22  ? 109 LEU A CA  1 
ATOM   918  C  C   . LEU A 1 110 ? -3.354  -1.999  -3.191  1.00 46.77  ? 109 LEU A C   1 
ATOM   919  O  O   . LEU A 1 110 ? -3.087  -1.080  -2.394  1.00 51.28  ? 109 LEU A O   1 
ATOM   920  C  CB  . LEU A 1 110 ? -2.826  -0.666  -5.323  1.00 49.28  ? 109 LEU A CB  1 
ATOM   921  C  CG  . LEU A 1 110 ? -1.438  -1.211  -5.664  1.00 52.17  ? 109 LEU A CG  1 
ATOM   922  C  CD1 . LEU A 1 110 ? -1.519  -2.434  -6.586  1.00 49.10  ? 109 LEU A CD1 1 
ATOM   923  C  CD2 . LEU A 1 110 ? -0.569  -0.118  -6.278  1.00 51.72  ? 109 LEU A CD2 1 
ATOM   924  N  N   . TYR A 1 111 ? -3.258  -3.294  -2.879  1.00 47.88  ? 110 TYR A N   1 
ATOM   925  C  CA  . TYR A 1 111 ? -3.014  -3.814  -1.512  1.00 50.40  ? 110 TYR A CA  1 
ATOM   926  C  C   . TYR A 1 111 ? -1.516  -4.051  -1.344  1.00 51.50  ? 110 TYR A C   1 
ATOM   927  O  O   . TYR A 1 111 ? -0.887  -4.560  -2.277  1.00 50.41  ? 110 TYR A O   1 
ATOM   928  C  CB  . TYR A 1 111 ? -3.869  -5.063  -1.245  1.00 53.20  ? 110 TYR A CB  1 
ATOM   929  C  CG  . TYR A 1 111 ? -5.353  -4.782  -1.089  1.00 48.92  ? 110 TYR A CG  1 
ATOM   930  C  CD1 . TYR A 1 111 ? -6.174  -4.700  -2.187  1.00 43.96  ? 110 TYR A CD1 1 
ATOM   931  C  CD2 . TYR A 1 111 ? -5.934  -4.590  0.155   1.00 49.13  ? 110 TYR A CD2 1 
ATOM   932  C  CE1 . TYR A 1 111 ? -7.531  -4.443  -2.068  1.00 46.03  ? 110 TYR A CE1 1 
ATOM   933  C  CE2 . TYR A 1 111 ? -7.291  -4.335  0.294   1.00 48.51  ? 110 TYR A CE2 1 
ATOM   934  C  CZ  . TYR A 1 111 ? -8.093  -4.281  -0.825  1.00 43.38  ? 110 TYR A CZ  1 
ATOM   935  O  OH  . TYR A 1 111 ? -9.425  -4.034  -0.746  1.00 46.65  ? 110 TYR A OH  1 
ATOM   936  N  N   . MET A 1 112 ? -1.005  -3.648  -0.182  1.00 49.43  ? 111 MET A N   1 
ATOM   937  C  CA  . MET A 1 112 ? 0.401   -3.750  0.239   1.00 55.30  ? 111 MET A CA  1 
ATOM   938  C  C   . MET A 1 112 ? 0.462   -4.100  1.727   1.00 55.84  ? 111 MET A C   1 
ATOM   939  O  O   . MET A 1 112 ? -0.434  -3.725  2.496   1.00 50.37  ? 111 MET A O   1 
ATOM   940  C  CB  . MET A 1 112 ? 1.147   -2.426  0.034   1.00 55.23  ? 111 MET A CB  1 
ATOM   941  C  CG  . MET A 1 112 ? 1.041   -1.913  -1.375  1.00 60.60  ? 111 MET A CG  1 
ATOM   942  S  SD  . MET A 1 112 ? 2.139   -0.535  -1.715  1.00 58.59  ? 111 MET A SD  1 
ATOM   943  C  CE  . MET A 1 112 ? 1.755   -0.373  -3.457  1.00 55.91  ? 111 MET A CE  1 
ATOM   944  N  N   A VAL A 1 113 ? 1.544   -4.780  2.102   0.41 56.82  ? 112 VAL A N   1 
ATOM   945  N  N   B VAL A 1 113 ? 1.512   -4.826  2.116   0.10 55.49  ? 112 VAL A N   1 
ATOM   946  C  CA  A VAL A 1 113 ? 1.866   -5.234  3.484   0.41 59.51  ? 112 VAL A CA  1 
ATOM   947  C  CA  B VAL A 1 113 ? 1.828   -5.161  3.535   0.10 56.39  ? 112 VAL A CA  1 
ATOM   948  C  C   A VAL A 1 113 ? 3.340   -4.905  3.717   0.41 58.69  ? 112 VAL A C   1 
ATOM   949  C  C   B VAL A 1 113 ? 3.332   -4.970  3.747   0.10 57.21  ? 112 VAL A C   1 
ATOM   950  O  O   A VAL A 1 113 ? 4.096   -5.024  2.739   0.41 53.95  ? 112 VAL A O   1 
ATOM   951  O  O   B VAL A 1 113 ? 4.098   -5.253  2.806   0.10 55.73  ? 112 VAL A O   1 
ATOM   952  C  CB  A VAL A 1 113 ? 1.608   -6.745  3.645   0.41 64.03  ? 112 VAL A CB  1 
ATOM   953  C  CB  B VAL A 1 113 ? 1.378   -6.587  3.909   0.10 56.82  ? 112 VAL A CB  1 
ATOM   954  C  CG1 A VAL A 1 113 ? 1.873   -7.213  5.068   0.41 65.25  ? 112 VAL A CG1 1 
ATOM   955  C  CG1 B VAL A 1 113 ? -0.136  -6.726  3.873   0.10 57.16  ? 112 VAL A CG1 1 
ATOM   956  C  CG2 A VAL A 1 113 ? 0.208   -7.133  3.197   0.41 65.65  ? 112 VAL A CG2 1 
ATOM   957  C  CG2 B VAL A 1 113 ? 2.038   -7.642  3.035   0.10 55.78  ? 112 VAL A CG2 1 
ATOM   958  N  N   . TYR A 1 114 ? 3.715   -4.509  4.940   1.00 57.01  ? 113 TYR A N   1 
ATOM   959  C  CA  . TYR A 1 114 ? 5.126   -4.209  5.309   1.00 63.27  ? 113 TYR A CA  1 
ATOM   960  C  C   . TYR A 1 114 ? 5.532   -5.009  6.550   1.00 64.70  ? 113 TYR A C   1 
ATOM   961  O  O   . TYR A 1 114 ? 4.685   -5.244  7.435   1.00 71.51  ? 113 TYR A O   1 
ATOM   962  C  CB  . TYR A 1 114 ? 5.323   -2.705  5.549   1.00 66.80  ? 113 TYR A CB  1 
ATOM   963  C  CG  . TYR A 1 114 ? 4.545   -2.109  6.699   1.00 60.60  ? 113 TYR A CG  1 
ATOM   964  C  CD1 . TYR A 1 114 ? 3.312   -1.505  6.504   1.00 60.63  ? 113 TYR A CD1 1 
ATOM   965  C  CD2 . TYR A 1 114 ? 5.055   -2.135  7.986   1.00 60.22  ? 113 TYR A CD2 1 
ATOM   966  C  CE1 . TYR A 1 114 ? 2.608   -0.950  7.561   1.00 66.02  ? 113 TYR A CE1 1 
ATOM   967  C  CE2 . TYR A 1 114 ? 4.368   -1.571  9.051   1.00 55.13  ? 113 TYR A CE2 1 
ATOM   968  C  CZ  . TYR A 1 114 ? 3.142   -0.979  8.846   1.00 61.91  ? 113 TYR A CZ  1 
ATOM   969  O  OH  . TYR A 1 114 ? 2.484   -0.434  9.917   1.00 63.31  ? 113 TYR A OH  1 
ATOM   970  N  N   . ALA A 1 115 ? 6.819   -5.344  6.614   1.00 66.45  ? 114 ALA A N   1 
ATOM   971  C  CA  . ALA A 1 115 ? 7.467   -6.103  7.703   1.00 75.34  ? 114 ALA A CA  1 
ATOM   972  C  C   . ALA A 1 115 ? 8.951   -5.736  7.793   1.00 70.63  ? 114 ALA A C   1 
ATOM   973  O  O   . ALA A 1 115 ? 9.483   -5.150  6.828   1.00 73.87  ? 114 ALA A O   1 
ATOM   974  C  CB  . ALA A 1 115 ? 7.295   -7.577  7.444   1.00 85.05  ? 114 ALA A CB  1 
ATOM   975  N  N   . SER A 1 116 ? 9.582   -6.067  8.921   1.00 74.56  ? 115 SER A N   1 
ATOM   976  C  CA  . SER A 1 116 ? 11.037  -5.888  9.176   1.00 77.09  ? 115 SER A CA  1 
ATOM   977  C  C   . SER A 1 116 ? 11.813  -7.066  8.574   1.00 84.75  ? 115 SER A C   1 
ATOM   978  O  O   . SER A 1 116 ? 13.031  -6.900  8.347   1.00 89.37  ? 115 SER A O   1 
ATOM   979  C  CB  . SER A 1 116 ? 11.341  -5.699  10.653  1.00 73.56  ? 115 SER A CB  1 
ATOM   980  O  OG  . SER A 1 116 ? 10.160  -5.772  11.439  1.00 70.33  ? 115 SER A OG  1 
ATOM   981  N  N   . GLN A 1 117 ? 11.125  -8.185  8.300   1.00 87.41  ? 116 GLN A N   1 
ATOM   982  C  CA  . GLN A 1 117 ? 11.709  -9.418  7.701   1.00 93.23  ? 116 GLN A CA  1 
ATOM   983  C  C   . GLN A 1 117 ? 11.207  -9.587  6.254   1.00 104.39 ? 116 GLN A C   1 
ATOM   984  O  O   . GLN A 1 117 ? 10.044  -9.258  5.996   1.00 103.62 ? 116 GLN A O   1 
ATOM   985  C  CB  . GLN A 1 117 ? 11.350  -10.618 8.580   1.00 89.68  ? 116 GLN A CB  1 
ATOM   986  N  N   . GLU A 1 118 ? 12.061  -10.081 5.342   1.00 117.12 ? 117 GLU A N   1 
ATOM   987  C  CA  . GLU A 1 118 ? 11.688  -10.502 3.957   1.00 124.45 ? 117 GLU A CA  1 
ATOM   988  C  C   . GLU A 1 118 ? 10.837  -11.777 3.998   1.00 129.08 ? 117 GLU A C   1 
ATOM   989  O  O   . GLU A 1 118 ? 9.968   -11.923 3.115   1.00 123.47 ? 117 GLU A O   1 
ATOM   990  C  CB  . GLU A 1 118 ? 12.916  -10.792 3.087   1.00 135.70 ? 117 GLU A CB  1 
ATOM   991  C  CG  . GLU A 1 118 ? 13.180  -9.720  2.049   1.00 148.83 ? 117 GLU A CG  1 
ATOM   992  C  CD  . GLU A 1 118 ? 14.391  -9.942  1.158   1.00 160.34 ? 117 GLU A CD  1 
ATOM   993  O  OE1 . GLU A 1 118 ? 15.181  -10.867 1.448   1.00 158.45 ? 117 GLU A OE1 1 
ATOM   994  O  OE2 . GLU A 1 118 ? 14.538  -9.179  0.173   1.00 169.69 ? 117 GLU A OE2 1 
ATOM   995  N  N   . THR A 1 119 ? 11.130  -12.683 4.940   1.00 137.27 ? 118 THR A N   1 
ATOM   996  C  CA  . THR A 1 119 ? 10.301  -13.870 5.278   1.00 145.50 ? 118 THR A CA  1 
ATOM   997  C  C   . THR A 1 119 ? 9.084   -13.388 6.088   1.00 156.41 ? 118 THR A C   1 
ATOM   998  O  O   . THR A 1 119 ? 9.210   -13.264 7.328   1.00 160.77 ? 118 THR A O   1 
ATOM   999  C  CB  . THR A 1 119 ? 11.146  -14.927 6.006   1.00 128.43 ? 118 THR A CB  1 
ATOM   1000 N  N   . PHE A 1 120 ? 7.970   -13.084 5.405   1.00 159.65 ? 119 PHE A N   1 
ATOM   1001 C  CA  . PHE A 1 120 ? 6.688   -12.618 6.001   1.00 154.05 ? 119 PHE A CA  1 
ATOM   1002 C  C   . PHE A 1 120 ? 5.927   -13.835 6.533   1.00 158.83 ? 119 PHE A C   1 
ATOM   1003 O  O   . PHE A 1 120 ? 5.060   -14.368 5.843   1.00 156.05 ? 119 PHE A O   1 
ATOM   1004 C  CB  . PHE A 1 120 ? 5.825   -11.864 4.981   1.00 154.61 ? 119 PHE A CB  1 
ATOM   1005 C  CG  . PHE A 1 120 ? 6.267   -10.456 4.666   1.00 170.11 ? 119 PHE A CG  1 
ATOM   1006 C  CD1 . PHE A 1 120 ? 7.518   -10.206 4.116   1.00 182.31 ? 119 PHE A CD1 1 
ATOM   1007 C  CD2 . PHE A 1 120 ? 5.420   -9.377  4.878   1.00 170.26 ? 119 PHE A CD2 1 
ATOM   1008 C  CE1 . PHE A 1 120 ? 7.918   -8.915  3.802   1.00 183.48 ? 119 PHE A CE1 1 
ATOM   1009 C  CE2 . PHE A 1 120 ? 5.822   -8.084  4.566   1.00 174.71 ? 119 PHE A CE2 1 
ATOM   1010 C  CZ  . PHE A 1 120 ? 7.071   -7.854  4.032   1.00 177.92 ? 119 PHE A CZ  1 
HETATM 1011 N  N1  . K7L B 2 .   ? 10.943  -4.902  -2.219  0.74 94.40  ? 201 K7L A N1  1 
HETATM 1012 N  N3  . K7L B 2 .   ? 10.228  -3.374  -0.512  0.74 84.67  ? 201 K7L A N3  1 
HETATM 1013 C  C4  . K7L B 2 .   ? 10.322  -5.826  -3.036  0.74 90.59  ? 201 K7L A C4  1 
HETATM 1014 C  C5  . K7L B 2 .   ? 9.005   -5.773  -2.714  0.74 84.60  ? 201 K7L A C5  1 
HETATM 1015 C  C6  . K7L B 2 .   ? 9.945   -4.319  -1.424  0.74 91.78  ? 201 K7L A C6  1 
HETATM 1016 C  C1  . K7L B 2 .   ? 11.472  -2.990  -0.370  0.74 84.00  ? 201 K7L A C1  1 
HETATM 1017 C  C2  . K7L B 2 .   ? 12.529  -3.515  -1.122  0.74 90.67  ? 201 K7L A C2  1 
HETATM 1018 C  C3  . K7L B 2 .   ? 12.258  -4.498  -2.069  0.74 95.44  ? 201 K7L A C3  1 
HETATM 1019 N  N2  . K7L B 2 .   ? 8.764   -4.851  -1.724  0.74 90.67  ? 201 K7L A N2  1 
HETATM 1020 O  O1  . K7L B 2 .   ? 11.721  -2.033  0.556   0.74 85.88  ? 201 K7L A O1  1 
HETATM 1021 O  O2  . K7L B 2 .   ? 13.223  -5.073  -2.842  0.74 98.57  ? 201 K7L A O2  1 
HETATM 1022 C  C1  . EDO C 3 .   ? 8.924   -11.134 -7.643  1.00 92.83  ? 202 EDO A C1  1 
HETATM 1023 O  O1  . EDO C 3 .   ? 8.213   -12.056 -6.819  1.00 99.64  ? 202 EDO A O1  1 
HETATM 1024 C  C2  . EDO C 3 .   ? 10.379  -11.431 -7.740  1.00 91.60  ? 202 EDO A C2  1 
HETATM 1025 O  O2  . EDO C 3 .   ? 10.694  -12.530 -8.584  1.00 79.87  ? 202 EDO A O2  1 
HETATM 1026 C  C1  . EDO D 3 .   ? 0.445   9.383   0.924   1.00 87.93  ? 203 EDO A C1  1 
HETATM 1027 O  O1  . EDO D 3 .   ? 1.436   9.903   0.053   1.00 84.33  ? 203 EDO A O1  1 
HETATM 1028 C  C2  . EDO D 3 .   ? -0.316  10.438  1.653   1.00 85.15  ? 203 EDO A C2  1 
HETATM 1029 O  O2  . EDO D 3 .   ? -1.727  10.314  1.595   1.00 75.12  ? 203 EDO A O2  1 
HETATM 1030 C  C1  . EDO E 3 .   ? -10.684 -10.333 -4.052  1.00 106.00 ? 204 EDO A C1  1 
HETATM 1031 O  O1  . EDO E 3 .   ? -10.977 -10.885 -2.782  1.00 107.76 ? 204 EDO A O1  1 
HETATM 1032 C  C2  . EDO E 3 .   ? -11.809 -9.562  -4.641  1.00 99.95  ? 204 EDO A C2  1 
HETATM 1033 O  O2  . EDO E 3 .   ? -12.044 -8.341  -3.960  1.00 91.10  ? 204 EDO A O2  1 
HETATM 1034 C  C1  . EDO F 3 .   ? 16.266  6.825   3.168   1.00 87.98  ? 205 EDO A C1  1 
HETATM 1035 O  O1  . EDO F 3 .   ? 17.354  7.266   2.395   1.00 88.94  ? 205 EDO A O1  1 
HETATM 1036 C  C2  . EDO F 3 .   ? 15.303  6.020   2.395   1.00 88.80  ? 205 EDO A C2  1 
HETATM 1037 O  O2  . EDO F 3 .   ? 15.551  4.629   2.494   1.00 104.03 ? 205 EDO A O2  1 
HETATM 1038 C  C1  . EDO G 3 .   ? 14.399  1.683   -2.016  1.00 86.33  ? 206 EDO A C1  1 
HETATM 1039 O  O1  . EDO G 3 .   ? 13.938  0.442   -1.502  1.00 81.82  ? 206 EDO A O1  1 
HETATM 1040 C  C2  . EDO G 3 .   ? 13.722  2.876   -1.431  1.00 84.73  ? 206 EDO A C2  1 
HETATM 1041 O  O2  . EDO G 3 .   ? 14.189  3.238   -0.138  1.00 91.10  ? 206 EDO A O2  1 
HETATM 1042 C  C1  . EDO H 3 .   ? -2.623  -8.434  6.859   1.00 101.75 ? 207 EDO A C1  1 
HETATM 1043 O  O1  . EDO H 3 .   ? -3.322  -8.584  5.648   1.00 91.66  ? 207 EDO A O1  1 
HETATM 1044 C  C2  . EDO H 3 .   ? -1.217  -8.907  6.787   1.00 105.34 ? 207 EDO A C2  1 
HETATM 1045 O  O2  . EDO H 3 .   ? -1.036  -10.258 6.376   1.00 97.19  ? 207 EDO A O2  1 
HETATM 1046 C  C1  . EDO I 3 .   ? -13.819 2.185   1.883   1.00 102.52 ? 208 EDO A C1  1 
HETATM 1047 O  O1  . EDO I 3 .   ? -14.805 2.284   0.876   1.00 91.74  ? 208 EDO A O1  1 
HETATM 1048 C  C2  . EDO I 3 .   ? -14.047 3.080   3.059   1.00 104.08 ? 208 EDO A C2  1 
HETATM 1049 O  O2  . EDO I 3 .   ? -12.863 3.642   3.620   1.00 104.13 ? 208 EDO A O2  1 
HETATM 1050 C  C1  . EDO J 3 .   ? -4.429  -12.645 0.056   1.00 101.88 ? 209 EDO A C1  1 
HETATM 1051 O  O1  . EDO J 3 .   ? -4.897  -13.189 1.271   1.00 88.71  ? 209 EDO A O1  1 
HETATM 1052 C  C2  . EDO J 3 .   ? -2.956  -12.820 -0.164  1.00 110.54 ? 209 EDO A C2  1 
HETATM 1053 O  O2  . EDO J 3 .   ? -2.584  -13.531 -1.352  1.00 97.89  ? 209 EDO A O2  1 
HETATM 1054 C  C1  . EDO K 3 .   ? 5.331   -4.344  -8.404  1.00 109.56 ? 210 EDO A C1  1 
HETATM 1055 O  O1  . EDO K 3 .   ? 4.950   -5.591  -7.832  1.00 107.99 ? 210 EDO A O1  1 
HETATM 1056 C  C2  . EDO K 3 .   ? 6.783   -4.013  -8.293  1.00 104.62 ? 210 EDO A C2  1 
HETATM 1057 O  O2  . EDO K 3 .   ? 7.422   -3.538  -9.464  1.00 91.42  ? 210 EDO A O2  1 
HETATM 1058 CL CL  . CL  L 4 .   ? -6.308  14.504  -8.264  1.00 56.47  ? 211 CL  A CL  1 
HETATM 1059 O  O   . HOH M 5 .   ? 6.037   -1.887  -15.805 1.00 86.17  ? 301 HOH A O   1 
HETATM 1060 O  O   . HOH M 5 .   ? -8.451  -8.975  4.682   1.00 85.55  ? 302 HOH A O   1 
HETATM 1061 O  O   . HOH M 5 .   ? 3.785   6.299   -12.308 1.00 106.41 ? 303 HOH A O   1 
HETATM 1062 O  O   . HOH M 5 .   ? -3.961  9.990   1.506   1.00 62.55  ? 304 HOH A O   1 
HETATM 1063 O  O   . HOH M 5 .   ? 1.807   6.669   10.966  1.00 63.53  ? 305 HOH A O   1 
HETATM 1064 O  O   . HOH M 5 .   ? -0.952  -14.940 -0.372  1.00 77.68  ? 306 HOH A O   1 
HETATM 1065 O  O   . HOH M 5 .   ? 5.419   10.240  4.357   1.00 46.09  ? 307 HOH A O   1 
HETATM 1066 O  O   . HOH M 5 .   ? 0.670   -7.455  13.147  1.00 107.32 ? 308 HOH A O   1 
HETATM 1067 O  O   . HOH M 5 .   ? -9.823  -4.319  -10.498 1.00 69.85  ? 309 HOH A O   1 
HETATM 1068 O  O   . HOH M 5 .   ? 13.050  -5.868  -5.212  1.00 76.50  ? 310 HOH A O   1 
HETATM 1069 O  O   . HOH M 5 .   ? -24.814 -5.617  -4.375  1.00 121.28 ? 311 HOH A O   1 
HETATM 1070 O  O   . HOH M 5 .   ? -2.156  0.757   7.929   1.00 62.86  ? 312 HOH A O   1 
HETATM 1071 O  O   . HOH M 5 .   ? -2.751  -4.763  2.618   1.00 55.95  ? 313 HOH A O   1 
HETATM 1072 O  O   . HOH M 5 .   ? 1.024   -7.575  -0.398  1.00 69.58  ? 314 HOH A O   1 
HETATM 1073 O  O   . HOH M 5 .   ? -18.328 3.039   -0.663  1.00 63.65  ? 315 HOH A O   1 
HETATM 1074 O  O   . HOH M 5 .   ? 1.734   -8.115  15.490  1.00 96.40  ? 316 HOH A O   1 
HETATM 1075 O  O   . HOH M 5 .   ? -4.593  -8.049  -3.904  1.00 64.48  ? 317 HOH A O   1 
HETATM 1076 O  O   . HOH M 5 .   ? -3.215  3.964   -15.884 1.00 52.21  ? 318 HOH A O   1 
HETATM 1077 O  O   . HOH M 5 .   ? -7.241  -6.235  3.538   1.00 69.28  ? 319 HOH A O   1 
HETATM 1078 O  O   . HOH M 5 .   ? -3.007  -11.503 -2.975  1.00 86.35  ? 320 HOH A O   1 
HETATM 1079 O  O   . HOH M 5 .   ? 18.706  6.723   0.199   1.00 88.42  ? 321 HOH A O   1 
HETATM 1080 O  O   . HOH M 5 .   ? -8.118  7.813   -8.581  1.00 50.42  ? 322 HOH A O   1 
HETATM 1081 O  O   . HOH M 5 .   ? -5.594  -8.616  -1.118  1.00 80.65  ? 323 HOH A O   1 
HETATM 1082 O  O   . HOH M 5 .   ? -10.091 2.217   6.739   1.00 78.90  ? 324 HOH A O   1 
HETATM 1083 O  O   . HOH M 5 .   ? -6.729  8.597   3.440   1.00 77.88  ? 325 HOH A O   1 
HETATM 1084 O  O   . HOH M 5 .   ? 14.720  -2.812  4.322   1.00 63.73  ? 326 HOH A O   1 
HETATM 1085 O  O   . HOH M 5 .   ? 1.387   10.111  10.220  1.00 82.87  ? 327 HOH A O   1 
HETATM 1086 O  O   . HOH M 5 .   ? 14.762  -9.871  5.207   1.00 83.65  ? 328 HOH A O   1 
HETATM 1087 O  O   . HOH M 5 .   ? 12.086  -9.142  -0.990  1.00 71.50  ? 329 HOH A O   1 
HETATM 1088 O  O   . HOH M 5 .   ? -4.177  -0.844  7.777   1.00 95.11  ? 330 HOH A O   1 
HETATM 1089 O  O   . HOH M 5 .   ? -13.211 -0.624  -10.257 1.00 71.20  ? 331 HOH A O   1 
HETATM 1090 O  O   . HOH M 5 .   ? -3.858  -11.159 -5.679  1.00 66.90  ? 332 HOH A O   1 
HETATM 1091 O  O   . HOH M 5 .   ? -8.091  7.505   -11.499 1.00 42.02  ? 333 HOH A O   1 
HETATM 1092 O  O   . HOH M 5 .   ? -8.676  -9.350  -6.997  1.00 75.34  ? 334 HOH A O   1 
HETATM 1093 O  O   . HOH M 5 .   ? 12.090  -11.174 -3.033  1.00 76.37  ? 335 HOH A O   1 
HETATM 1094 O  O   . HOH M 5 .   ? -3.637  -5.422  -4.860  1.00 56.46  ? 336 HOH A O   1 
HETATM 1095 O  O   . HOH M 5 .   ? 13.426  -2.300  11.650  1.00 94.35  ? 337 HOH A O   1 
HETATM 1096 O  O   . HOH M 5 .   ? 0.360   12.651  -10.591 1.00 57.95  ? 338 HOH A O   1 
HETATM 1097 O  O   . HOH M 5 .   ? -6.247  14.956  -5.236  1.00 58.61  ? 339 HOH A O   1 
HETATM 1098 O  O   . HOH M 5 .   ? -0.599  -0.049  9.774   1.00 69.97  ? 340 HOH A O   1 
HETATM 1099 O  O   . HOH M 5 .   ? -5.759  -6.402  -13.846 1.00 79.48  ? 341 HOH A O   1 
HETATM 1100 O  O   . HOH M 5 .   ? -4.651  -6.930  -11.595 1.00 68.90  ? 342 HOH A O   1 
HETATM 1101 O  O   . HOH M 5 .   ? -23.059 -6.306  -0.165  1.00 110.28 ? 343 HOH A O   1 
HETATM 1102 O  O   . HOH M 5 .   ? 0.057   12.972  -12.567 1.00 63.03  ? 344 HOH A O   1 
HETATM 1103 O  O   . HOH M 5 .   ? 13.363  10.017  3.754   1.00 39.03  ? 345 HOH A O   1 
HETATM 1104 O  O   . HOH M 5 .   ? 2.687   5.506   12.813  1.00 73.86  ? 346 HOH A O   1 
HETATM 1105 O  O   . HOH M 5 .   ? -12.020 9.174   -13.274 1.00 49.44  ? 347 HOH A O   1 
HETATM 1106 O  O   . HOH M 5 .   ? 13.838  9.808   -3.986  1.00 50.68  ? 348 HOH A O   1 
HETATM 1107 O  O   . HOH M 5 .   ? -8.808  3.701   -9.859  1.00 57.04  ? 349 HOH A O   1 
HETATM 1108 O  O   . HOH M 5 .   ? 13.534  7.236   -5.031  1.00 67.37  ? 350 HOH A O   1 
HETATM 1109 O  O   . HOH M 5 .   ? -13.194 -0.192  -8.672  1.00 64.63  ? 351 HOH A O   1 
HETATM 1110 O  O   . HOH M 5 .   ? -0.999  12.919  -8.436  1.00 50.53  ? 352 HOH A O   1 
HETATM 1111 O  O   . HOH M 5 .   ? 13.949  7.081   14.015  1.00 102.35 ? 353 HOH A O   1 
HETATM 1112 O  O   . HOH M 5 .   ? -14.536 -8.079  -10.842 1.00 93.94  ? 354 HOH A O   1 
HETATM 1113 O  O   . HOH M 5 .   ? -15.416 5.265   -11.379 1.00 77.56  ? 355 HOH A O   1 
HETATM 1114 O  O   . HOH M 5 .   ? 12.062  8.663   8.310   1.00 71.68  ? 356 HOH A O   1 
HETATM 1115 O  O   . HOH M 5 .   ? -6.495  2.917   10.139  1.00 80.15  ? 357 HOH A O   1 
HETATM 1116 O  O   . HOH M 5 .   ? -9.509  5.337   -7.713  1.00 49.08  ? 358 HOH A O   1 
HETATM 1117 O  O   . HOH M 5 .   ? -2.319  -2.040  9.605   1.00 74.58  ? 359 HOH A O   1 
HETATM 1118 O  O   . HOH M 5 .   ? -3.146  -10.323 -9.308  1.00 63.19  ? 360 HOH A O   1 
HETATM 1119 O  O   . HOH M 5 .   ? 13.484  0.037   3.146   1.00 56.29  ? 361 HOH A O   1 
HETATM 1120 O  O   . HOH M 5 .   ? 0.396   -0.349  -17.509 1.00 90.44  ? 362 HOH A O   1 
HETATM 1121 O  O   . HOH M 5 .   ? -12.753 2.070   6.271   1.00 71.43  ? 363 HOH A O   1 
HETATM 1122 O  O   . HOH M 5 .   ? 15.236  -2.952  -9.384  1.00 72.33  ? 364 HOH A O   1 
HETATM 1123 O  O   . HOH M 5 .   ? 9.376   8.976   -7.778  1.00 47.13  ? 365 HOH A O   1 
HETATM 1124 O  O   . HOH M 5 .   ? -8.699  8.612   2.181   1.00 87.54  ? 366 HOH A O   1 
HETATM 1125 O  O   . HOH M 5 .   ? 2.401   -1.769  -16.551 1.00 106.75 ? 367 HOH A O   1 
HETATM 1126 O  O   . HOH M 5 .   ? 2.575   1.953   16.794  1.00 95.85  ? 368 HOH A O   1 
HETATM 1127 O  O   . HOH M 5 .   ? -19.702 5.118   3.066   1.00 78.12  ? 369 HOH A O   1 
HETATM 1128 O  O   . HOH M 5 .   ? 3.148   14.672  -5.737  1.00 63.64  ? 370 HOH A O   1 
HETATM 1129 O  O   . HOH M 5 .   ? 7.947   13.758  -8.056  1.00 89.51  ? 371 HOH A O   1 
HETATM 1130 O  O   . HOH M 5 .   ? -8.071  4.743   6.456   1.00 55.10  ? 372 HOH A O   1 
HETATM 1131 O  O   . HOH M 5 .   ? -4.775  -9.273  -8.221  1.00 65.26  ? 373 HOH A O   1 
HETATM 1132 O  O   . HOH M 5 .   ? -1.976  -8.279  0.032   1.00 74.65  ? 374 HOH A O   1 
HETATM 1133 O  O   . HOH M 5 .   ? 8.777   -9.067  12.969  1.00 70.09  ? 375 HOH A O   1 
HETATM 1134 O  O   . HOH M 5 .   ? 14.971  -4.266  11.850  1.00 70.59  ? 376 HOH A O   1 
HETATM 1135 O  O   . HOH M 5 .   ? 15.445  -14.288 1.988   1.00 98.08  ? 377 HOH A O   1 
HETATM 1136 O  O   . HOH M 5 .   ? 15.940  3.848   -7.092  1.00 88.13  ? 378 HOH A O   1 
HETATM 1137 O  O   . HOH M 5 .   ? -10.235 17.199  -8.612  1.00 64.92  ? 379 HOH A O   1 
HETATM 1138 O  O   . HOH M 5 .   ? -4.935  2.117   11.744  1.00 63.75  ? 380 HOH A O   1 
HETATM 1139 O  O   . HOH M 5 .   ? -18.350 12.968  -0.216  1.00 63.83  ? 381 HOH A O   1 
HETATM 1140 O  O   . HOH M 5 .   ? -3.470  -8.763  -1.744  1.00 77.04  ? 382 HOH A O   1 
HETATM 1141 O  O   . HOH M 5 .   ? 10.179  -9.682  11.824  1.00 85.78  ? 383 HOH A O   1 
HETATM 1142 O  O   . HOH M 5 .   ? -2.423  -7.043  1.726   1.00 82.75  ? 384 HOH A O   1 
HETATM 1143 O  O   . HOH M 5 .   ? -6.262  -8.361  2.298   1.00 73.56  ? 385 HOH A O   1 
HETATM 1144 O  O   . HOH M 5 .   ? -1.005  -10.680 2.045   1.00 104.38 ? 386 HOH A O   1 
HETATM 1145 O  O   . HOH M 5 .   ? -16.653 -4.106  -10.185 1.00 65.18  ? 387 HOH A O   1 
HETATM 1146 O  O   . HOH M 5 .   ? -8.428  7.005   6.374   1.00 72.35  ? 388 HOH A O   1 
HETATM 1147 O  O   . HOH M 5 .   ? -8.374  6.198   8.995   1.00 107.30 ? 389 HOH A O   1 
# 
